data_9DAV
#
_entry.id   9DAV
#
_cell.length_a   1.00
_cell.length_b   1.00
_cell.length_c   1.00
_cell.angle_alpha   90.00
_cell.angle_beta   90.00
_cell.angle_gamma   90.00
#
_symmetry.space_group_name_H-M   'P 1'
#
loop_
_entity.id
_entity.type
_entity.pdbx_description
1 polymer 'Stimulator of interferon genes protein'
2 non-polymer '4-({[4-(2-tert-butyl-5,5-dimethyl-1,3-dioxan-2-yl)phenyl]methyl}amino)-3-methoxybenzoic acid'
3 non-polymer cGAMP
#
_entity_poly.entity_id   1
_entity_poly.type   'polypeptide(L)'
_entity_poly.pdbx_seq_one_letter_code
;MPHSSLHPSIPCPRGHGAQKAALVLLSACLVTLWGLGEPPEHTLRYLVLHLASLQLGLLLNGVCSLAEELRHIHSRYRGS
YWRTVRACLGCPLRRGALLLLSIYFYYSLPNAVGPPFTWMLALLGLSQALNILLGLKGLAPAEISAVCEKGNFNVAHGLA
WSYYIGYLRLILPELQARIRTYNQHYNNLLRGAVSQRLYILLPLDCGVPDNLSMADPNIRFLDKLPQQTGDRAGIKDRVY
SNSIYELLENGQRAGTCVLEYATPLQTLFAMSQYSQAGFSREDRLEQAKLFCRTLEDILADAPESQNNCRLIAYQEPADD
SSFSLSQEVLRHLRQEEKEEVTVGTSSGLEVLFQ
;
_entity_poly.pdbx_strand_id   A,B,C,D
#
loop_
_chem_comp.id
_chem_comp.type
_chem_comp.name
_chem_comp.formula
1SY non-polymer cGAMP 'C20 H24 N10 O13 P2'
Y6H non-polymer '4-({[4-(2-tert-butyl-5,5-dimethyl-1,3-dioxan-2-yl)phenyl]methyl}amino)-3-methoxybenzoic acid' 'C25 H33 N O5'
#
# COMPACT_ATOMS: atom_id res chain seq x y z
N SER A 4 20.44 -0.45 11.87
CA SER A 4 20.86 -1.60 11.10
C SER A 4 21.59 -2.61 11.97
N SER A 5 21.44 -3.89 11.64
CA SER A 5 22.09 -4.97 12.38
C SER A 5 22.79 -5.99 11.50
N LEU A 6 22.44 -6.09 10.22
CA LEU A 6 23.09 -7.07 9.35
C LEU A 6 24.57 -6.77 9.21
N HIS A 7 24.92 -5.53 8.84
CA HIS A 7 26.31 -5.15 8.64
C HIS A 7 26.38 -3.64 8.63
N PRO A 8 27.42 -3.03 9.22
CA PRO A 8 27.47 -1.57 9.25
C PRO A 8 27.42 -0.91 7.88
N SER A 9 27.93 -1.60 6.85
CA SER A 9 27.95 -1.03 5.51
C SER A 9 26.56 -0.88 4.90
N ILE A 10 25.55 -1.54 5.46
CA ILE A 10 24.21 -1.48 4.93
C ILE A 10 23.60 -0.13 5.25
N PRO A 11 23.24 0.69 4.27
CA PRO A 11 22.63 2.00 4.58
C PRO A 11 21.27 1.84 5.21
N CYS A 12 20.92 2.81 6.04
CA CYS A 12 19.59 2.89 6.62
C CYS A 12 18.67 3.70 5.71
N PRO A 13 17.36 3.53 5.84
CA PRO A 13 16.44 4.30 5.00
C PRO A 13 16.61 5.80 5.23
N ARG A 14 16.44 6.56 4.15
CA ARG A 14 16.61 8.00 4.23
C ARG A 14 15.51 8.64 5.06
N GLY A 15 15.88 9.70 5.78
CA GLY A 15 14.95 10.39 6.65
C GLY A 15 14.45 11.70 6.06
N HIS A 16 14.16 12.67 6.93
CA HIS A 16 13.63 13.96 6.53
C HIS A 16 14.65 15.08 6.74
N GLY A 17 15.94 14.78 6.59
CA GLY A 17 16.95 15.80 6.78
C GLY A 17 16.85 16.93 5.77
N ALA A 18 16.46 16.60 4.54
CA ALA A 18 16.32 17.63 3.51
C ALA A 18 15.25 18.64 3.89
N GLN A 19 14.14 18.17 4.46
CA GLN A 19 13.08 19.09 4.86
C GLN A 19 13.53 20.00 6.01
N LYS A 20 14.30 19.46 6.94
CA LYS A 20 14.83 20.29 8.03
C LYS A 20 15.80 21.34 7.50
N ALA A 21 16.67 20.95 6.56
CA ALA A 21 17.54 21.93 5.93
C ALA A 21 16.73 22.98 5.17
N ALA A 22 15.64 22.56 4.53
CA ALA A 22 14.77 23.50 3.83
C ALA A 22 14.14 24.49 4.81
N LEU A 23 13.71 24.01 5.97
CA LEU A 23 13.14 24.91 6.97
C LEU A 23 14.18 25.91 7.46
N VAL A 24 15.40 25.44 7.70
CA VAL A 24 16.47 26.35 8.10
C VAL A 24 16.72 27.39 7.02
N LEU A 25 16.76 26.96 5.76
CA LEU A 25 16.95 27.90 4.66
C LEU A 25 15.83 28.92 4.58
N LEU A 26 14.58 28.46 4.77
CA LEU A 26 13.44 29.36 4.76
C LEU A 26 13.56 30.41 5.86
N SER A 27 13.91 29.97 7.08
CA SER A 27 14.07 30.91 8.17
C SER A 27 15.18 31.92 7.87
N ALA A 28 16.30 31.44 7.35
CA ALA A 28 17.41 32.34 7.04
C ALA A 28 17.01 33.34 5.98
N CYS A 29 16.29 32.90 4.95
CA CYS A 29 15.88 33.81 3.87
C CYS A 29 14.88 34.83 4.37
N LEU A 30 13.93 34.42 5.21
CA LEU A 30 12.99 35.38 5.78
C LEU A 30 13.72 36.41 6.64
N VAL A 31 14.66 35.95 7.47
CA VAL A 31 15.44 36.88 8.28
C VAL A 31 16.22 37.84 7.41
N THR A 32 16.81 37.35 6.33
CA THR A 32 17.56 38.21 5.42
C THR A 32 16.66 39.26 4.79
N LEU A 33 15.53 38.84 4.22
CA LEU A 33 14.60 39.79 3.63
C LEU A 33 14.15 40.83 4.64
N TRP A 34 13.88 40.41 5.88
CA TRP A 34 13.53 41.36 6.92
C TRP A 34 14.65 42.35 7.17
N GLY A 35 15.89 41.86 7.24
CA GLY A 35 17.01 42.75 7.49
C GLY A 35 17.22 43.76 6.37
N LEU A 36 17.10 43.30 5.12
CA LEU A 36 17.29 44.19 3.98
C LEU A 36 16.29 45.35 4.00
N GLY A 37 15.18 45.19 4.69
CA GLY A 37 14.19 46.25 4.76
C GLY A 37 13.62 46.60 3.40
N GLU A 38 12.91 45.66 2.79
CA GLU A 38 12.33 45.82 1.47
C GLU A 38 10.81 45.74 1.55
N PRO A 39 10.10 46.44 0.68
CA PRO A 39 8.63 46.35 0.70
C PRO A 39 8.16 44.91 0.69
N PRO A 40 7.54 44.45 1.78
CA PRO A 40 7.16 43.03 1.85
C PRO A 40 6.19 42.59 0.77
N GLU A 41 5.39 43.51 0.21
CA GLU A 41 4.50 43.13 -0.87
C GLU A 41 5.28 42.70 -2.11
N HIS A 42 6.44 43.32 -2.33
CA HIS A 42 7.28 42.94 -3.46
C HIS A 42 7.79 41.51 -3.30
N THR A 43 8.14 41.12 -2.07
CA THR A 43 8.60 39.76 -1.83
C THR A 43 7.56 38.74 -2.28
N LEU A 44 6.31 38.91 -1.83
CA LEU A 44 5.24 38.01 -2.22
C LEU A 44 4.99 38.06 -3.72
N ARG A 45 4.97 39.26 -4.29
CA ARG A 45 4.77 39.40 -5.72
C ARG A 45 5.79 38.57 -6.50
N TYR A 46 7.07 38.75 -6.19
CA TYR A 46 8.12 38.09 -6.96
C TYR A 46 8.18 36.59 -6.67
N LEU A 47 7.86 36.18 -5.45
CA LEU A 47 7.78 34.75 -5.15
C LEU A 47 6.67 34.09 -5.97
N VAL A 48 5.51 34.74 -6.04
CA VAL A 48 4.42 34.19 -6.82
C VAL A 48 4.78 34.17 -8.30
N LEU A 49 5.48 35.20 -8.78
CA LEU A 49 5.93 35.19 -10.17
C LEU A 49 6.90 34.05 -10.44
N HIS A 50 7.82 33.78 -9.51
CA HIS A 50 8.76 32.68 -9.68
C HIS A 50 8.03 31.35 -9.71
N LEU A 51 7.06 31.16 -8.82
CA LEU A 51 6.31 29.90 -8.81
C LEU A 51 5.48 29.76 -10.09
N ALA A 52 4.94 30.87 -10.60
CA ALA A 52 4.22 30.83 -11.87
C ALA A 52 5.15 30.44 -13.01
N SER A 53 6.37 30.98 -13.02
CA SER A 53 7.35 30.59 -14.03
C SER A 53 7.65 29.10 -13.94
N LEU A 54 7.80 28.59 -12.72
CA LEU A 54 8.03 27.15 -12.54
C LEU A 54 6.87 26.34 -13.10
N GLN A 55 5.63 26.76 -12.82
CA GLN A 55 4.47 26.04 -13.33
C GLN A 55 4.44 26.06 -14.85
N LEU A 56 4.73 27.21 -15.47
CA LEU A 56 4.73 27.28 -16.92
C LEU A 56 5.83 26.41 -17.52
N GLY A 57 7.00 26.39 -16.88
CA GLY A 57 8.06 25.51 -17.34
C GLY A 57 7.67 24.05 -17.25
N LEU A 58 7.00 23.68 -16.15
CA LEU A 58 6.50 22.31 -16.03
C LEU A 58 5.51 21.99 -17.12
N LEU A 59 4.61 22.93 -17.44
CA LEU A 59 3.66 22.73 -18.52
C LEU A 59 4.37 22.50 -19.85
N LEU A 60 5.38 23.31 -20.15
CA LEU A 60 6.08 23.20 -21.42
C LEU A 60 6.84 21.88 -21.51
N ASN A 61 7.57 21.52 -20.46
CA ASN A 61 8.26 20.23 -20.44
C ASN A 61 7.28 19.08 -20.52
N GLY A 62 6.10 19.23 -19.92
CA GLY A 62 5.12 18.18 -19.97
C GLY A 62 4.56 17.96 -21.37
N VAL A 63 4.29 19.04 -22.09
CA VAL A 63 3.83 18.88 -23.47
C VAL A 63 4.95 18.31 -24.33
N CYS A 64 6.19 18.71 -24.07
CA CYS A 64 7.32 18.14 -24.82
C CYS A 64 7.42 16.64 -24.59
N SER A 65 7.25 16.19 -23.35
CA SER A 65 7.30 14.77 -23.06
C SER A 65 6.06 14.05 -23.57
N LEU A 66 4.92 14.74 -23.63
CA LEU A 66 3.71 14.16 -24.19
C LEU A 66 3.89 13.88 -25.68
N ALA A 67 4.60 14.77 -26.38
CA ALA A 67 4.88 14.54 -27.78
C ALA A 67 5.46 13.15 -28.02
N GLU A 68 6.24 12.65 -27.07
CA GLU A 68 6.83 11.31 -27.14
C GLU A 68 5.92 10.24 -26.54
N GLU A 69 5.29 10.52 -25.40
CA GLU A 69 4.49 9.50 -24.73
C GLU A 69 3.22 9.15 -25.50
N LEU A 70 2.77 10.04 -26.39
CA LEU A 70 1.61 9.72 -27.20
C LEU A 70 1.89 8.60 -28.19
N ARG A 71 3.15 8.36 -28.52
CA ARG A 71 3.49 7.21 -29.36
C ARG A 71 3.35 5.89 -28.63
N HIS A 72 3.29 5.92 -27.30
CA HIS A 72 3.16 4.72 -26.47
C HIS A 72 1.78 4.64 -25.83
N ILE A 73 0.80 5.34 -26.38
CA ILE A 73 -0.51 5.45 -25.74
C ILE A 73 -1.21 4.09 -25.72
N HIS A 74 -1.11 3.34 -26.81
CA HIS A 74 -1.84 2.08 -26.94
C HIS A 74 -1.18 0.92 -26.21
N SER A 75 0.08 1.06 -25.82
CA SER A 75 0.82 0.01 -25.12
C SER A 75 1.03 0.32 -23.64
N ARG A 76 1.31 1.58 -23.31
CA ARG A 76 1.54 1.95 -21.92
C ARG A 76 0.29 2.43 -21.22
N TYR A 77 -0.57 3.20 -21.92
CA TYR A 77 -1.66 3.91 -21.28
C TYR A 77 -3.03 3.47 -21.81
N ARG A 78 -3.16 2.23 -22.26
CA ARG A 78 -4.45 1.64 -22.63
C ARG A 78 -5.16 2.48 -23.69
N GLY A 79 -4.39 3.04 -24.62
CA GLY A 79 -4.98 3.81 -25.70
C GLY A 79 -5.77 5.01 -25.23
N SER A 80 -5.52 5.50 -24.02
CA SER A 80 -6.25 6.62 -23.44
C SER A 80 -5.36 7.86 -23.45
N TYR A 81 -5.89 8.96 -23.97
CA TYR A 81 -5.16 10.22 -23.96
C TYR A 81 -5.17 10.87 -22.58
N TRP A 82 -6.24 10.68 -21.81
CA TRP A 82 -6.30 11.25 -20.47
C TRP A 82 -5.19 10.67 -19.59
N ARG A 83 -4.98 9.35 -19.65
CA ARG A 83 -3.93 8.73 -18.86
C ARG A 83 -2.56 9.25 -19.27
N THR A 84 -2.32 9.41 -20.58
CA THR A 84 -1.05 9.94 -21.05
C THR A 84 -0.82 11.35 -20.53
N VAL A 85 -1.84 12.21 -20.67
CA VAL A 85 -1.71 13.58 -20.19
C VAL A 85 -1.46 13.60 -18.69
N ARG A 86 -2.11 12.71 -17.95
CA ARG A 86 -1.89 12.64 -16.51
C ARG A 86 -0.46 12.22 -16.21
N ALA A 87 0.07 11.26 -16.97
CA ALA A 87 1.44 10.82 -16.77
C ALA A 87 2.44 11.90 -17.12
N CYS A 88 2.09 12.80 -18.04
CA CYS A 88 3.03 13.84 -18.46
C CYS A 88 2.88 15.15 -17.70
N LEU A 89 1.75 15.37 -17.02
CA LEU A 89 1.49 16.64 -16.34
C LEU A 89 0.86 16.46 -14.97
N GLY A 90 1.00 15.29 -14.36
CA GLY A 90 0.36 15.07 -13.09
C GLY A 90 -1.15 15.14 -13.23
N CYS A 91 -1.82 15.53 -12.16
CA CYS A 91 -3.27 15.64 -12.19
C CYS A 91 -3.65 16.84 -13.05
N PRO A 92 -4.38 16.66 -14.15
CA PRO A 92 -4.68 17.82 -15.01
C PRO A 92 -5.47 18.91 -14.32
N LEU A 93 -6.33 18.57 -13.36
CA LEU A 93 -7.14 19.58 -12.69
C LEU A 93 -6.26 20.54 -11.88
N ARG A 94 -5.38 20.00 -11.05
CA ARG A 94 -4.50 20.85 -10.25
C ARG A 94 -3.57 21.66 -11.13
N ARG A 95 -3.01 21.04 -12.17
CA ARG A 95 -2.11 21.75 -13.06
C ARG A 95 -2.83 22.89 -13.78
N GLY A 96 -4.06 22.64 -14.23
CA GLY A 96 -4.83 23.69 -14.87
C GLY A 96 -5.17 24.82 -13.91
N ALA A 97 -5.53 24.47 -12.67
CA ALA A 97 -5.84 25.49 -11.68
C ALA A 97 -4.63 26.38 -11.43
N LEU A 98 -3.46 25.78 -11.24
CA LEU A 98 -2.26 26.57 -10.99
C LEU A 98 -1.84 27.36 -12.22
N LEU A 99 -2.07 26.82 -13.41
CA LEU A 99 -1.79 27.57 -14.64
C LEU A 99 -2.68 28.80 -14.73
N LEU A 100 -3.97 28.65 -14.44
CA LEU A 100 -4.87 29.80 -14.46
C LEU A 100 -4.48 30.82 -13.40
N LEU A 101 -4.09 30.35 -12.21
CA LEU A 101 -3.60 31.28 -11.20
C LEU A 101 -2.37 32.03 -11.67
N SER A 102 -1.42 31.33 -12.29
CA SER A 102 -0.24 31.98 -12.83
C SER A 102 -0.62 33.05 -13.84
N ILE A 103 -1.49 32.71 -14.80
CA ILE A 103 -1.89 33.67 -15.82
C ILE A 103 -2.55 34.88 -15.19
N TYR A 104 -3.48 34.65 -14.26
CA TYR A 104 -4.19 35.74 -13.61
C TYR A 104 -3.28 36.63 -12.81
N PHE A 105 -2.30 36.08 -12.09
CA PHE A 105 -1.44 36.86 -11.21
C PHE A 105 -0.16 37.33 -11.88
N TYR A 106 0.03 37.04 -13.17
CA TYR A 106 1.13 37.62 -13.94
C TYR A 106 0.64 38.80 -14.78
N TYR A 107 -0.37 38.58 -15.62
CA TYR A 107 -0.95 39.66 -16.40
C TYR A 107 -1.43 40.81 -15.52
N SER A 108 -1.75 40.53 -14.26
CA SER A 108 -2.42 41.48 -13.39
C SER A 108 -1.47 42.15 -12.40
N LEU A 109 -0.48 41.44 -11.89
CA LEU A 109 0.46 42.05 -10.96
C LEU A 109 1.52 42.84 -11.73
N PRO A 110 1.91 44.03 -11.26
CA PRO A 110 2.96 44.81 -11.94
C PRO A 110 4.25 44.02 -12.11
N PRO A 116 5.16 41.83 -20.14
CA PRO A 116 4.34 41.08 -21.09
C PRO A 116 4.25 39.60 -20.74
N PHE A 117 3.06 39.02 -20.84
CA PHE A 117 2.92 37.59 -20.56
C PHE A 117 3.43 36.76 -21.72
N THR A 118 3.23 37.22 -22.96
CA THR A 118 3.67 36.44 -24.11
C THR A 118 5.19 36.41 -24.21
N TRP A 119 5.86 37.53 -23.93
CA TRP A 119 7.32 37.54 -23.94
C TRP A 119 7.87 36.61 -22.87
N MET A 120 7.31 36.66 -21.65
CA MET A 120 7.74 35.76 -20.61
C MET A 120 7.51 34.31 -20.99
N LEU A 121 6.37 34.02 -21.61
CA LEU A 121 6.10 32.65 -22.05
C LEU A 121 7.12 32.20 -23.09
N ALA A 122 7.44 33.08 -24.04
CA ALA A 122 8.44 32.72 -25.05
C ALA A 122 9.80 32.48 -24.42
N LEU A 123 10.18 33.31 -23.44
CA LEU A 123 11.47 33.13 -22.77
C LEU A 123 11.51 31.83 -22.00
N LEU A 124 10.44 31.51 -21.28
CA LEU A 124 10.40 30.25 -20.54
C LEU A 124 10.45 29.06 -21.48
N GLY A 125 9.73 29.14 -22.60
CA GLY A 125 9.80 28.06 -23.58
C GLY A 125 11.18 27.91 -24.18
N LEU A 126 11.85 29.03 -24.43
CA LEU A 126 13.22 28.97 -24.93
C LEU A 126 14.13 28.30 -23.93
N SER A 127 14.00 28.66 -22.65
CA SER A 127 14.82 28.04 -21.61
C SER A 127 14.55 26.54 -21.50
N GLN A 128 13.27 26.15 -21.55
CA GLN A 128 12.93 24.75 -21.46
C GLN A 128 13.46 23.96 -22.65
N ALA A 129 13.34 24.52 -23.86
CA ALA A 129 13.88 23.86 -25.03
C ALA A 129 15.39 23.74 -24.94
N LEU A 130 16.06 24.77 -24.44
CA LEU A 130 17.50 24.69 -24.27
C LEU A 130 17.88 23.60 -23.28
N ASN A 131 17.14 23.48 -22.18
CA ASN A 131 17.44 22.46 -21.20
C ASN A 131 17.19 21.06 -21.76
N ILE A 132 16.10 20.89 -22.52
CA ILE A 132 15.77 19.56 -23.04
C ILE A 132 16.76 19.15 -24.12
N LEU A 133 17.03 20.04 -25.08
CA LEU A 133 17.92 19.69 -26.18
C LEU A 133 19.32 19.38 -25.69
N LEU A 134 19.83 20.17 -24.75
CA LEU A 134 21.18 19.98 -24.23
C LEU A 134 21.23 18.95 -23.11
N GLY A 135 20.10 18.37 -22.72
CA GLY A 135 20.09 17.36 -21.67
C GLY A 135 20.52 17.87 -20.33
N LEU A 136 20.01 19.04 -19.93
CA LEU A 136 20.34 19.66 -18.65
C LEU A 136 19.38 19.27 -17.53
N LYS A 137 18.36 18.48 -17.83
CA LYS A 137 17.37 18.08 -16.84
C LYS A 137 17.76 16.81 -16.09
N GLY A 138 18.97 16.30 -16.30
CA GLY A 138 19.41 15.10 -15.63
C GLY A 138 19.36 15.22 -14.12
N LEU A 139 18.71 14.25 -13.47
CA LEU A 139 18.62 14.26 -12.01
C LEU A 139 19.96 13.93 -11.39
N ALA A 140 20.22 14.52 -10.22
CA ALA A 140 21.44 14.23 -9.50
C ALA A 140 21.41 12.78 -8.99
N PRO A 141 22.58 12.17 -8.80
CA PRO A 141 22.59 10.77 -8.33
C PRO A 141 21.83 10.57 -7.04
N ALA A 142 21.93 11.51 -6.09
CA ALA A 142 21.22 11.36 -4.83
C ALA A 142 19.71 11.42 -5.04
N GLU A 143 19.25 12.34 -5.89
CA GLU A 143 17.82 12.42 -6.19
C GLU A 143 17.33 11.13 -6.86
N ILE A 144 18.11 10.61 -7.80
CA ILE A 144 17.73 9.37 -8.48
C ILE A 144 17.64 8.23 -7.47
N SER A 145 18.63 8.11 -6.59
CA SER A 145 18.63 7.03 -5.61
C SER A 145 17.45 7.16 -4.66
N ALA A 146 17.14 8.40 -4.23
CA ALA A 146 16.00 8.60 -3.35
C ALA A 146 14.69 8.23 -4.04
N VAL A 147 14.54 8.63 -5.31
CA VAL A 147 13.34 8.28 -6.06
C VAL A 147 13.22 6.78 -6.23
N CYS A 148 14.35 6.10 -6.42
CA CYS A 148 14.32 4.65 -6.63
C CYS A 148 13.96 3.92 -5.34
N GLU A 149 14.58 4.30 -4.23
CA GLU A 149 14.28 3.63 -2.97
C GLU A 149 12.86 3.94 -2.50
N LYS A 150 12.40 5.18 -2.72
CA LYS A 150 11.05 5.54 -2.31
C LYS A 150 10.02 4.68 -3.03
N GLY A 151 10.10 4.62 -4.35
CA GLY A 151 9.19 3.83 -5.16
C GLY A 151 9.64 2.42 -5.44
N ASN A 152 10.75 1.99 -4.84
CA ASN A 152 11.27 0.64 -5.03
C ASN A 152 11.55 0.35 -6.49
N PHE A 153 12.16 1.32 -7.18
CA PHE A 153 12.63 1.13 -8.55
C PHE A 153 14.06 0.60 -8.49
N ASN A 154 14.17 -0.70 -8.18
CA ASN A 154 15.47 -1.31 -7.98
C ASN A 154 15.38 -2.80 -8.31
N VAL A 155 16.46 -3.33 -8.88
CA VAL A 155 16.52 -4.76 -9.17
C VAL A 155 16.59 -5.56 -7.88
N ALA A 156 17.27 -5.04 -6.87
CA ALA A 156 17.48 -5.78 -5.63
C ALA A 156 16.16 -6.07 -4.94
N HIS A 157 15.22 -5.12 -4.99
CA HIS A 157 13.90 -5.35 -4.41
C HIS A 157 13.23 -6.57 -5.03
N GLY A 158 13.21 -6.62 -6.36
CA GLY A 158 12.60 -7.76 -7.03
C GLY A 158 13.33 -9.06 -6.77
N LEU A 159 14.67 -9.00 -6.71
CA LEU A 159 15.44 -10.21 -6.42
C LEU A 159 15.15 -10.74 -5.03
N ALA A 160 15.07 -9.85 -4.03
CA ALA A 160 14.77 -10.27 -2.68
C ALA A 160 13.37 -10.85 -2.57
N TRP A 161 12.40 -10.21 -3.22
CA TRP A 161 11.05 -10.73 -3.19
C TRP A 161 10.93 -12.05 -3.94
N SER A 162 11.75 -12.25 -4.99
CA SER A 162 11.76 -13.53 -5.68
C SER A 162 12.40 -14.61 -4.80
N TYR A 163 13.45 -14.26 -4.08
CA TYR A 163 14.10 -15.22 -3.18
C TYR A 163 13.14 -15.65 -2.08
N TYR A 164 12.39 -14.70 -1.51
CA TYR A 164 11.45 -15.06 -0.46
C TYR A 164 10.26 -15.82 -1.02
N ILE A 165 9.66 -15.32 -2.10
CA ILE A 165 8.44 -15.90 -2.63
C ILE A 165 8.71 -17.25 -3.28
N GLY A 166 9.83 -17.36 -3.99
CA GLY A 166 10.10 -18.54 -4.79
C GLY A 166 10.83 -19.65 -4.07
N TYR A 167 11.69 -19.30 -3.12
CA TYR A 167 12.53 -20.28 -2.44
C TYR A 167 12.22 -20.39 -0.95
N LEU A 168 12.33 -19.29 -0.20
CA LEU A 168 12.24 -19.39 1.26
C LEU A 168 10.82 -19.70 1.71
N ARG A 169 9.83 -19.03 1.13
CA ARG A 169 8.44 -19.26 1.53
C ARG A 169 8.01 -20.69 1.32
N LEU A 170 8.69 -21.43 0.44
CA LEU A 170 8.36 -22.82 0.15
C LEU A 170 9.34 -23.82 0.72
N ILE A 171 10.34 -23.36 1.48
CA ILE A 171 11.38 -24.22 2.04
C ILE A 171 11.40 -24.14 3.56
N LEU A 172 11.38 -22.92 4.11
CA LEU A 172 11.49 -22.78 5.55
C LEU A 172 10.38 -23.48 6.31
N PRO A 173 9.11 -23.43 5.89
CA PRO A 173 8.07 -24.14 6.65
C PRO A 173 8.34 -25.63 6.79
N GLU A 174 8.91 -26.25 5.78
CA GLU A 174 9.19 -27.69 5.78
C GLU A 174 10.67 -27.98 6.00
N LEU A 175 11.37 -27.08 6.70
CA LEU A 175 12.80 -27.26 6.95
C LEU A 175 13.05 -28.08 8.21
N GLN A 176 12.30 -27.83 9.28
CA GLN A 176 12.49 -28.59 10.51
C GLN A 176 12.16 -30.06 10.31
N ALA A 177 11.13 -30.37 9.53
CA ALA A 177 10.75 -31.75 9.29
C ALA A 177 11.88 -32.52 8.62
N ARG A 178 12.46 -31.94 7.56
CA ARG A 178 13.55 -32.61 6.85
C ARG A 178 14.77 -32.78 7.74
N ILE A 179 15.07 -31.76 8.56
CA ILE A 179 16.21 -31.84 9.46
C ILE A 179 16.01 -32.96 10.47
N ARG A 180 14.81 -33.05 11.05
CA ARG A 180 14.52 -34.11 12.00
C ARG A 180 14.59 -35.48 11.34
N THR A 181 14.08 -35.59 10.10
CA THR A 181 14.18 -36.85 9.38
C THR A 181 15.63 -37.25 9.16
N TYR A 182 16.48 -36.30 8.76
CA TYR A 182 17.90 -36.60 8.57
C TYR A 182 18.55 -37.01 9.87
N ASN A 183 18.22 -36.33 10.98
CA ASN A 183 18.79 -36.69 12.27
C ASN A 183 18.38 -38.09 12.68
N GLN A 184 17.11 -38.46 12.44
CA GLN A 184 16.65 -39.79 12.76
C GLN A 184 17.34 -40.85 11.90
N HIS A 185 17.43 -40.61 10.59
CA HIS A 185 18.04 -41.56 9.67
C HIS A 185 19.55 -41.40 9.55
N TYR A 186 20.19 -40.73 10.50
CA TYR A 186 21.63 -40.52 10.45
C TYR A 186 22.14 -40.08 11.82
N GLY A 192 24.49 -35.41 11.63
CA GLY A 192 24.76 -35.27 13.04
C GLY A 192 23.87 -34.22 13.70
N ALA A 193 24.46 -33.44 14.61
CA ALA A 193 23.72 -32.40 15.33
C ALA A 193 23.71 -31.13 14.48
N VAL A 194 23.02 -31.22 13.35
CA VAL A 194 22.90 -30.08 12.45
C VAL A 194 22.06 -29.01 13.13
N SER A 195 22.52 -27.75 13.03
CA SER A 195 21.76 -26.65 13.58
C SER A 195 20.38 -26.59 12.93
N GLN A 196 19.36 -26.28 13.73
CA GLN A 196 17.97 -26.37 13.28
C GLN A 196 17.55 -25.05 12.60
N ARG A 197 18.33 -24.65 11.61
CA ARG A 197 18.08 -23.40 10.91
C ARG A 197 18.83 -23.42 9.58
N LEU A 198 18.41 -22.54 8.67
CA LEU A 198 19.06 -22.34 7.40
C LEU A 198 19.85 -21.05 7.44
N TYR A 199 21.15 -21.12 7.15
CA TYR A 199 22.04 -19.98 7.21
C TYR A 199 22.39 -19.53 5.79
N ILE A 200 22.05 -18.28 5.47
CA ILE A 200 22.22 -17.74 4.14
C ILE A 200 23.38 -16.75 4.17
N LEU A 201 24.37 -16.98 3.31
CA LEU A 201 25.51 -16.09 3.19
C LEU A 201 25.18 -14.97 2.21
N LEU A 202 25.59 -13.75 2.55
CA LEU A 202 25.30 -12.56 1.76
C LEU A 202 26.60 -11.80 1.51
N PRO A 203 27.47 -12.33 0.65
CA PRO A 203 28.67 -11.58 0.28
C PRO A 203 28.34 -10.30 -0.47
N LEU A 204 28.61 -9.15 0.15
CA LEU A 204 28.29 -7.87 -0.47
C LEU A 204 29.12 -7.63 -1.72
N ASP A 205 30.26 -8.30 -1.87
CA ASP A 205 31.00 -8.27 -3.13
C ASP A 205 30.36 -9.15 -4.20
N CYS A 206 29.35 -9.94 -3.84
CA CYS A 206 28.66 -10.83 -4.76
C CYS A 206 29.60 -11.89 -5.36
N GLY A 207 30.68 -12.19 -4.66
CA GLY A 207 31.58 -13.27 -5.04
C GLY A 207 31.07 -14.62 -4.57
N VAL A 208 30.07 -15.15 -5.26
CA VAL A 208 29.41 -16.39 -4.85
C VAL A 208 29.98 -17.57 -5.63
N PRO A 209 30.92 -18.34 -5.06
CA PRO A 209 31.38 -19.56 -5.74
C PRO A 209 30.35 -20.66 -5.63
N ASP A 210 30.36 -21.55 -6.63
CA ASP A 210 29.48 -22.71 -6.60
C ASP A 210 29.88 -23.75 -5.58
N ASN A 211 31.06 -23.62 -4.98
CA ASN A 211 31.54 -24.58 -3.98
C ASN A 211 32.00 -23.80 -2.75
N LEU A 212 31.40 -24.12 -1.60
CA LEU A 212 31.78 -23.48 -0.35
C LEU A 212 33.16 -23.90 0.12
N SER A 213 33.68 -25.04 -0.37
CA SER A 213 35.00 -25.49 0.02
C SER A 213 36.11 -24.70 -0.65
N MET A 214 35.84 -24.10 -1.80
CA MET A 214 36.84 -23.27 -2.47
C MET A 214 37.00 -21.91 -1.82
N ALA A 215 36.03 -21.47 -1.01
CA ALA A 215 36.16 -20.23 -0.27
C ALA A 215 36.99 -20.45 0.99
N ASP A 216 36.52 -21.33 1.88
CA ASP A 216 37.23 -21.69 3.08
C ASP A 216 37.41 -23.21 3.13
N PRO A 217 38.65 -23.72 3.17
CA PRO A 217 38.81 -25.18 3.27
C PRO A 217 38.15 -25.78 4.49
N ASN A 218 38.06 -25.02 5.58
CA ASN A 218 37.43 -25.52 6.80
C ASN A 218 35.97 -25.91 6.55
N ILE A 219 35.29 -25.17 5.68
CA ILE A 219 33.93 -25.51 5.29
C ILE A 219 33.98 -26.69 4.33
N ARG A 220 33.58 -27.86 4.81
CA ARG A 220 33.61 -29.08 4.01
C ARG A 220 32.20 -29.61 3.81
N PHE A 221 32.05 -30.46 2.81
CA PHE A 221 30.74 -30.92 2.38
C PHE A 221 30.35 -32.20 3.11
N LEU A 222 29.28 -32.12 3.90
CA LEU A 222 28.68 -33.29 4.52
C LEU A 222 27.58 -33.82 3.62
N ASP A 223 26.71 -34.69 4.15
CA ASP A 223 25.65 -35.26 3.33
C ASP A 223 24.61 -34.19 3.03
N LYS A 224 23.50 -34.57 2.40
CA LYS A 224 22.49 -33.60 2.00
C LYS A 224 21.13 -34.01 2.56
N LEU A 225 20.27 -33.02 2.74
CA LEU A 225 18.93 -33.27 3.23
C LEU A 225 18.07 -33.94 2.15
N PRO A 226 17.01 -34.63 2.54
CA PRO A 226 16.12 -35.24 1.54
C PRO A 226 15.49 -34.19 0.64
N GLN A 227 15.35 -34.54 -0.64
CA GLN A 227 14.82 -33.60 -1.62
C GLN A 227 13.39 -33.21 -1.27
N GLN A 228 13.06 -31.95 -1.55
CA GLN A 228 11.70 -31.44 -1.43
C GLN A 228 11.13 -31.23 -2.83
N THR A 229 9.95 -31.77 -3.08
CA THR A 229 9.34 -31.77 -4.40
C THR A 229 8.01 -31.04 -4.38
N GLY A 230 7.78 -30.26 -5.43
CA GLY A 230 6.51 -29.56 -5.58
C GLY A 230 6.34 -29.12 -7.02
N ASP A 231 5.07 -28.99 -7.41
CA ASP A 231 4.73 -28.54 -8.75
C ASP A 231 4.78 -27.01 -8.80
N ARG A 232 5.65 -26.48 -9.64
CA ARG A 232 5.90 -25.05 -9.71
C ARG A 232 5.95 -24.60 -11.16
N ALA A 233 5.14 -23.60 -11.51
CA ALA A 233 5.17 -22.96 -12.82
C ALA A 233 5.15 -23.99 -13.94
N GLY A 234 4.22 -24.94 -13.83
CA GLY A 234 4.05 -25.95 -14.84
C GLY A 234 5.17 -26.96 -14.93
N ILE A 235 5.97 -27.11 -13.88
CA ILE A 235 7.03 -28.10 -13.82
C ILE A 235 6.67 -29.10 -12.74
N LYS A 236 6.46 -30.35 -13.13
CA LYS A 236 6.00 -31.37 -12.20
C LYS A 236 7.15 -31.81 -11.30
N ASP A 237 6.92 -31.81 -10.00
CA ASP A 237 7.90 -32.26 -9.02
C ASP A 237 9.22 -31.49 -9.16
N ARG A 238 9.14 -30.18 -9.01
CA ARG A 238 10.35 -29.37 -8.98
C ARG A 238 11.12 -29.64 -7.70
N VAL A 239 12.43 -29.82 -7.83
CA VAL A 239 13.27 -30.33 -6.75
C VAL A 239 13.95 -29.17 -6.04
N TYR A 240 13.96 -29.21 -4.72
CA TYR A 240 14.71 -28.29 -3.88
C TYR A 240 15.62 -29.11 -2.99
N SER A 241 16.93 -28.86 -3.10
CA SER A 241 17.94 -29.63 -2.37
C SER A 241 18.75 -28.69 -1.49
N ASN A 242 18.86 -29.02 -0.21
CA ASN A 242 19.67 -28.28 0.74
C ASN A 242 20.82 -29.15 1.23
N SER A 243 22.03 -28.62 1.15
CA SER A 243 23.23 -29.35 1.50
C SER A 243 23.64 -29.05 2.93
N ILE A 244 24.25 -30.03 3.57
CA ILE A 244 24.75 -29.90 4.94
C ILE A 244 26.27 -29.88 4.88
N TYR A 245 26.88 -28.94 5.61
CA TYR A 245 28.31 -28.72 5.59
C TYR A 245 28.88 -28.84 6.99
N GLU A 246 30.11 -29.33 7.08
CA GLU A 246 30.82 -29.46 8.34
C GLU A 246 31.76 -28.28 8.52
N LEU A 247 31.73 -27.68 9.71
CA LEU A 247 32.57 -26.53 10.03
C LEU A 247 33.78 -27.04 10.82
N LEU A 248 34.96 -26.88 10.23
CA LEU A 248 36.20 -27.36 10.85
C LEU A 248 36.88 -26.20 11.57
N GLU A 249 37.27 -26.44 12.81
CA GLU A 249 38.06 -25.50 13.59
C GLU A 249 39.37 -26.19 13.99
N ASN A 250 40.49 -25.54 13.70
CA ASN A 250 41.82 -26.10 13.94
C ASN A 250 41.88 -27.57 13.51
N GLY A 251 41.26 -27.89 12.38
CA GLY A 251 41.25 -29.24 11.85
C GLY A 251 40.20 -30.15 12.46
N GLN A 252 39.50 -29.70 13.50
CA GLN A 252 38.48 -30.51 14.17
C GLN A 252 37.10 -29.89 13.95
N ARG A 253 36.10 -30.76 13.82
CA ARG A 253 34.74 -30.31 13.59
C ARG A 253 34.24 -29.50 14.80
N ALA A 254 33.52 -28.42 14.51
CA ALA A 254 32.98 -27.56 15.55
C ALA A 254 31.47 -27.46 15.53
N GLY A 255 30.86 -27.40 14.36
CA GLY A 255 29.42 -27.30 14.27
C GLY A 255 28.93 -27.71 12.89
N THR A 256 27.65 -28.06 12.84
CA THR A 256 27.00 -28.46 11.60
C THR A 256 25.78 -27.58 11.37
N CYS A 257 25.54 -27.22 10.11
CA CYS A 257 24.43 -26.35 9.76
C CYS A 257 24.14 -26.50 8.28
N VAL A 258 22.92 -26.13 7.90
CA VAL A 258 22.52 -26.10 6.50
C VAL A 258 22.95 -24.73 5.96
N LEU A 259 23.95 -24.74 5.09
CA LEU A 259 24.59 -23.52 4.60
C LEU A 259 24.41 -23.39 3.10
N GLU A 260 24.33 -22.15 2.64
CA GLU A 260 24.16 -21.87 1.21
C GLU A 260 24.33 -20.38 0.98
N TYR A 261 24.91 -20.04 -0.16
CA TYR A 261 24.98 -18.65 -0.58
C TYR A 261 23.62 -18.18 -1.09
N ALA A 262 23.44 -16.87 -1.09
CA ALA A 262 22.27 -16.26 -1.72
C ALA A 262 22.51 -16.16 -3.22
N THR A 263 21.71 -16.87 -4.00
CA THR A 263 21.94 -17.01 -5.42
C THR A 263 21.76 -15.70 -6.18
N PRO A 264 20.76 -14.87 -5.84
CA PRO A 264 20.59 -13.61 -6.57
C PRO A 264 21.85 -12.75 -6.61
N LEU A 265 22.78 -12.95 -5.67
CA LEU A 265 24.04 -12.24 -5.75
C LEU A 265 24.84 -12.67 -6.97
N GLN A 266 24.71 -13.93 -7.39
CA GLN A 266 25.34 -14.35 -8.63
C GLN A 266 24.78 -13.59 -9.83
N THR A 267 23.46 -13.38 -9.85
CA THR A 267 22.86 -12.57 -10.91
C THR A 267 23.37 -11.14 -10.86
N LEU A 268 23.45 -10.57 -9.65
CA LEU A 268 23.97 -9.21 -9.52
C LEU A 268 25.40 -9.11 -10.05
N PHE A 269 26.23 -10.10 -9.74
CA PHE A 269 27.61 -10.09 -10.21
C PHE A 269 27.67 -10.22 -11.72
N ALA A 270 26.94 -11.19 -12.28
CA ALA A 270 27.00 -11.42 -13.72
C ALA A 270 26.48 -10.21 -14.49
N MET A 271 25.40 -9.58 -14.00
CA MET A 271 24.88 -8.40 -14.66
C MET A 271 25.93 -7.31 -14.79
N SER A 272 26.88 -7.26 -13.86
CA SER A 272 27.99 -6.33 -13.96
C SER A 272 29.04 -6.77 -14.96
N GLN A 273 28.95 -8.00 -15.47
CA GLN A 273 29.88 -8.51 -16.46
C GLN A 273 29.35 -8.41 -17.88
N TYR A 274 28.03 -8.35 -18.06
CA TYR A 274 27.41 -8.20 -19.36
C TYR A 274 27.12 -6.73 -19.61
N SER A 275 27.66 -6.20 -20.72
CA SER A 275 27.39 -4.82 -21.08
C SER A 275 25.93 -4.61 -21.44
N GLN A 276 25.27 -5.65 -21.94
CA GLN A 276 23.86 -5.55 -22.30
C GLN A 276 22.97 -5.26 -21.09
N ALA A 277 23.47 -5.50 -19.87
CA ALA A 277 22.67 -5.26 -18.68
C ALA A 277 22.70 -3.82 -18.22
N GLY A 278 23.69 -3.03 -18.66
CA GLY A 278 23.80 -1.66 -18.22
C GLY A 278 23.92 -1.56 -16.71
N PHE A 279 24.77 -2.40 -16.13
CA PHE A 279 24.88 -2.54 -14.68
C PHE A 279 26.34 -2.37 -14.29
N SER A 280 26.63 -1.32 -13.53
CA SER A 280 27.99 -1.03 -13.09
C SER A 280 28.30 -1.73 -11.78
N ARG A 281 29.57 -1.64 -11.37
CA ARG A 281 30.00 -2.30 -10.14
C ARG A 281 29.57 -1.53 -8.90
N GLU A 282 29.56 -0.20 -8.96
CA GLU A 282 28.98 0.58 -7.88
C GLU A 282 27.51 0.26 -7.72
N ASP A 283 26.80 0.15 -8.84
CA ASP A 283 25.42 -0.32 -8.80
C ASP A 283 25.35 -1.72 -8.21
N ARG A 284 26.32 -2.58 -8.52
CA ARG A 284 26.33 -3.93 -7.96
C ARG A 284 26.38 -3.89 -6.44
N LEU A 285 27.32 -3.11 -5.89
CA LEU A 285 27.45 -3.02 -4.44
C LEU A 285 26.20 -2.42 -3.81
N GLU A 286 25.69 -1.32 -4.38
CA GLU A 286 24.51 -0.69 -3.82
C GLU A 286 23.31 -1.63 -3.83
N GLN A 287 23.11 -2.35 -4.94
CA GLN A 287 21.99 -3.26 -5.04
C GLN A 287 22.18 -4.48 -4.16
N ALA A 288 23.41 -4.93 -3.94
CA ALA A 288 23.64 -6.03 -3.02
C ALA A 288 23.25 -5.64 -1.60
N LYS A 289 23.68 -4.45 -1.17
CA LYS A 289 23.32 -3.99 0.17
C LYS A 289 21.81 -3.75 0.28
N LEU A 290 21.20 -3.22 -0.77
CA LEU A 290 19.75 -3.03 -0.78
C LEU A 290 19.03 -4.37 -0.71
N PHE A 291 19.55 -5.38 -1.41
CA PHE A 291 18.98 -6.72 -1.36
C PHE A 291 19.04 -7.27 0.06
N CYS A 292 20.18 -7.12 0.72
CA CYS A 292 20.29 -7.58 2.11
C CYS A 292 19.28 -6.89 3.00
N ARG A 293 19.19 -5.56 2.88
CA ARG A 293 18.25 -4.80 3.71
C ARG A 293 16.82 -5.24 3.46
N THR A 294 16.44 -5.40 2.19
CA THR A 294 15.07 -5.76 1.85
C THR A 294 14.75 -7.17 2.31
N LEU A 295 15.69 -8.10 2.18
CA LEU A 295 15.46 -9.46 2.65
C LEU A 295 15.29 -9.49 4.16
N GLU A 296 16.12 -8.72 4.89
CA GLU A 296 15.94 -8.66 6.33
C GLU A 296 14.58 -8.08 6.69
N ASP A 297 14.16 -7.03 6.00
CA ASP A 297 12.85 -6.44 6.28
C ASP A 297 11.73 -7.43 5.99
N ILE A 298 11.85 -8.20 4.90
CA ILE A 298 10.83 -9.18 4.56
C ILE A 298 10.75 -10.26 5.62
N LEU A 299 11.91 -10.79 6.03
CA LEU A 299 11.92 -11.87 7.01
C LEU A 299 11.46 -11.39 8.38
N ALA A 300 11.68 -10.12 8.70
CA ALA A 300 11.22 -9.60 9.99
C ALA A 300 9.73 -9.81 10.17
N ASP A 301 8.94 -9.45 9.16
CA ASP A 301 7.49 -9.56 9.21
C ASP A 301 6.95 -10.84 8.59
N ALA A 302 7.84 -11.72 8.10
CA ALA A 302 7.39 -12.95 7.46
C ALA A 302 6.96 -13.96 8.51
N PRO A 303 5.74 -14.51 8.43
CA PRO A 303 5.34 -15.53 9.42
C PRO A 303 6.06 -16.86 9.26
N GLU A 304 6.56 -17.17 8.06
CA GLU A 304 7.25 -18.44 7.87
C GLU A 304 8.53 -18.51 8.71
N SER A 305 9.26 -17.40 8.81
CA SER A 305 10.53 -17.37 9.53
C SER A 305 10.25 -17.37 11.04
N GLN A 306 9.85 -18.53 11.54
CA GLN A 306 9.69 -18.74 12.97
C GLN A 306 11.01 -19.20 13.58
N ASN A 307 12.04 -18.37 13.38
CA ASN A 307 13.41 -18.66 13.79
C ASN A 307 13.99 -19.79 12.95
N ASN A 308 13.63 -19.84 11.66
CA ASN A 308 14.09 -20.88 10.76
C ASN A 308 15.19 -20.43 9.81
N CYS A 309 15.61 -19.17 9.88
CA CYS A 309 16.61 -18.66 8.95
C CYS A 309 17.44 -17.59 9.62
N ARG A 310 18.72 -17.56 9.25
CA ARG A 310 19.65 -16.52 9.69
C ARG A 310 20.38 -15.97 8.47
N LEU A 311 20.52 -14.65 8.45
CA LEU A 311 21.22 -13.96 7.38
C LEU A 311 22.62 -13.59 7.85
N ILE A 312 23.62 -13.95 7.06
CA ILE A 312 25.02 -13.71 7.38
C ILE A 312 25.59 -12.83 6.28
N ALA A 313 25.66 -11.53 6.52
CA ALA A 313 26.25 -10.58 5.59
C ALA A 313 27.67 -10.26 6.04
N TYR A 314 28.61 -10.31 5.10
CA TYR A 314 30.01 -10.10 5.41
C TYR A 314 30.67 -9.38 4.25
N GLN A 315 31.81 -8.77 4.53
CA GLN A 315 32.59 -8.02 3.55
C GLN A 315 34.04 -8.41 3.68
N GLU A 316 34.70 -8.67 2.55
CA GLU A 316 36.09 -9.09 2.55
C GLU A 316 36.99 -7.86 2.53
N PRO A 317 37.82 -7.64 3.56
CA PRO A 317 38.74 -6.50 3.54
C PRO A 317 39.73 -6.57 2.38
N SER A 322 43.17 -13.77 6.02
CA SER A 322 42.66 -12.85 7.03
C SER A 322 41.23 -13.20 7.41
N PHE A 323 40.28 -12.82 6.56
CA PHE A 323 38.88 -13.10 6.82
C PHE A 323 38.61 -14.59 6.68
N SER A 324 37.87 -15.15 7.63
CA SER A 324 37.53 -16.56 7.64
C SER A 324 36.03 -16.72 7.71
N LEU A 325 35.44 -17.23 6.63
CA LEU A 325 34.00 -17.43 6.58
C LEU A 325 33.54 -18.42 7.65
N SER A 326 34.31 -19.50 7.84
CA SER A 326 33.97 -20.49 8.85
C SER A 326 33.85 -19.84 10.23
N GLN A 327 34.72 -18.87 10.52
CA GLN A 327 34.66 -18.21 11.82
C GLN A 327 33.37 -17.41 11.97
N GLU A 328 32.93 -16.72 10.92
CA GLU A 328 31.66 -16.00 11.00
C GLU A 328 30.50 -16.97 11.18
N VAL A 329 30.51 -18.08 10.45
CA VAL A 329 29.44 -19.06 10.59
C VAL A 329 29.40 -19.61 12.00
N LEU A 330 30.57 -19.93 12.56
CA LEU A 330 30.62 -20.47 13.91
C LEU A 330 30.26 -19.43 14.96
N ARG A 331 30.56 -18.15 14.70
CA ARG A 331 30.12 -17.10 15.60
C ARG A 331 28.60 -17.01 15.61
N HIS A 332 27.98 -17.08 14.44
CA HIS A 332 26.52 -17.06 14.37
C HIS A 332 25.90 -18.33 14.92
N LEU A 333 26.65 -19.42 14.96
CA LEU A 333 26.15 -20.70 15.47
C LEU A 333 26.27 -20.81 16.99
N ARG A 334 27.36 -20.27 17.55
CA ARG A 334 27.65 -20.46 18.97
C ARG A 334 26.93 -19.46 19.86
N GLN A 335 26.23 -18.48 19.27
CA GLN A 335 25.53 -17.48 20.06
C GLN A 335 24.54 -18.13 21.01
N SER B 4 8.46 -5.12 -31.56
CA SER B 4 8.17 -6.21 -30.63
C SER B 4 7.26 -7.25 -31.27
N SER B 5 7.72 -8.50 -31.27
CA SER B 5 6.96 -9.59 -31.87
C SER B 5 6.24 -10.45 -30.84
N LEU B 6 6.58 -10.34 -29.56
CA LEU B 6 5.91 -11.13 -28.53
C LEU B 6 4.42 -10.79 -28.49
N HIS B 7 4.08 -9.55 -28.17
CA HIS B 7 2.70 -9.11 -28.09
C HIS B 7 2.68 -7.62 -28.39
N PRO B 8 1.65 -7.13 -29.09
CA PRO B 8 1.59 -5.69 -29.37
C PRO B 8 1.55 -4.82 -28.13
N SER B 9 1.09 -5.35 -26.99
CA SER B 9 0.99 -4.58 -25.77
C SER B 9 2.34 -4.21 -25.18
N ILE B 10 3.43 -4.82 -25.66
CA ILE B 10 4.76 -4.52 -25.16
C ILE B 10 5.18 -3.15 -25.69
N PRO B 11 5.40 -2.16 -24.83
CA PRO B 11 5.78 -0.83 -25.34
C PRO B 11 7.21 -0.81 -25.84
N CYS B 12 7.41 -0.14 -26.96
CA CYS B 12 8.74 0.02 -27.52
C CYS B 12 9.55 1.01 -26.69
N PRO B 13 10.88 0.92 -26.73
CA PRO B 13 11.69 1.89 -25.98
C PRO B 13 11.45 3.30 -26.46
N ARG B 14 11.56 4.25 -25.53
CA ARG B 14 11.32 5.65 -25.86
C ARG B 14 12.41 6.17 -26.80
N GLY B 15 12.02 7.17 -27.60
CA GLY B 15 12.93 7.75 -28.57
C GLY B 15 13.34 9.16 -28.21
N HIS B 16 13.19 10.09 -29.16
CA HIS B 16 13.59 11.47 -28.98
C HIS B 16 12.46 12.43 -29.37
N GLY B 17 11.21 12.02 -29.16
CA GLY B 17 10.09 12.91 -29.45
C GLY B 17 10.13 14.17 -28.63
N ALA B 18 10.55 14.06 -27.37
CA ALA B 18 10.67 15.26 -26.53
C ALA B 18 11.67 16.24 -27.13
N GLN B 19 12.75 15.73 -27.72
CA GLN B 19 13.73 16.61 -28.35
C GLN B 19 13.14 17.35 -29.55
N LYS B 20 12.36 16.65 -30.37
CA LYS B 20 11.71 17.30 -31.51
C LYS B 20 10.72 18.36 -31.03
N ALA B 21 9.94 18.03 -30.00
CA ALA B 21 9.01 19.01 -29.44
C ALA B 21 9.75 20.22 -28.91
N ALA B 22 10.89 20.00 -28.25
CA ALA B 22 11.68 21.12 -27.76
C ALA B 22 12.22 21.97 -28.89
N LEU B 23 12.63 21.34 -30.00
CA LEU B 23 13.11 22.08 -31.15
C LEU B 23 11.99 22.95 -31.73
N VAL B 24 10.80 22.38 -31.87
CA VAL B 24 9.67 23.14 -32.38
C VAL B 24 9.34 24.30 -31.44
N LEU B 25 9.36 24.04 -30.14
CA LEU B 25 9.11 25.10 -29.17
C LEU B 25 10.16 26.20 -29.27
N LEU B 26 11.42 25.82 -29.44
CA LEU B 26 12.49 26.81 -29.60
C LEU B 26 12.25 27.67 -30.82
N SER B 27 11.93 27.05 -31.95
CA SER B 27 11.67 27.83 -33.16
C SER B 27 10.48 28.76 -32.98
N ALA B 28 9.41 28.27 -32.36
CA ALA B 28 8.23 29.10 -32.15
C ALA B 28 8.53 30.27 -31.24
N CYS B 29 9.31 30.04 -30.19
CA CYS B 29 9.66 31.11 -29.27
C CYS B 29 10.56 32.14 -29.94
N LEU B 30 11.49 31.69 -30.78
CA LEU B 30 12.30 32.64 -31.53
C LEU B 30 11.44 33.48 -32.46
N VAL B 31 10.48 32.85 -33.14
CA VAL B 31 9.58 33.60 -34.02
C VAL B 31 8.77 34.61 -33.21
N THR B 32 8.27 34.20 -32.03
CA THR B 32 7.48 35.11 -31.22
C THR B 32 8.30 36.29 -30.73
N LEU B 33 9.54 36.03 -30.29
CA LEU B 33 10.40 37.13 -29.84
C LEU B 33 10.73 38.06 -30.99
N TRP B 34 10.95 37.51 -32.19
CA TRP B 34 11.14 38.36 -33.36
C TRP B 34 9.92 39.22 -33.62
N GLY B 35 8.73 38.64 -33.50
CA GLY B 35 7.51 39.40 -33.75
C GLY B 35 7.31 40.52 -32.75
N LEU B 36 7.54 40.24 -31.47
CA LEU B 36 7.36 41.26 -30.44
C LEU B 36 8.26 42.47 -30.65
N GLY B 37 9.36 42.31 -31.39
CA GLY B 37 10.20 43.42 -31.75
C GLY B 37 11.27 43.79 -30.74
N GLU B 38 11.34 43.10 -29.61
CA GLU B 38 12.37 43.41 -28.63
C GLU B 38 13.74 43.00 -29.16
N PRO B 39 14.79 43.73 -28.81
CA PRO B 39 16.13 43.42 -29.33
C PRO B 39 16.67 42.14 -28.72
N PRO B 40 17.49 41.39 -29.45
CA PRO B 40 18.02 40.13 -28.89
C PRO B 40 18.86 40.32 -27.63
N GLU B 41 19.38 41.52 -27.39
CA GLU B 41 20.24 41.73 -26.22
C GLU B 41 19.45 41.53 -24.92
N HIS B 42 18.25 42.11 -24.84
CA HIS B 42 17.43 41.92 -23.65
C HIS B 42 17.04 40.46 -23.48
N THR B 43 16.69 39.80 -24.59
CA THR B 43 16.34 38.39 -24.53
C THR B 43 17.49 37.57 -23.97
N LEU B 44 18.71 37.82 -24.47
CA LEU B 44 19.88 37.10 -23.97
C LEU B 44 20.10 37.39 -22.49
N ARG B 45 19.99 38.65 -22.09
CA ARG B 45 20.17 39.01 -20.70
C ARG B 45 19.21 38.24 -19.80
N TYR B 46 17.92 38.26 -20.13
CA TYR B 46 16.93 37.65 -19.26
C TYR B 46 17.01 36.13 -19.32
N LEU B 47 17.37 35.55 -20.46
CA LEU B 47 17.58 34.12 -20.53
C LEU B 47 18.75 33.69 -19.65
N VAL B 48 19.83 34.44 -19.67
CA VAL B 48 20.98 34.14 -18.82
C VAL B 48 20.60 34.29 -17.36
N LEU B 49 19.80 35.30 -17.03
CA LEU B 49 19.34 35.46 -15.64
C LEU B 49 18.48 34.29 -15.21
N HIS B 50 17.60 33.82 -16.09
CA HIS B 50 16.76 32.67 -15.74
C HIS B 50 17.60 31.42 -15.52
N LEU B 51 18.57 31.18 -16.40
CA LEU B 51 19.44 30.03 -16.22
C LEU B 51 20.26 30.15 -14.94
N ALA B 52 20.69 31.37 -14.60
CA ALA B 52 21.39 31.59 -13.34
C ALA B 52 20.50 31.27 -12.15
N SER B 53 19.23 31.68 -12.21
CA SER B 53 18.30 31.35 -11.15
C SER B 53 18.13 29.84 -11.01
N LEU B 54 18.06 29.14 -12.15
CA LEU B 54 17.97 27.68 -12.10
C LEU B 54 19.21 27.08 -11.46
N GLN B 55 20.40 27.61 -11.80
CA GLN B 55 21.62 27.09 -11.21
C GLN B 55 21.66 27.32 -9.69
N LEU B 56 21.25 28.50 -9.25
CA LEU B 56 21.22 28.77 -7.82
C LEU B 56 20.21 27.88 -7.11
N GLY B 57 19.05 27.66 -7.73
CA GLY B 57 18.09 26.72 -7.16
C GLY B 57 18.65 25.32 -7.05
N LEU B 58 19.40 24.87 -8.07
CA LEU B 58 20.04 23.56 -8.01
C LEU B 58 21.04 23.51 -6.87
N LEU B 59 21.85 24.57 -6.72
CA LEU B 59 22.80 24.65 -5.62
C LEU B 59 22.10 24.50 -4.27
N LEU B 60 21.02 25.25 -4.07
CA LEU B 60 20.33 25.22 -2.78
C LEU B 60 19.67 23.87 -2.53
N ASN B 61 19.03 23.30 -3.55
CA ASN B 61 18.42 21.99 -3.39
C ASN B 61 19.48 20.94 -3.09
N GLY B 62 20.65 21.04 -3.73
CA GLY B 62 21.74 20.12 -3.44
C GLY B 62 22.28 20.27 -2.05
N VAL B 63 22.34 21.50 -1.54
CA VAL B 63 22.75 21.69 -0.14
C VAL B 63 21.74 21.04 0.80
N CYS B 64 20.45 21.23 0.52
CA CYS B 64 19.43 20.64 1.36
C CYS B 64 19.51 19.12 1.34
N SER B 65 19.73 18.54 0.16
CA SER B 65 19.82 17.08 0.05
C SER B 65 21.13 16.57 0.64
N LEU B 66 22.19 17.38 0.62
CA LEU B 66 23.45 16.99 1.24
C LEU B 66 23.31 16.94 2.74
N ALA B 67 22.52 17.87 3.31
CA ALA B 67 22.24 17.81 4.74
C ALA B 67 21.73 16.44 5.16
N GLU B 68 21.12 15.70 4.25
CA GLU B 68 20.65 14.33 4.50
C GLU B 68 21.67 13.28 4.08
N GLU B 69 22.27 13.44 2.90
CA GLU B 69 23.19 12.43 2.38
C GLU B 69 24.47 12.33 3.20
N LEU B 70 24.83 13.38 3.94
CA LEU B 70 26.00 13.30 4.79
C LEU B 70 25.84 12.28 5.92
N ARG B 71 24.60 11.86 6.21
CA ARG B 71 24.39 10.83 7.22
C ARG B 71 24.77 9.46 6.69
N HIS B 72 24.75 9.28 5.37
CA HIS B 72 25.13 8.03 4.73
C HIS B 72 26.48 8.13 4.02
N ILE B 73 27.35 9.02 4.50
CA ILE B 73 28.64 9.20 3.84
C ILE B 73 29.49 7.94 3.95
N HIS B 74 29.48 7.30 5.11
CA HIS B 74 30.33 6.14 5.32
C HIS B 74 29.71 4.88 4.72
N SER B 75 28.40 4.70 4.91
CA SER B 75 27.76 3.48 4.44
C SER B 75 27.58 3.48 2.93
N ARG B 76 27.17 4.61 2.36
CA ARG B 76 26.79 4.67 0.95
C ARG B 76 27.82 5.38 0.08
N TYR B 77 28.71 6.18 0.67
CA TYR B 77 29.67 6.96 -0.10
C TYR B 77 31.12 6.71 0.29
N ARG B 78 31.38 5.69 1.12
CA ARG B 78 32.74 5.24 1.39
C ARG B 78 33.55 6.30 2.14
N GLY B 79 32.89 7.03 3.02
CA GLY B 79 33.57 7.99 3.87
C GLY B 79 34.27 9.10 3.12
N SER B 80 33.78 9.44 1.94
CA SER B 80 34.35 10.53 1.13
C SER B 80 33.32 11.64 1.02
N TYR B 81 33.71 12.85 1.42
CA TYR B 81 32.83 14.00 1.29
C TYR B 81 32.75 14.48 -0.15
N TRP B 82 33.81 14.29 -0.93
CA TRP B 82 33.78 14.67 -2.34
C TRP B 82 32.72 13.88 -3.08
N ARG B 83 32.63 12.57 -2.83
CA ARG B 83 31.64 11.75 -3.51
C ARG B 83 30.22 12.17 -3.14
N THR B 84 29.99 12.46 -1.85
CA THR B 84 28.66 12.90 -1.42
C THR B 84 28.29 14.22 -2.09
N VAL B 85 29.19 15.20 -2.05
CA VAL B 85 28.91 16.49 -2.67
C VAL B 85 28.66 16.31 -4.16
N ARG B 86 29.41 15.43 -4.81
CA ARG B 86 29.21 15.16 -6.23
C ARG B 86 27.84 14.57 -6.49
N ALA B 87 27.42 13.62 -5.64
CA ALA B 87 26.09 13.05 -5.78
C ALA B 87 25.01 14.08 -5.56
N CYS B 88 25.29 15.10 -4.74
CA CYS B 88 24.29 16.12 -4.44
C CYS B 88 24.36 17.31 -5.40
N LEU B 89 25.46 17.47 -6.15
CA LEU B 89 25.65 18.62 -7.01
C LEU B 89 26.29 18.25 -8.35
N GLY B 90 26.15 17.00 -8.77
CA GLY B 90 26.83 16.62 -9.99
C GLY B 90 28.32 16.86 -9.86
N CYS B 91 28.97 17.11 -11.00
CA CYS B 91 30.40 17.40 -10.97
C CYS B 91 30.61 18.75 -10.30
N PRO B 92 31.31 18.82 -9.17
CA PRO B 92 31.45 20.11 -8.47
C PRO B 92 32.14 21.18 -9.29
N LEU B 93 33.07 20.80 -10.17
CA LEU B 93 33.80 21.81 -10.96
C LEU B 93 32.85 22.55 -11.89
N ARG B 94 32.02 21.80 -12.63
CA ARG B 94 31.06 22.43 -13.54
C ARG B 94 30.07 23.29 -12.77
N ARG B 95 29.60 22.80 -11.62
CA ARG B 95 28.65 23.57 -10.83
C ARG B 95 29.28 24.87 -10.34
N GLY B 96 30.54 24.80 -9.87
CA GLY B 96 31.22 26.00 -9.45
C GLY B 96 31.40 27.00 -10.59
N ALA B 97 31.80 26.50 -11.76
CA ALA B 97 31.95 27.38 -12.91
C ALA B 97 30.65 28.08 -13.25
N LEU B 98 29.55 27.32 -13.30
CA LEU B 98 28.26 27.91 -13.63
C LEU B 98 27.79 28.88 -12.56
N LEU B 99 28.06 28.60 -11.28
CA LEU B 99 27.70 29.53 -10.22
C LEU B 99 28.49 30.82 -10.33
N LEU B 100 29.79 30.73 -10.62
CA LEU B 100 30.58 31.93 -10.82
C LEU B 100 30.06 32.74 -11.99
N LEU B 101 29.71 32.06 -13.10
CA LEU B 101 29.13 32.76 -14.23
C LEU B 101 27.84 33.47 -13.84
N SER B 102 26.98 32.79 -13.09
CA SER B 102 25.72 33.39 -12.65
C SER B 102 25.97 34.63 -11.80
N ILE B 103 26.87 34.53 -10.84
CA ILE B 103 27.17 35.67 -9.97
C ILE B 103 27.71 36.84 -10.80
N TYR B 104 28.64 36.55 -11.71
CA TYR B 104 29.24 37.59 -12.52
C TYR B 104 28.20 38.28 -13.41
N PHE B 105 27.33 37.51 -14.05
CA PHE B 105 26.35 38.06 -14.97
C PHE B 105 25.11 38.60 -14.26
N TYR B 106 25.00 38.40 -12.95
CA TYR B 106 24.04 39.14 -12.15
C TYR B 106 24.59 40.46 -11.62
N TYR B 107 25.74 40.46 -10.94
CA TYR B 107 26.33 41.71 -10.51
C TYR B 107 26.59 42.67 -11.66
N SER B 108 26.74 42.16 -12.89
CA SER B 108 27.09 42.98 -14.04
C SER B 108 25.89 43.42 -14.86
N LEU B 109 24.85 42.59 -14.95
CA LEU B 109 23.70 42.91 -15.78
C LEU B 109 22.65 43.68 -14.99
N PRO B 110 22.24 44.87 -15.44
CA PRO B 110 21.15 45.59 -14.76
C PRO B 110 19.90 44.75 -14.59
N PRO B 116 19.67 43.97 -6.31
CA PRO B 116 20.50 43.34 -5.27
C PRO B 116 20.56 41.82 -5.39
N PHE B 117 21.78 41.31 -5.58
CA PHE B 117 21.95 39.87 -5.78
C PHE B 117 21.48 39.08 -4.57
N THR B 118 21.86 39.53 -3.37
CA THR B 118 21.54 38.77 -2.17
C THR B 118 20.03 38.63 -1.98
N TRP B 119 19.26 39.66 -2.35
CA TRP B 119 17.81 39.57 -2.23
C TRP B 119 17.25 38.47 -3.13
N MET B 120 17.71 38.42 -4.38
CA MET B 120 17.23 37.38 -5.29
C MET B 120 17.67 36.00 -4.81
N LEU B 121 18.88 35.91 -4.25
CA LEU B 121 19.31 34.63 -3.68
C LEU B 121 18.40 34.20 -2.54
N ALA B 122 18.03 35.14 -1.67
CA ALA B 122 17.12 34.80 -0.58
C ALA B 122 15.75 34.39 -1.10
N LEU B 123 15.27 35.07 -2.15
CA LEU B 123 13.98 34.70 -2.73
C LEU B 123 14.03 33.30 -3.33
N LEU B 124 15.10 32.98 -4.06
CA LEU B 124 15.24 31.65 -4.63
C LEU B 124 15.35 30.59 -3.55
N GLY B 125 16.07 30.89 -2.47
CA GLY B 125 16.15 29.95 -1.36
C GLY B 125 14.79 29.73 -0.71
N LEU B 126 14.02 30.81 -0.56
CA LEU B 126 12.67 30.67 -0.03
C LEU B 126 11.82 29.77 -0.92
N SER B 127 11.90 29.99 -2.23
CA SER B 127 11.12 29.16 -3.16
C SER B 127 11.54 27.70 -3.08
N GLN B 128 12.85 27.45 -3.04
CA GLN B 128 13.33 26.07 -2.97
C GLN B 128 12.92 25.41 -1.67
N ALA B 129 13.02 26.13 -0.55
CA ALA B 129 12.59 25.57 0.73
C ALA B 129 11.09 25.27 0.71
N LEU B 130 10.30 26.15 0.12
CA LEU B 130 8.87 25.89 0.01
C LEU B 130 8.60 24.65 -0.83
N ASN B 131 9.32 24.50 -1.94
CA ASN B 131 9.13 23.32 -2.78
C ASN B 131 9.51 22.05 -2.05
N ILE B 132 10.60 22.09 -1.29
CA ILE B 132 11.06 20.89 -0.57
C ILE B 132 10.09 20.53 0.55
N LEU B 133 9.69 21.53 1.35
CA LEU B 133 8.85 21.26 2.51
C LEU B 133 7.46 20.83 2.10
N LEU B 134 6.92 21.41 1.04
CA LEU B 134 5.59 21.05 0.56
C LEU B 134 5.60 19.84 -0.37
N GLY B 135 6.75 19.20 -0.57
CA GLY B 135 6.83 18.04 -1.43
C GLY B 135 6.49 18.35 -2.88
N LEU B 136 6.96 19.48 -3.39
CA LEU B 136 6.70 19.88 -4.77
C LEU B 136 7.78 19.41 -5.73
N LYS B 137 8.80 18.71 -5.24
CA LYS B 137 9.86 18.17 -6.08
C LYS B 137 9.44 16.88 -6.78
N GLY B 138 8.17 16.50 -6.69
CA GLY B 138 7.73 15.26 -7.29
C GLY B 138 7.94 15.25 -8.79
N LEU B 139 8.41 14.10 -9.29
CA LEU B 139 8.67 13.89 -10.70
C LEU B 139 7.48 13.16 -11.31
N ALA B 140 7.09 13.58 -12.52
CA ALA B 140 5.91 13.04 -13.15
C ALA B 140 6.11 11.57 -13.49
N PRO B 141 5.03 10.80 -13.58
CA PRO B 141 5.17 9.36 -13.89
C PRO B 141 5.96 9.08 -15.16
N ALA B 142 5.75 9.87 -16.21
CA ALA B 142 6.50 9.66 -17.45
C ALA B 142 7.98 9.89 -17.23
N GLU B 143 8.34 10.96 -16.51
CA GLU B 143 9.74 11.24 -16.22
C GLU B 143 10.36 10.12 -15.40
N ILE B 144 9.63 9.64 -14.38
CA ILE B 144 10.14 8.57 -13.53
C ILE B 144 10.36 7.30 -14.35
N SER B 145 9.40 6.97 -15.21
CA SER B 145 9.53 5.77 -16.02
C SER B 145 10.70 5.88 -16.99
N ALA B 146 10.89 7.05 -17.59
CA ALA B 146 12.01 7.23 -18.52
C ALA B 146 13.34 7.13 -17.78
N VAL B 147 13.43 7.72 -16.59
CA VAL B 147 14.66 7.66 -15.81
C VAL B 147 14.96 6.22 -15.40
N CYS B 148 13.90 5.45 -15.08
CA CYS B 148 14.10 4.06 -14.69
C CYS B 148 14.54 3.21 -15.87
N GLU B 149 13.89 3.37 -17.02
CA GLU B 149 14.24 2.56 -18.18
C GLU B 149 15.65 2.90 -18.69
N LYS B 150 16.01 4.19 -18.70
CA LYS B 150 17.35 4.56 -19.12
C LYS B 150 18.40 3.97 -18.19
N GLY B 151 18.17 4.04 -16.89
CA GLY B 151 19.08 3.49 -15.90
C GLY B 151 18.77 2.07 -15.48
N ASN B 152 17.76 1.43 -16.07
CA ASN B 152 17.40 0.06 -15.74
C ASN B 152 17.07 -0.08 -14.25
N PHE B 153 16.40 0.93 -13.71
CA PHE B 153 15.95 0.89 -12.31
C PHE B 153 14.55 0.27 -12.26
N ASN B 154 14.51 -1.04 -12.51
CA ASN B 154 13.27 -1.79 -12.52
C ASN B 154 13.52 -3.19 -11.99
N VAL B 155 12.49 -3.76 -11.35
CA VAL B 155 12.59 -5.14 -10.87
C VAL B 155 12.62 -6.10 -12.05
N ALA B 156 11.92 -5.76 -13.14
CA ALA B 156 11.84 -6.66 -14.28
C ALA B 156 13.21 -6.92 -14.89
N HIS B 157 14.08 -5.90 -14.91
CA HIS B 157 15.41 -6.09 -15.46
C HIS B 157 16.17 -7.16 -14.69
N GLY B 158 16.21 -7.03 -13.36
CA GLY B 158 16.91 -8.00 -12.55
C GLY B 158 16.29 -9.37 -12.63
N LEU B 159 14.95 -9.44 -12.66
CA LEU B 159 14.28 -10.73 -12.76
C LEU B 159 14.60 -11.42 -14.07
N ALA B 160 14.60 -10.68 -15.18
CA ALA B 160 14.93 -11.28 -16.47
C ALA B 160 16.37 -11.74 -16.52
N TRP B 161 17.30 -10.94 -15.98
CA TRP B 161 18.70 -11.35 -15.99
C TRP B 161 18.94 -12.54 -15.07
N SER B 162 18.20 -12.63 -13.96
CA SER B 162 18.31 -13.82 -13.12
C SER B 162 17.75 -15.05 -13.81
N TYR B 163 16.62 -14.90 -14.50
CA TYR B 163 16.04 -16.03 -15.21
C TYR B 163 16.97 -16.53 -16.31
N TYR B 164 17.58 -15.61 -17.07
CA TYR B 164 18.53 -16.02 -18.10
C TYR B 164 19.78 -16.64 -17.49
N ILE B 165 20.40 -15.93 -16.55
CA ILE B 165 21.65 -16.41 -15.95
C ILE B 165 21.38 -17.64 -15.09
N GLY B 166 20.35 -17.58 -14.24
CA GLY B 166 20.14 -18.64 -13.28
C GLY B 166 19.69 -19.94 -13.91
N TYR B 167 18.77 -19.87 -14.87
CA TYR B 167 18.13 -21.07 -15.41
C TYR B 167 18.45 -21.30 -16.88
N LEU B 168 18.14 -20.34 -17.76
CA LEU B 168 18.28 -20.58 -19.19
C LEU B 168 19.74 -20.80 -19.58
N ARG B 169 20.65 -19.96 -19.07
CA ARG B 169 22.05 -20.08 -19.43
C ARG B 169 22.63 -21.43 -19.07
N LEU B 170 22.01 -22.15 -18.13
CA LEU B 170 22.49 -23.45 -17.70
C LEU B 170 21.71 -24.61 -18.30
N ILE B 171 20.49 -24.38 -18.76
CA ILE B 171 19.61 -25.43 -19.27
C ILE B 171 19.65 -25.51 -20.79
N LEU B 172 19.60 -24.37 -21.47
CA LEU B 172 19.53 -24.40 -22.92
C LEU B 172 20.69 -25.16 -23.56
N PRO B 173 21.94 -25.00 -23.13
CA PRO B 173 23.02 -25.75 -23.78
C PRO B 173 22.85 -27.25 -23.70
N GLU B 174 22.28 -27.77 -22.62
CA GLU B 174 22.16 -29.21 -22.40
C GLU B 174 20.74 -29.73 -22.66
N LEU B 175 19.87 -28.89 -23.24
CA LEU B 175 18.50 -29.32 -23.47
C LEU B 175 18.41 -30.31 -24.63
N GLN B 176 19.19 -30.09 -25.68
CA GLN B 176 19.13 -30.99 -26.84
C GLN B 176 19.57 -32.40 -26.45
N ALA B 177 20.64 -32.53 -25.67
CA ALA B 177 21.11 -33.84 -25.26
C ALA B 177 20.04 -34.55 -24.43
N ARG B 178 19.42 -33.84 -23.50
CA ARG B 178 18.38 -34.44 -22.67
C ARG B 178 17.20 -34.89 -23.51
N ILE B 179 16.77 -34.06 -24.47
CA ILE B 179 15.63 -34.42 -25.30
C ILE B 179 15.97 -35.64 -26.16
N ARG B 180 17.19 -35.68 -26.69
CA ARG B 180 17.60 -36.82 -27.51
C ARG B 180 17.64 -38.09 -26.68
N THR B 181 18.18 -37.99 -25.46
CA THR B 181 18.19 -39.15 -24.56
C THR B 181 16.78 -39.63 -24.28
N TYR B 182 15.86 -38.71 -24.02
CA TYR B 182 14.48 -39.10 -23.79
C TYR B 182 13.87 -39.77 -25.02
N ASN B 183 14.19 -39.28 -26.21
CA ASN B 183 13.64 -39.86 -27.42
C ASN B 183 14.17 -41.28 -27.64
N GLN B 184 15.49 -41.46 -27.51
CA GLN B 184 16.07 -42.79 -27.71
C GLN B 184 15.53 -43.81 -26.73
N HIS B 185 15.11 -43.38 -25.53
CA HIS B 185 14.58 -44.29 -24.52
C HIS B 185 13.08 -44.46 -24.62
N TYR B 186 12.43 -43.88 -25.64
CA TYR B 186 10.98 -43.99 -25.79
C TYR B 186 10.55 -43.44 -27.14
N GLY B 192 8.48 -41.16 -28.30
CA GLY B 192 8.54 -39.75 -27.99
C GLY B 192 9.09 -38.93 -29.13
N ALA B 193 8.31 -37.95 -29.59
CA ALA B 193 8.68 -37.04 -30.68
C ALA B 193 8.53 -35.60 -30.23
N VAL B 194 9.04 -35.30 -29.04
CA VAL B 194 8.91 -33.95 -28.50
C VAL B 194 9.74 -32.97 -29.32
N SER B 195 9.31 -31.71 -29.32
CA SER B 195 9.99 -30.68 -30.07
C SER B 195 11.38 -30.40 -29.47
N GLN B 196 12.22 -29.75 -30.27
CA GLN B 196 13.60 -29.46 -29.91
C GLN B 196 13.79 -28.06 -29.34
N ARG B 197 12.78 -27.53 -28.64
CA ARG B 197 12.89 -26.21 -28.06
C ARG B 197 12.17 -26.19 -26.72
N LEU B 198 12.64 -25.33 -25.83
CA LEU B 198 12.00 -25.07 -24.55
C LEU B 198 11.03 -23.90 -24.72
N TYR B 199 9.74 -24.18 -24.58
CA TYR B 199 8.70 -23.17 -24.75
C TYR B 199 8.36 -22.56 -23.41
N ILE B 200 8.38 -21.22 -23.36
CA ILE B 200 8.17 -20.46 -22.14
C ILE B 200 6.91 -19.63 -22.31
N LEU B 201 6.02 -19.69 -21.33
CA LEU B 201 4.78 -18.93 -21.34
C LEU B 201 4.97 -17.64 -20.56
N LEU B 202 4.58 -16.52 -21.17
CA LEU B 202 4.76 -15.19 -20.59
C LEU B 202 3.38 -14.53 -20.48
N PRO B 203 2.59 -14.92 -19.48
CA PRO B 203 1.31 -14.25 -19.25
C PRO B 203 1.52 -12.83 -18.75
N LEU B 204 0.99 -11.85 -19.49
CA LEU B 204 1.13 -10.47 -19.07
C LEU B 204 0.29 -10.15 -17.84
N ASP B 205 -0.71 -10.98 -17.54
CA ASP B 205 -1.49 -10.84 -16.32
C ASP B 205 -0.83 -11.49 -15.11
N CYS B 206 0.27 -12.19 -15.31
CA CYS B 206 1.03 -12.80 -14.21
C CYS B 206 0.23 -13.86 -13.47
N GLY B 207 -0.59 -14.63 -14.19
CA GLY B 207 -1.34 -15.70 -13.56
C GLY B 207 -0.43 -16.81 -13.06
N VAL B 208 0.15 -17.56 -13.99
CA VAL B 208 1.15 -18.58 -13.66
C VAL B 208 0.57 -19.56 -12.66
N PRO B 209 -0.38 -20.40 -13.04
CA PRO B 209 -0.83 -21.47 -12.14
C PRO B 209 0.25 -22.54 -11.99
N ASP B 210 0.22 -23.21 -10.84
CA ASP B 210 1.22 -24.23 -10.53
C ASP B 210 1.07 -25.49 -11.37
N ASN B 211 -0.03 -25.65 -12.10
CA ASN B 211 -0.23 -26.79 -12.98
C ASN B 211 -0.91 -26.33 -14.26
N LEU B 212 -0.35 -26.73 -15.40
CA LEU B 212 -0.85 -26.22 -16.68
C LEU B 212 -2.26 -26.69 -16.97
N SER B 213 -2.57 -27.96 -16.66
CA SER B 213 -3.87 -28.51 -17.00
C SER B 213 -5.01 -27.74 -16.34
N MET B 214 -4.74 -27.02 -15.25
CA MET B 214 -5.77 -26.22 -14.60
C MET B 214 -6.06 -24.94 -15.36
N ALA B 215 -5.18 -24.52 -16.27
CA ALA B 215 -5.44 -23.38 -17.13
C ALA B 215 -6.07 -23.79 -18.45
N ASP B 216 -5.78 -25.00 -18.92
CA ASP B 216 -6.36 -25.54 -20.14
C ASP B 216 -6.36 -27.05 -20.05
N PRO B 217 -7.51 -27.72 -20.08
CA PRO B 217 -7.51 -29.18 -19.91
C PRO B 217 -6.72 -29.91 -20.97
N ASN B 218 -6.60 -29.35 -22.17
CA ASN B 218 -5.86 -30.02 -23.23
C ASN B 218 -4.39 -30.18 -22.86
N ILE B 219 -3.83 -29.20 -22.13
CA ILE B 219 -2.46 -29.30 -21.68
C ILE B 219 -2.39 -30.37 -20.60
N ARG B 220 -1.83 -31.53 -20.94
CA ARG B 220 -1.79 -32.67 -20.05
C ARG B 220 -0.36 -33.15 -19.89
N PHE B 221 0.03 -33.42 -18.65
CA PHE B 221 1.37 -33.91 -18.38
C PHE B 221 1.57 -35.29 -19.01
N LEU B 222 2.73 -35.46 -19.66
CA LEU B 222 3.07 -36.71 -20.31
C LEU B 222 4.19 -37.44 -19.58
N ASP B 223 5.34 -36.78 -19.39
CA ASP B 223 6.45 -37.40 -18.69
C ASP B 223 7.54 -36.35 -18.47
N LYS B 224 8.47 -36.66 -17.57
CA LYS B 224 9.57 -35.75 -17.27
C LYS B 224 10.72 -35.97 -18.25
N LEU B 225 11.84 -35.33 -17.96
CA LEU B 225 13.04 -35.42 -18.78
C LEU B 225 14.20 -35.99 -17.98
N PRO B 226 15.33 -36.23 -18.64
CA PRO B 226 16.53 -36.69 -17.92
C PRO B 226 17.14 -35.60 -17.06
N GLN B 227 16.69 -35.52 -15.80
CA GLN B 227 17.05 -34.44 -14.89
C GLN B 227 18.49 -33.99 -15.03
N GLN B 228 18.68 -32.67 -15.04
CA GLN B 228 20.00 -32.07 -15.04
C GLN B 228 20.35 -31.62 -13.63
N THR B 229 21.59 -31.87 -13.23
CA THR B 229 22.02 -31.57 -11.88
C THR B 229 23.40 -30.95 -11.92
N GLY B 230 23.68 -30.12 -10.92
CA GLY B 230 24.98 -29.47 -10.82
C GLY B 230 25.07 -28.68 -9.54
N ASP B 231 26.28 -28.19 -9.27
CA ASP B 231 26.51 -27.39 -8.07
C ASP B 231 26.11 -25.95 -8.31
N ARG B 232 25.49 -25.33 -7.30
CA ARG B 232 25.00 -23.96 -7.42
C ARG B 232 25.03 -23.30 -6.06
N ALA B 233 25.96 -22.37 -5.88
CA ALA B 233 26.01 -21.51 -4.70
C ALA B 233 25.91 -22.32 -3.41
N GLY B 234 26.84 -23.26 -3.27
CA GLY B 234 26.92 -24.08 -2.07
C GLY B 234 25.90 -25.20 -1.98
N ILE B 235 25.10 -25.40 -3.01
CA ILE B 235 24.13 -26.49 -3.04
C ILE B 235 24.70 -27.57 -3.95
N LYS B 236 24.95 -28.75 -3.38
CA LYS B 236 25.52 -29.85 -4.14
C LYS B 236 24.40 -30.61 -4.86
N ASP B 237 24.58 -30.82 -6.16
CA ASP B 237 23.61 -31.57 -6.97
C ASP B 237 22.25 -30.88 -6.99
N ARG B 238 22.24 -29.57 -7.24
CA ARG B 238 20.98 -28.87 -7.46
C ARG B 238 20.33 -29.38 -8.74
N VAL B 239 19.08 -29.83 -8.62
CA VAL B 239 18.40 -30.55 -9.69
C VAL B 239 17.51 -29.59 -10.45
N TYR B 240 17.64 -29.59 -11.77
CA TYR B 240 16.79 -28.81 -12.67
C TYR B 240 15.89 -29.78 -13.43
N SER B 241 14.59 -29.57 -13.32
CA SER B 241 13.60 -30.43 -13.96
C SER B 241 12.82 -29.66 -15.02
N ASN B 242 12.57 -30.33 -16.14
CA ASN B 242 11.78 -29.77 -17.23
C ASN B 242 10.83 -30.85 -17.70
N SER B 243 9.54 -30.62 -17.51
CA SER B 243 8.51 -31.62 -17.79
C SER B 243 8.03 -31.52 -19.23
N ILE B 244 7.37 -32.57 -19.68
CA ILE B 244 6.82 -32.65 -21.03
C ILE B 244 5.30 -32.69 -20.93
N TYR B 245 4.63 -31.90 -21.77
CA TYR B 245 3.18 -31.85 -21.81
C TYR B 245 2.71 -32.11 -23.24
N GLU B 246 1.62 -32.87 -23.36
CA GLU B 246 1.02 -33.18 -24.65
C GLU B 246 -0.07 -32.15 -24.94
N LEU B 247 -0.12 -31.69 -26.19
CA LEU B 247 -1.08 -30.67 -26.60
C LEU B 247 -2.29 -31.35 -27.23
N LEU B 248 -3.36 -31.48 -26.46
CA LEU B 248 -4.59 -32.05 -26.97
C LEU B 248 -5.28 -31.08 -27.93
N GLU B 249 -5.99 -31.65 -28.91
CA GLU B 249 -6.75 -30.85 -29.85
C GLU B 249 -7.87 -31.74 -30.41
N ASN B 250 -9.11 -31.43 -30.02
CA ASN B 250 -10.28 -32.16 -30.49
C ASN B 250 -10.30 -33.59 -29.94
N GLY B 251 -9.72 -33.77 -28.75
CA GLY B 251 -9.77 -35.05 -28.07
C GLY B 251 -8.62 -35.99 -28.36
N GLN B 252 -7.73 -35.65 -29.28
CA GLN B 252 -6.59 -36.49 -29.59
C GLN B 252 -5.34 -35.63 -29.65
N ARG B 253 -4.19 -36.29 -29.53
CA ARG B 253 -2.92 -35.58 -29.46
C ARG B 253 -2.64 -34.82 -30.76
N ALA B 254 -2.01 -33.66 -30.62
CA ALA B 254 -1.59 -32.86 -31.77
C ALA B 254 -0.16 -32.36 -31.67
N GLY B 255 0.44 -32.32 -30.49
CA GLY B 255 1.82 -31.89 -30.34
C GLY B 255 2.36 -32.13 -28.95
N THR B 256 3.67 -32.28 -28.84
CA THR B 256 4.33 -32.52 -27.56
C THR B 256 5.63 -31.74 -27.53
N CYS B 257 5.95 -31.17 -26.38
CA CYS B 257 7.14 -30.34 -26.22
C CYS B 257 7.34 -30.09 -24.74
N VAL B 258 8.42 -29.39 -24.42
CA VAL B 258 8.74 -28.98 -23.05
C VAL B 258 8.11 -27.62 -22.81
N LEU B 259 7.22 -27.53 -21.83
CA LEU B 259 6.44 -26.34 -21.58
C LEU B 259 6.49 -26.01 -20.10
N GLU B 260 6.73 -24.74 -19.79
CA GLU B 260 6.80 -24.31 -18.40
C GLU B 260 6.63 -22.79 -18.34
N TYR B 261 5.98 -22.33 -17.28
CA TYR B 261 5.77 -20.91 -17.09
C TYR B 261 7.05 -20.21 -16.65
N ALA B 262 7.02 -18.88 -16.74
CA ALA B 262 8.11 -18.05 -16.24
C ALA B 262 7.81 -17.70 -14.78
N THR B 263 8.61 -18.27 -13.86
CA THR B 263 8.35 -18.05 -12.44
C THR B 263 8.53 -16.60 -12.02
N PRO B 264 9.39 -15.79 -12.63
CA PRO B 264 9.47 -14.38 -12.23
C PRO B 264 8.14 -13.66 -12.34
N LEU B 265 7.27 -14.06 -13.25
CA LEU B 265 5.92 -13.48 -13.28
C LEU B 265 5.12 -13.87 -12.06
N GLN B 266 5.30 -15.11 -11.58
CA GLN B 266 4.67 -15.51 -10.32
C GLN B 266 5.20 -14.66 -9.18
N THR B 267 6.50 -14.39 -9.17
CA THR B 267 7.07 -13.49 -8.17
C THR B 267 6.45 -12.10 -8.26
N LEU B 268 6.28 -11.59 -9.48
CA LEU B 268 5.65 -10.28 -9.65
C LEU B 268 4.24 -10.28 -9.11
N PHE B 269 3.46 -11.32 -9.41
CA PHE B 269 2.10 -11.41 -8.90
C PHE B 269 2.09 -11.44 -7.37
N ALA B 270 2.98 -12.23 -6.78
CA ALA B 270 3.04 -12.30 -5.32
C ALA B 270 3.40 -10.95 -4.72
N MET B 271 4.34 -10.24 -5.35
CA MET B 271 4.75 -8.93 -4.84
C MET B 271 3.57 -7.96 -4.82
N SER B 272 2.68 -8.05 -5.81
CA SER B 272 1.52 -7.18 -5.82
C SER B 272 0.53 -7.55 -4.74
N GLN B 273 0.52 -8.82 -4.30
CA GLN B 273 -0.36 -9.23 -3.22
C GLN B 273 0.15 -8.75 -1.86
N TYR B 274 1.46 -8.67 -1.70
CA TYR B 274 2.05 -8.26 -0.43
C TYR B 274 2.15 -6.74 -0.36
N SER B 275 1.76 -6.17 0.79
CA SER B 275 1.87 -4.73 0.99
C SER B 275 3.29 -4.31 1.35
N GLN B 276 4.06 -5.21 1.97
CA GLN B 276 5.44 -4.89 2.33
C GLN B 276 6.30 -4.64 1.11
N ALA B 277 5.85 -5.07 -0.08
CA ALA B 277 6.62 -4.89 -1.30
C ALA B 277 6.48 -3.50 -1.88
N GLY B 278 5.40 -2.78 -1.57
CA GLY B 278 5.14 -1.51 -2.23
C GLY B 278 4.99 -1.65 -3.73
N PHE B 279 4.26 -2.67 -4.17
CA PHE B 279 4.14 -3.02 -5.57
C PHE B 279 2.67 -3.07 -5.95
N SER B 280 2.26 -2.20 -6.88
CA SER B 280 0.88 -2.12 -7.31
C SER B 280 0.62 -3.08 -8.46
N ARG B 281 -0.62 -3.05 -8.97
CA ARG B 281 -1.02 -3.94 -10.05
C ARG B 281 -0.74 -3.33 -11.42
N GLU B 282 -0.93 -2.01 -11.55
CA GLU B 282 -0.48 -1.34 -12.77
C GLU B 282 1.03 -1.47 -12.92
N ASP B 283 1.76 -1.26 -11.82
CA ASP B 283 3.19 -1.53 -11.83
C ASP B 283 3.46 -2.98 -12.17
N ARG B 284 2.59 -3.89 -11.72
CA ARG B 284 2.77 -5.30 -12.04
C ARG B 284 2.70 -5.54 -13.54
N LEU B 285 1.67 -4.99 -14.19
CA LEU B 285 1.55 -5.15 -15.64
C LEU B 285 2.74 -4.53 -16.37
N GLU B 286 3.11 -3.31 -15.98
CA GLU B 286 4.23 -2.64 -16.63
C GLU B 286 5.52 -3.44 -16.48
N GLN B 287 5.77 -3.95 -15.27
CA GLN B 287 6.99 -4.71 -15.03
C GLN B 287 6.96 -6.05 -15.72
N ALA B 288 5.78 -6.66 -15.85
CA ALA B 288 5.70 -7.91 -16.62
C ALA B 288 6.04 -7.69 -18.08
N LYS B 289 5.49 -6.63 -18.66
CA LYS B 289 5.81 -6.34 -20.06
C LYS B 289 7.28 -5.96 -20.23
N LEU B 290 7.82 -5.20 -19.27
CA LEU B 290 9.24 -4.87 -19.31
C LEU B 290 10.11 -6.12 -19.19
N PHE B 291 9.71 -7.05 -18.33
CA PHE B 291 10.43 -8.32 -18.19
C PHE B 291 10.41 -9.09 -19.50
N CYS B 292 9.25 -9.14 -20.14
CA CYS B 292 9.16 -9.86 -21.42
C CYS B 292 10.05 -9.21 -22.47
N ARG B 293 10.04 -7.88 -22.55
CA ARG B 293 10.88 -7.20 -23.53
C ARG B 293 12.36 -7.42 -23.23
N THR B 294 12.75 -7.36 -21.95
CA THR B 294 14.14 -7.56 -21.59
C THR B 294 14.61 -8.98 -21.90
N LEU B 295 13.77 -9.97 -21.59
CA LEU B 295 14.12 -11.35 -21.90
C LEU B 295 14.21 -11.57 -23.41
N GLU B 296 13.31 -10.94 -24.17
CA GLU B 296 13.41 -11.00 -25.63
C GLU B 296 14.74 -10.43 -26.10
N ASP B 297 15.13 -9.27 -25.57
CA ASP B 297 16.37 -8.63 -26.00
C ASP B 297 17.59 -9.46 -25.60
N ILE B 298 17.53 -10.13 -24.45
CA ILE B 298 18.68 -10.89 -23.98
C ILE B 298 18.90 -12.12 -24.85
N LEU B 299 17.85 -12.89 -25.11
CA LEU B 299 17.99 -14.12 -25.88
C LEU B 299 18.38 -13.87 -27.32
N ALA B 300 18.12 -12.67 -27.84
CA ALA B 300 18.50 -12.36 -29.21
C ALA B 300 20.02 -12.39 -29.37
N ASP B 301 20.76 -11.85 -28.40
CA ASP B 301 22.21 -11.77 -28.45
C ASP B 301 22.88 -12.80 -27.55
N ALA B 302 22.14 -13.76 -27.01
CA ALA B 302 22.71 -14.74 -26.10
C ALA B 302 23.32 -15.90 -26.88
N PRO B 303 24.59 -16.25 -26.65
CA PRO B 303 25.16 -17.41 -27.34
C PRO B 303 24.47 -18.72 -27.01
N GLU B 304 23.76 -18.79 -25.88
CA GLU B 304 23.11 -20.03 -25.48
C GLU B 304 21.81 -20.28 -26.24
N SER B 305 21.13 -19.23 -26.68
CA SER B 305 19.85 -19.37 -27.37
C SER B 305 20.09 -19.64 -28.86
N GLN B 306 20.72 -20.78 -29.11
CA GLN B 306 20.95 -21.24 -30.48
C GLN B 306 19.70 -21.90 -31.05
N ASN B 307 18.61 -21.14 -31.10
CA ASN B 307 17.31 -21.60 -31.55
C ASN B 307 16.73 -22.63 -30.59
N ASN B 308 17.19 -22.66 -29.34
CA ASN B 308 16.79 -23.67 -28.37
C ASN B 308 15.62 -23.23 -27.48
N CYS B 309 15.10 -22.01 -27.67
CA CYS B 309 14.02 -21.52 -26.83
C CYS B 309 13.05 -20.73 -27.68
N ARG B 310 11.81 -20.64 -27.20
CA ARG B 310 10.75 -19.89 -27.86
C ARG B 310 9.89 -19.23 -26.79
N LEU B 311 9.82 -17.91 -26.83
CA LEU B 311 9.03 -17.13 -25.87
C LEU B 311 7.63 -16.92 -26.41
N ILE B 312 6.63 -17.16 -25.55
CA ILE B 312 5.23 -17.01 -25.92
C ILE B 312 4.60 -16.06 -24.91
N ALA B 313 4.14 -14.92 -25.39
CA ALA B 313 3.45 -13.92 -24.57
C ALA B 313 1.98 -13.87 -24.98
N TYR B 314 1.11 -13.72 -23.99
CA TYR B 314 -0.32 -13.70 -24.26
C TYR B 314 -1.03 -12.95 -23.13
N GLN B 315 -2.04 -12.18 -23.51
CA GLN B 315 -2.91 -11.50 -22.58
C GLN B 315 -4.29 -12.14 -22.64
N GLU B 316 -4.85 -12.46 -21.50
CA GLU B 316 -6.13 -13.16 -21.45
C GLU B 316 -7.26 -12.21 -21.83
N PRO B 317 -8.02 -12.47 -22.91
CA PRO B 317 -9.13 -11.57 -23.26
C PRO B 317 -10.17 -11.47 -22.15
N SER B 322 -12.55 -17.51 -24.26
CA SER B 322 -12.37 -16.94 -25.59
C SER B 322 -11.08 -17.46 -26.22
N PHE B 323 -9.97 -17.28 -25.51
CA PHE B 323 -8.66 -17.71 -25.99
C PHE B 323 -8.27 -19.02 -25.32
N SER B 324 -7.38 -19.76 -25.98
CA SER B 324 -6.94 -21.06 -25.51
C SER B 324 -5.42 -21.09 -25.50
N LEU B 325 -4.84 -21.46 -24.34
CA LEU B 325 -3.40 -21.57 -24.23
C LEU B 325 -2.87 -22.66 -25.16
N SER B 326 -3.54 -23.80 -25.20
CA SER B 326 -3.11 -24.89 -26.09
C SER B 326 -3.11 -24.43 -27.53
N GLN B 327 -4.10 -23.63 -27.93
CA GLN B 327 -4.13 -23.13 -29.30
C GLN B 327 -2.94 -22.22 -29.58
N GLU B 328 -2.59 -21.37 -28.62
CA GLU B 328 -1.42 -20.50 -28.80
C GLU B 328 -0.14 -21.33 -28.95
N VAL B 329 0.03 -22.34 -28.11
CA VAL B 329 1.24 -23.15 -28.19
C VAL B 329 1.29 -23.92 -29.50
N LEU B 330 0.15 -24.47 -29.93
CA LEU B 330 0.11 -25.20 -31.19
C LEU B 330 0.37 -24.28 -32.37
N ARG B 331 -0.12 -23.03 -32.30
CA ARG B 331 0.16 -22.07 -33.36
C ARG B 331 1.64 -21.75 -33.42
N HIS B 332 2.27 -21.55 -32.26
CA HIS B 332 3.70 -21.26 -32.27
C HIS B 332 4.52 -22.47 -32.70
N LEU B 333 4.01 -23.68 -32.49
CA LEU B 333 4.69 -24.88 -32.95
C LEU B 333 4.57 -25.03 -34.47
N ARG B 334 3.34 -25.10 -34.97
CA ARG B 334 3.11 -25.26 -36.40
C ARG B 334 3.77 -24.15 -37.20
N GLN B 335 3.56 -22.90 -36.79
CA GLN B 335 4.16 -21.76 -37.48
C GLN B 335 5.60 -21.57 -37.06
N SER C 4 -20.57 -1.15 -11.81
CA SER C 4 -21.05 -2.15 -10.87
C SER C 4 -21.84 -3.23 -11.58
N SER C 5 -21.75 -4.46 -11.06
CA SER C 5 -22.47 -5.60 -11.64
C SER C 5 -23.21 -6.43 -10.62
N LEU C 6 -22.85 -6.37 -9.33
CA LEU C 6 -23.55 -7.16 -8.33
C LEU C 6 -25.02 -6.77 -8.23
N HIS C 7 -25.29 -5.47 -8.06
CA HIS C 7 -26.66 -4.99 -7.91
C HIS C 7 -26.65 -3.49 -8.13
N PRO C 8 -27.66 -2.93 -8.80
CA PRO C 8 -27.62 -1.47 -9.05
C PRO C 8 -27.53 -0.64 -7.80
N SER C 9 -28.07 -1.12 -6.68
CA SER C 9 -28.05 -0.37 -5.44
C SER C 9 -26.66 -0.21 -4.85
N ILE C 10 -25.69 -0.99 -5.32
CA ILE C 10 -24.32 -0.93 -4.79
C ILE C 10 -23.66 0.34 -5.32
N PRO C 11 -23.24 1.26 -4.46
CA PRO C 11 -22.58 2.47 -4.95
C PRO C 11 -21.22 2.15 -5.57
N CYS C 12 -20.83 2.97 -6.53
CA CYS C 12 -19.50 2.89 -7.11
C CYS C 12 -18.53 3.77 -6.34
N PRO C 13 -17.23 3.51 -6.44
CA PRO C 13 -16.26 4.35 -5.73
C PRO C 13 -16.36 5.80 -6.18
N ARG C 14 -16.13 6.70 -5.22
CA ARG C 14 -16.23 8.13 -5.51
C ARG C 14 -15.11 8.57 -6.43
N GLY C 15 -15.42 9.53 -7.30
CA GLY C 15 -14.47 10.04 -8.25
C GLY C 15 -13.89 11.39 -7.87
N HIS C 16 -13.55 12.20 -8.88
CA HIS C 16 -12.96 13.51 -8.67
C HIS C 16 -13.91 14.64 -9.05
N GLY C 17 -15.21 14.43 -8.85
CA GLY C 17 -16.18 15.46 -9.19
C GLY C 17 -16.00 16.73 -8.37
N ALA C 18 -15.62 16.56 -7.09
CA ALA C 18 -15.42 17.72 -6.23
C ALA C 18 -14.29 18.61 -6.75
N GLN C 19 -13.22 18.00 -7.26
CA GLN C 19 -12.11 18.78 -7.79
C GLN C 19 -12.52 19.53 -9.06
N LYS C 20 -13.34 18.91 -9.91
CA LYS C 20 -13.82 19.60 -11.10
C LYS C 20 -14.73 20.77 -10.72
N ALA C 21 -15.61 20.56 -9.74
CA ALA C 21 -16.42 21.68 -9.27
C ALA C 21 -15.56 22.78 -8.67
N ALA C 22 -14.48 22.39 -7.97
CA ALA C 22 -13.56 23.39 -7.43
C ALA C 22 -12.89 24.18 -8.54
N LEU C 23 -12.49 23.52 -9.62
CA LEU C 23 -11.88 24.22 -10.74
C LEU C 23 -12.86 25.19 -11.39
N VAL C 24 -14.12 24.76 -11.54
CA VAL C 24 -15.14 25.65 -12.08
C VAL C 24 -15.33 26.86 -11.16
N LEU C 25 -15.37 26.63 -9.86
CA LEU C 25 -15.51 27.73 -8.90
C LEU C 25 -14.32 28.67 -8.98
N LEU C 26 -13.12 28.13 -9.10
CA LEU C 26 -11.92 28.97 -9.22
C LEU C 26 -11.99 29.84 -10.46
N SER C 27 -12.37 29.25 -11.60
CA SER C 27 -12.50 30.02 -12.83
C SER C 27 -13.54 31.12 -12.68
N ALA C 28 -14.69 30.79 -12.10
CA ALA C 28 -15.74 31.77 -11.92
C ALA C 28 -15.28 32.91 -11.01
N CYS C 29 -14.57 32.58 -9.93
CA CYS C 29 -14.12 33.62 -9.01
C CYS C 29 -13.06 34.51 -9.65
N LEU C 30 -12.15 33.92 -10.42
CA LEU C 30 -11.16 34.74 -11.12
C LEU C 30 -11.83 35.66 -12.13
N VAL C 31 -12.81 35.14 -12.88
CA VAL C 31 -13.54 35.97 -13.83
C VAL C 31 -14.26 37.10 -13.11
N THR C 32 -14.87 36.80 -11.95
CA THR C 32 -15.56 37.83 -11.19
C THR C 32 -14.60 38.91 -10.73
N LEU C 33 -13.48 38.52 -10.10
CA LEU C 33 -12.50 39.50 -9.65
C LEU C 33 -12.00 40.35 -10.82
N TRP C 34 -11.77 39.73 -11.98
CA TRP C 34 -11.37 40.49 -13.15
C TRP C 34 -12.45 41.50 -13.55
N GLY C 35 -13.71 41.07 -13.55
CA GLY C 35 -14.79 41.98 -13.92
C GLY C 35 -14.93 43.14 -12.95
N LEU C 36 -14.82 42.87 -11.65
CA LEU C 36 -14.96 43.93 -10.66
C LEU C 36 -13.90 45.01 -10.84
N GLY C 37 -12.79 44.70 -11.51
CA GLY C 37 -11.75 45.68 -11.74
C GLY C 37 -11.16 46.20 -10.45
N GLU C 38 -10.50 45.32 -9.70
CA GLU C 38 -9.91 45.65 -8.42
C GLU C 38 -8.40 45.46 -8.49
N PRO C 39 -7.63 46.25 -7.73
CA PRO C 39 -6.17 46.08 -7.74
C PRO C 39 -5.78 44.63 -7.52
N PRO C 40 -5.19 43.98 -8.52
CA PRO C 40 -4.89 42.55 -8.38
C PRO C 40 -3.94 42.23 -7.24
N GLU C 41 -3.09 43.17 -6.83
CA GLU C 41 -2.20 42.91 -5.71
C GLU C 41 -3.00 42.71 -4.42
N HIS C 42 -4.13 43.43 -4.29
CA HIS C 42 -4.97 43.25 -3.11
C HIS C 42 -5.56 41.85 -3.06
N THR C 43 -5.94 41.30 -4.21
CA THR C 43 -6.47 39.94 -4.25
C THR C 43 -5.48 38.95 -3.66
N LEU C 44 -4.23 38.99 -4.13
CA LEU C 44 -3.20 38.09 -3.61
C LEU C 44 -2.95 38.35 -2.14
N ARG C 45 -2.86 39.62 -1.74
CA ARG C 45 -2.65 39.96 -0.34
C ARG C 45 -3.70 39.31 0.54
N TYR C 46 -4.97 39.51 0.22
CA TYR C 46 -6.05 39.03 1.07
C TYR C 46 -6.18 37.52 1.01
N LEU C 47 -5.90 36.91 -0.15
CA LEU C 47 -5.90 35.45 -0.22
C LEU C 47 -4.83 34.87 0.68
N VAL C 48 -3.63 35.45 0.65
CA VAL C 48 -2.56 34.96 1.52
C VAL C 48 -2.90 35.18 2.98
N LEU C 49 -3.55 36.30 3.30
CA LEU C 49 -3.98 36.53 4.67
C LEU C 49 -5.02 35.50 5.12
N HIS C 50 -5.95 35.15 4.22
CA HIS C 50 -6.95 34.14 4.56
C HIS C 50 -6.30 32.79 4.79
N LEU C 51 -5.34 32.41 3.94
CA LEU C 51 -4.65 31.14 4.13
C LEU C 51 -3.83 31.13 5.41
N ALA C 52 -3.23 32.28 5.75
CA ALA C 52 -2.51 32.39 7.00
C ALA C 52 -3.44 32.22 8.19
N SER C 53 -4.63 32.82 8.12
CA SER C 53 -5.62 32.64 9.17
C SER C 53 -6.00 31.17 9.31
N LEU C 54 -6.19 30.49 8.18
CA LEU C 54 -6.50 29.07 8.21
C LEU C 54 -5.38 28.27 8.88
N GLN C 55 -4.13 28.60 8.55
CA GLN C 55 -3.00 27.90 9.17
C GLN C 55 -2.95 28.13 10.66
N LEU C 56 -3.18 29.37 11.10
CA LEU C 56 -3.15 29.66 12.53
C LEU C 56 -4.30 28.95 13.25
N GLY C 57 -5.48 28.90 12.63
CA GLY C 57 -6.58 28.16 13.21
C GLY C 57 -6.27 26.68 13.33
N LEU C 58 -5.64 26.11 12.30
CA LEU C 58 -5.20 24.72 12.38
C LEU C 58 -4.22 24.52 13.52
N LEU C 59 -3.28 25.44 13.69
CA LEU C 59 -2.32 25.35 14.79
C LEU C 59 -3.03 25.35 16.13
N LEU C 60 -3.99 26.27 16.31
CA LEU C 60 -4.69 26.37 17.59
C LEU C 60 -5.53 25.12 17.87
N ASN C 61 -6.28 24.65 16.88
CA ASN C 61 -7.04 23.42 17.06
C ASN C 61 -6.12 22.23 17.32
N GLY C 62 -4.93 22.24 16.69
CA GLY C 62 -4.01 21.14 16.90
C GLY C 62 -3.45 21.11 18.31
N VAL C 63 -3.12 22.28 18.87
CA VAL C 63 -2.66 22.30 20.26
C VAL C 63 -3.80 21.92 21.19
N CYS C 64 -5.03 22.35 20.88
CA CYS C 64 -6.17 21.96 21.69
C CYS C 64 -6.35 20.44 21.70
N SER C 65 -6.22 19.81 20.53
CA SER C 65 -6.34 18.35 20.46
C SER C 65 -5.15 17.66 21.09
N LEU C 66 -3.97 18.29 21.04
CA LEU C 66 -2.79 17.73 21.68
C LEU C 66 -2.96 17.69 23.18
N ALA C 67 -3.62 18.71 23.74
CA ALA C 67 -3.90 18.70 25.18
C ALA C 67 -4.56 17.40 25.61
N GLU C 68 -5.37 16.80 24.75
CA GLU C 68 -6.03 15.53 25.00
C GLU C 68 -5.19 14.33 24.59
N GLU C 69 -4.55 14.40 23.41
CA GLU C 69 -3.81 13.26 22.90
C GLU C 69 -2.56 12.96 23.71
N LEU C 70 -2.06 13.94 24.47
CA LEU C 70 -0.90 13.70 25.32
C LEU C 70 -1.24 12.74 26.45
N ARG C 71 -2.51 12.62 26.83
CA ARG C 71 -2.91 11.63 27.82
C ARG C 71 -2.84 10.21 27.29
N HIS C 72 -2.79 10.03 25.97
CA HIS C 72 -2.72 8.72 25.34
C HIS C 72 -1.37 8.47 24.70
N ILE C 73 -0.34 9.19 25.15
CA ILE C 73 0.97 9.13 24.50
C ILE C 73 1.59 7.75 24.68
N HIS C 74 1.47 7.17 25.88
CA HIS C 74 2.12 5.91 26.19
C HIS C 74 1.39 4.70 25.64
N SER C 75 0.14 4.84 25.23
CA SER C 75 -0.66 3.74 24.71
C SER C 75 -0.86 3.84 23.20
N ARG C 76 -1.08 5.05 22.67
CA ARG C 76 -1.30 5.23 21.25
C ARG C 76 -0.02 5.52 20.48
N TYR C 77 0.87 6.34 21.05
CA TYR C 77 2.01 6.89 20.33
C TYR C 77 3.35 6.46 20.91
N ARG C 78 3.41 5.29 21.54
CA ARG C 78 4.68 4.70 21.99
C ARG C 78 5.44 5.65 22.92
N GLY C 79 4.70 6.36 23.76
CA GLY C 79 5.35 7.27 24.70
C GLY C 79 6.20 8.34 24.07
N SER C 80 5.96 8.66 22.79
CA SER C 80 6.74 9.63 22.05
C SER C 80 5.92 10.91 21.88
N TYR C 81 6.52 12.05 22.22
CA TYR C 81 5.86 13.33 22.03
C TYR C 81 5.89 13.77 20.58
N TRP C 82 6.94 13.40 19.84
CA TRP C 82 7.01 13.76 18.43
C TRP C 82 5.88 13.12 17.65
N ARG C 83 5.60 11.84 17.91
CA ARG C 83 4.51 11.17 17.21
C ARG C 83 3.16 11.81 17.55
N THR C 84 2.95 12.18 18.80
CA THR C 84 1.71 12.83 19.19
C THR C 84 1.55 14.17 18.48
N VAL C 85 2.62 14.98 18.49
CA VAL C 85 2.57 16.27 17.80
C VAL C 85 2.30 16.08 16.32
N ARG C 86 2.90 15.06 15.71
CA ARG C 86 2.66 14.79 14.30
C ARG C 86 1.20 14.40 14.07
N ALA C 87 0.63 13.60 14.97
CA ALA C 87 -0.76 13.21 14.83
C ALA C 87 -1.70 14.39 15.02
N CYS C 88 -1.30 15.39 15.79
CA CYS C 88 -2.17 16.53 16.06
C CYS C 88 -1.97 17.69 15.10
N LEU C 89 -0.83 17.75 14.40
CA LEU C 89 -0.51 18.89 13.55
C LEU C 89 0.11 18.47 12.22
N GLY C 90 -0.11 17.23 11.78
CA GLY C 90 0.51 16.79 10.55
C GLY C 90 2.03 16.80 10.70
N CYS C 91 2.71 16.99 9.57
CA CYS C 91 4.16 17.03 9.59
C CYS C 91 4.62 18.33 10.25
N PRO C 92 5.34 18.27 11.38
CA PRO C 92 5.72 19.53 12.05
C PRO C 92 6.55 20.45 11.20
N LEU C 93 7.38 19.93 10.30
CA LEU C 93 8.24 20.79 9.50
C LEU C 93 7.42 21.66 8.55
N ARG C 94 6.50 21.05 7.81
CA ARG C 94 5.65 21.81 6.89
C ARG C 94 4.78 22.80 7.65
N ARG C 95 4.19 22.37 8.76
CA ARG C 95 3.34 23.25 9.54
C ARG C 95 4.13 24.45 10.07
N GLY C 96 5.34 24.20 10.57
CA GLY C 96 6.18 25.29 11.04
C GLY C 96 6.57 26.24 9.92
N ALA C 97 6.90 25.70 8.75
CA ALA C 97 7.26 26.54 7.62
C ALA C 97 6.10 27.45 7.23
N LEU C 98 4.89 26.88 7.14
CA LEU C 98 3.73 27.69 6.77
C LEU C 98 3.36 28.67 7.87
N LEU C 99 3.57 28.31 9.13
CA LEU C 99 3.35 29.25 10.23
C LEU C 99 4.30 30.43 10.14
N LEU C 100 5.58 30.17 9.86
CA LEU C 100 6.55 31.26 9.72
C LEU C 100 6.20 32.13 8.53
N LEU C 101 5.77 31.52 7.42
CA LEU C 101 5.33 32.30 6.27
C LEU C 101 4.14 33.19 6.63
N SER C 102 3.17 32.63 7.36
CA SER C 102 2.02 33.42 7.79
C SER C 102 2.46 34.61 8.63
N ILE C 103 3.32 34.36 9.62
CA ILE C 103 3.78 35.45 10.49
C ILE C 103 4.50 36.51 9.68
N TYR C 104 5.41 36.09 8.79
CA TYR C 104 6.18 37.03 7.99
C TYR C 104 5.31 37.85 7.06
N PHE C 105 4.30 37.24 6.44
CA PHE C 105 3.47 37.93 5.46
C PHE C 105 2.23 38.57 6.05
N TYR C 106 2.03 38.48 7.37
CA TYR C 106 0.98 39.23 8.03
C TYR C 106 1.52 40.49 8.69
N TYR C 107 2.53 40.35 9.55
CA TYR C 107 3.17 41.50 10.17
C TYR C 107 3.71 42.47 9.13
N SER C 108 4.01 41.99 7.93
CA SER C 108 4.71 42.77 6.92
C SER C 108 3.80 43.34 5.84
N LEU C 109 2.77 42.60 5.45
CA LEU C 109 1.85 43.11 4.43
C LEU C 109 0.85 44.07 5.07
N PRO C 110 0.51 45.21 4.43
CA PRO C 110 -0.48 46.13 4.99
C PRO C 110 -1.82 45.44 5.27
N PRO C 116 -2.79 44.52 13.54
CA PRO C 116 -1.99 43.89 14.60
C PRO C 116 -1.99 42.36 14.47
N PHE C 117 -0.83 41.74 14.64
CA PHE C 117 -0.76 40.28 14.59
C PHE C 117 -1.32 39.66 15.86
N THR C 118 -1.09 40.29 17.01
CA THR C 118 -1.55 39.73 18.27
C THR C 118 -3.07 39.79 18.38
N TRP C 119 -3.68 40.88 17.93
CA TRP C 119 -5.13 40.97 17.95
C TRP C 119 -5.76 39.93 17.01
N MET C 120 -5.19 39.77 15.82
CA MET C 120 -5.69 38.75 14.90
C MET C 120 -5.53 37.36 15.51
N LEU C 121 -4.40 37.10 16.16
CA LEU C 121 -4.20 35.81 16.80
C LEU C 121 -5.23 35.57 17.90
N ALA C 122 -5.51 36.59 18.71
CA ALA C 122 -6.51 36.45 19.76
C ALA C 122 -7.88 36.18 19.16
N LEU C 123 -8.23 36.88 18.07
CA LEU C 123 -9.53 36.68 17.45
C LEU C 123 -9.65 35.28 16.87
N LEU C 124 -8.61 34.80 16.20
CA LEU C 124 -8.63 33.44 15.66
C LEU C 124 -8.74 32.41 16.77
N GLY C 125 -8.01 32.61 17.87
CA GLY C 125 -8.12 31.70 19.00
C GLY C 125 -9.50 31.72 19.61
N LEU C 126 -10.12 32.89 19.70
CA LEU C 126 -11.49 32.99 20.20
C LEU C 126 -12.44 32.21 19.30
N SER C 127 -12.30 32.38 17.99
CA SER C 127 -13.16 31.66 17.06
C SER C 127 -12.96 30.15 17.17
N GLN C 128 -11.71 29.71 17.28
CA GLN C 128 -11.45 28.27 17.39
C GLN C 128 -12.00 27.71 18.70
N ALA C 129 -11.85 28.44 19.80
CA ALA C 129 -12.41 27.99 21.06
C ALA C 129 -13.93 27.94 20.99
N LEU C 130 -14.55 28.92 20.34
CA LEU C 130 -16.00 28.90 20.19
C LEU C 130 -16.45 27.69 19.37
N ASN C 131 -15.71 27.37 18.30
CA ASN C 131 -16.07 26.22 17.48
C ASN C 131 -15.89 24.92 18.25
N ILE C 132 -14.81 24.80 19.02
CA ILE C 132 -14.54 23.56 19.73
C ILE C 132 -15.55 23.36 20.86
N LEU C 133 -15.77 24.40 21.67
CA LEU C 133 -16.66 24.27 22.81
C LEU C 133 -18.09 23.96 22.38
N LEU C 134 -18.57 24.63 21.33
CA LEU C 134 -19.92 24.44 20.84
C LEU C 134 -20.04 23.25 19.88
N GLY C 135 -18.94 22.56 19.59
CA GLY C 135 -18.99 21.41 18.71
C GLY C 135 -19.39 21.75 17.29
N LEU C 136 -18.83 22.80 16.73
CA LEU C 136 -19.14 23.24 15.37
C LEU C 136 -18.22 22.64 14.33
N LYS C 137 -17.24 21.85 14.74
CA LYS C 137 -16.27 21.24 13.83
C LYS C 137 -16.75 19.91 13.27
N GLY C 138 -17.97 19.50 13.55
CA GLY C 138 -18.49 18.24 13.06
C GLY C 138 -18.43 18.13 11.55
N LEU C 139 -17.86 17.05 11.06
CA LEU C 139 -17.77 16.84 9.62
C LEU C 139 -19.14 16.49 9.05
N ALA C 140 -19.37 16.90 7.81
CA ALA C 140 -20.60 16.58 7.13
C ALA C 140 -20.65 15.08 6.84
N PRO C 141 -21.86 14.51 6.75
CA PRO C 141 -21.95 13.05 6.49
C PRO C 141 -21.21 12.62 5.24
N ALA C 142 -21.27 13.41 4.17
CA ALA C 142 -20.58 13.04 2.94
C ALA C 142 -19.07 13.05 3.15
N GLU C 143 -18.55 14.06 3.85
CA GLU C 143 -17.12 14.10 4.13
C GLU C 143 -16.69 12.91 4.98
N ILE C 144 -17.49 12.57 5.99
CA ILE C 144 -17.17 11.43 6.85
C ILE C 144 -17.15 10.15 6.02
N SER C 145 -18.16 9.95 5.17
CA SER C 145 -18.21 8.74 4.36
C SER C 145 -17.04 8.67 3.40
N ALA C 146 -16.66 9.80 2.80
CA ALA C 146 -15.52 9.82 1.89
C ALA C 146 -14.23 9.48 2.63
N VAL C 147 -14.05 10.04 3.82
CA VAL C 147 -12.86 9.76 4.62
C VAL C 147 -12.83 8.29 5.01
N CYS C 148 -13.99 7.71 5.31
CA CYS C 148 -14.04 6.31 5.73
C CYS C 148 -13.73 5.37 4.57
N GLU C 149 -14.34 5.61 3.40
CA GLU C 149 -14.08 4.76 2.25
C GLU C 149 -12.65 4.91 1.75
N LYS C 150 -12.12 6.13 1.77
CA LYS C 150 -10.76 6.37 1.32
C LYS C 150 -9.77 5.57 2.15
N GLY C 151 -9.85 5.70 3.48
CA GLY C 151 -8.97 5.00 4.39
C GLY C 151 -9.50 3.68 4.88
N ASN C 152 -10.63 3.22 4.35
CA ASN C 152 -11.21 1.94 4.73
C ASN C 152 -11.50 1.89 6.24
N PHE C 153 -12.06 2.99 6.76
CA PHE C 153 -12.53 3.02 8.15
C PHE C 153 -13.98 2.57 8.17
N ASN C 154 -14.16 1.25 8.06
CA ASN C 154 -15.50 0.69 7.94
C ASN C 154 -15.48 -0.73 8.49
N VAL C 155 -16.58 -1.12 9.14
CA VAL C 155 -16.71 -2.48 9.64
C VAL C 155 -16.84 -3.47 8.48
N ALA C 156 -17.51 -3.06 7.41
CA ALA C 156 -17.76 -3.97 6.29
C ALA C 156 -16.46 -4.42 5.65
N HIS C 157 -15.47 -3.54 5.56
CA HIS C 157 -14.17 -3.92 5.01
C HIS C 157 -13.57 -5.07 5.81
N GLY C 158 -13.53 -4.92 7.14
CA GLY C 158 -12.98 -5.98 7.97
C GLY C 158 -13.79 -7.25 7.90
N LEU C 159 -15.12 -7.14 7.84
CA LEU C 159 -15.96 -8.33 7.74
C LEU C 159 -15.71 -9.08 6.43
N ALA C 160 -15.59 -8.35 5.32
CA ALA C 160 -15.33 -9.00 4.04
C ALA C 160 -13.95 -9.66 4.03
N TRP C 161 -12.95 -8.97 4.57
CA TRP C 161 -11.62 -9.58 4.62
C TRP C 161 -11.57 -10.77 5.57
N SER C 162 -12.39 -10.76 6.62
CA SER C 162 -12.47 -11.93 7.50
C SER C 162 -13.16 -13.08 6.79
N TYR C 163 -14.20 -12.79 6.02
CA TYR C 163 -14.91 -13.83 5.28
C TYR C 163 -13.99 -14.48 4.25
N TYR C 164 -13.20 -13.67 3.53
CA TYR C 164 -12.28 -14.24 2.55
C TYR C 164 -11.13 -14.97 3.23
N ILE C 165 -10.50 -14.33 4.22
CA ILE C 165 -9.31 -14.90 4.83
C ILE C 165 -9.65 -16.12 5.68
N GLY C 166 -10.77 -16.07 6.40
CA GLY C 166 -11.08 -17.10 7.36
C GLY C 166 -11.88 -18.26 6.81
N TYR C 167 -12.73 -18.00 5.82
CA TYR C 167 -13.63 -19.03 5.30
C TYR C 167 -13.33 -19.37 3.85
N LEU C 168 -13.39 -18.39 2.93
CA LEU C 168 -13.32 -18.71 1.51
C LEU C 168 -11.92 -19.17 1.11
N ARG C 169 -10.89 -18.47 1.57
CA ARG C 169 -9.52 -18.83 1.22
C ARG C 169 -9.17 -20.25 1.65
N LEU C 170 -9.87 -20.81 2.62
CA LEU C 170 -9.61 -22.15 3.12
C LEU C 170 -10.66 -23.17 2.69
N ILE C 171 -11.64 -22.77 1.89
CA ILE C 171 -12.72 -23.65 1.45
C ILE C 171 -12.74 -23.79 -0.07
N LEU C 172 -12.67 -22.68 -0.79
CA LEU C 172 -12.79 -22.74 -2.24
C LEU C 172 -11.72 -23.62 -2.88
N PRO C 173 -10.45 -23.56 -2.47
CA PRO C 173 -9.45 -24.44 -3.12
C PRO C 173 -9.79 -25.91 -3.03
N GLU C 174 -10.40 -26.35 -1.93
CA GLU C 174 -10.76 -27.75 -1.73
C GLU C 174 -12.25 -27.99 -1.91
N LEU C 175 -12.90 -27.18 -2.73
CA LEU C 175 -14.34 -27.30 -2.96
C LEU C 175 -14.65 -28.28 -4.07
N GLN C 176 -13.90 -28.24 -5.16
CA GLN C 176 -14.14 -29.16 -6.27
C GLN C 176 -13.88 -30.60 -5.85
N ALA C 177 -12.86 -30.84 -5.03
CA ALA C 177 -12.56 -32.20 -4.59
C ALA C 177 -13.73 -32.79 -3.81
N ARG C 178 -14.26 -32.03 -2.86
CA ARG C 178 -15.38 -32.54 -2.05
C ARG C 178 -16.62 -32.76 -2.92
N ILE C 179 -16.87 -31.86 -3.86
CA ILE C 179 -18.03 -32.01 -4.74
C ILE C 179 -17.88 -33.27 -5.59
N ARG C 180 -16.69 -33.52 -6.13
CA ARG C 180 -16.48 -34.73 -6.92
C ARG C 180 -16.60 -35.97 -6.06
N THR C 181 -16.10 -35.92 -4.83
CA THR C 181 -16.26 -37.06 -3.92
C THR C 181 -17.72 -37.35 -3.64
N TYR C 182 -18.52 -36.29 -3.40
CA TYR C 182 -19.94 -36.49 -3.15
C TYR C 182 -20.64 -37.05 -4.38
N ASN C 183 -20.27 -36.56 -5.57
CA ASN C 183 -20.88 -37.08 -6.80
C ASN C 183 -20.54 -38.54 -6.99
N GLN C 184 -19.29 -38.94 -6.71
CA GLN C 184 -18.91 -40.34 -6.82
C GLN C 184 -19.65 -41.21 -5.81
N HIS C 185 -19.72 -40.77 -4.56
CA HIS C 185 -20.36 -41.54 -3.50
C HIS C 185 -21.86 -41.28 -3.41
N TYR C 186 -22.47 -40.73 -4.45
CA TYR C 186 -23.90 -40.44 -4.43
C TYR C 186 -24.41 -40.17 -5.84
N GLY C 192 -26.50 -35.42 -6.35
CA GLY C 192 -26.76 -35.47 -7.78
C GLY C 192 -25.83 -34.58 -8.58
N ALA C 193 -26.38 -33.92 -9.60
CA ALA C 193 -25.60 -33.03 -10.47
C ALA C 193 -25.51 -31.65 -9.82
N VAL C 194 -24.82 -31.61 -8.69
CA VAL C 194 -24.62 -30.36 -7.96
C VAL C 194 -23.74 -29.44 -8.80
N SER C 195 -24.12 -28.17 -8.89
CA SER C 195 -23.30 -27.20 -9.60
C SER C 195 -21.92 -27.12 -8.96
N GLN C 196 -20.91 -26.99 -9.79
CA GLN C 196 -19.52 -27.08 -9.34
C GLN C 196 -19.01 -25.71 -8.87
N ARG C 197 -19.77 -25.11 -7.95
CA ARG C 197 -19.44 -23.79 -7.43
C ARG C 197 -20.18 -23.57 -6.12
N LEU C 198 -19.70 -22.59 -5.35
CA LEU C 198 -20.34 -22.18 -4.11
C LEU C 198 -21.06 -20.86 -4.36
N TYR C 199 -22.35 -20.82 -4.06
CA TYR C 199 -23.19 -19.65 -4.29
C TYR C 199 -23.49 -18.98 -2.96
N ILE C 200 -23.09 -17.72 -2.83
CA ILE C 200 -23.22 -16.97 -1.59
C ILE C 200 -24.32 -15.93 -1.76
N LEU C 201 -25.32 -15.99 -0.89
CA LEU C 201 -26.40 -15.03 -0.89
C LEU C 201 -26.01 -13.79 -0.09
N LEU C 202 -26.36 -12.62 -0.61
CA LEU C 202 -26.00 -11.34 -0.01
C LEU C 202 -27.25 -10.47 0.13
N PRO C 203 -28.13 -10.82 1.06
CA PRO C 203 -29.29 -9.97 1.32
C PRO C 203 -28.89 -8.60 1.87
N LEU C 204 -29.12 -7.55 1.08
CA LEU C 204 -28.71 -6.22 1.50
C LEU C 204 -29.52 -5.74 2.71
N ASP C 205 -30.69 -6.33 2.95
CA ASP C 205 -31.40 -6.06 4.19
C ASP C 205 -30.81 -6.80 5.38
N CYS C 206 -29.85 -7.70 5.14
CA CYS C 206 -29.21 -8.48 6.19
C CYS C 206 -30.19 -9.38 6.92
N GLY C 207 -31.30 -9.73 6.28
CA GLY C 207 -32.24 -10.68 6.83
C GLY C 207 -31.82 -12.12 6.56
N VAL C 208 -30.84 -12.60 7.32
CA VAL C 208 -30.25 -13.91 7.10
C VAL C 208 -30.88 -14.93 8.04
N PRO C 209 -31.86 -15.72 7.60
CA PRO C 209 -32.38 -16.79 8.45
C PRO C 209 -31.41 -17.97 8.51
N ASP C 210 -31.46 -18.70 9.62
CA ASP C 210 -30.63 -19.88 9.78
C ASP C 210 -31.11 -21.05 8.92
N ASN C 211 -32.28 -20.94 8.31
CA ASN C 211 -32.82 -22.00 7.46
C ASN C 211 -33.24 -21.41 6.13
N LEU C 212 -32.68 -21.93 5.04
CA LEU C 212 -33.04 -21.44 3.71
C LEU C 212 -34.45 -21.86 3.31
N SER C 213 -35.01 -22.88 3.96
CA SER C 213 -36.36 -23.32 3.64
C SER C 213 -37.43 -22.37 4.19
N MET C 214 -37.11 -21.62 5.24
CA MET C 214 -38.06 -20.65 5.77
C MET C 214 -38.15 -19.40 4.92
N ALA C 215 -37.16 -19.15 4.06
CA ALA C 215 -37.24 -18.02 3.14
C ALA C 215 -38.08 -18.37 1.93
N ASP C 216 -37.67 -19.40 1.19
CA ASP C 216 -38.41 -19.90 0.04
C ASP C 216 -38.67 -21.39 0.23
N PRO C 217 -39.93 -21.84 0.26
CA PRO C 217 -40.18 -23.29 0.38
C PRO C 217 -39.56 -24.10 -0.74
N ASN C 218 -39.43 -23.51 -1.93
CA ASN C 218 -38.84 -24.22 -3.06
C ASN C 218 -37.41 -24.65 -2.75
N ILE C 219 -36.68 -23.83 -2.01
CA ILE C 219 -35.34 -24.18 -1.57
C ILE C 219 -35.44 -25.19 -0.45
N ARG C 220 -35.10 -26.45 -0.74
CA ARG C 220 -35.20 -27.53 0.23
C ARG C 220 -33.81 -28.09 0.51
N PHE C 221 -33.70 -28.81 1.63
CA PHE C 221 -32.42 -29.27 2.11
C PHE C 221 -32.10 -30.65 1.58
N LEU C 222 -31.03 -30.75 0.79
CA LEU C 222 -30.50 -32.03 0.35
C LEU C 222 -29.43 -32.49 1.32
N ASP C 223 -28.61 -33.47 0.94
CA ASP C 223 -27.57 -33.97 1.82
C ASP C 223 -26.47 -32.92 1.97
N LYS C 224 -25.38 -33.26 2.64
CA LYS C 224 -24.32 -32.30 2.90
C LYS C 224 -22.99 -32.86 2.41
N LEU C 225 -22.07 -31.96 2.08
CA LEU C 225 -20.75 -32.35 1.63
C LEU C 225 -19.93 -32.89 2.79
N PRO C 226 -18.90 -33.69 2.51
CA PRO C 226 -18.05 -34.20 3.59
C PRO C 226 -17.35 -33.06 4.33
N GLN C 227 -17.21 -33.22 5.64
CA GLN C 227 -16.63 -32.18 6.47
C GLN C 227 -15.18 -31.92 6.07
N GLN C 228 -14.77 -30.65 6.15
CA GLN C 228 -13.40 -30.24 5.96
C GLN C 228 -12.81 -29.86 7.31
N THR C 229 -11.65 -30.43 7.64
CA THR C 229 -11.05 -30.26 8.95
C THR C 229 -9.67 -29.61 8.82
N GLY C 230 -9.39 -28.69 9.74
CA GLY C 230 -8.09 -28.05 9.79
C GLY C 230 -7.87 -27.41 11.14
N ASP C 231 -6.61 -27.30 11.52
CA ASP C 231 -6.23 -26.67 12.77
C ASP C 231 -6.20 -25.16 12.58
N ARG C 232 -7.03 -24.44 13.34
CA ARG C 232 -7.20 -23.01 13.20
C ARG C 232 -7.22 -22.35 14.57
N ALA C 233 -6.35 -21.37 14.77
CA ALA C 233 -6.34 -20.53 15.96
C ALA C 233 -6.37 -21.38 17.23
N GLY C 234 -5.48 -22.38 17.25
CA GLY C 234 -5.36 -23.24 18.40
C GLY C 234 -6.53 -24.16 18.65
N ILE C 235 -7.34 -24.43 17.63
CA ILE C 235 -8.47 -25.35 17.72
C ILE C 235 -8.15 -26.52 16.80
N LYS C 236 -8.02 -27.71 17.37
CA LYS C 236 -7.62 -28.88 16.61
C LYS C 236 -8.80 -29.39 15.79
N ASP C 237 -8.58 -29.58 14.48
CA ASP C 237 -9.59 -30.13 13.59
C ASP C 237 -10.86 -29.29 13.62
N ARG C 238 -10.72 -28.01 13.27
CA ARG C 238 -11.89 -27.15 13.13
C ARG C 238 -12.68 -27.57 11.89
N VAL C 239 -13.99 -27.65 12.05
CA VAL C 239 -14.86 -28.27 11.05
C VAL C 239 -15.49 -27.19 10.19
N TYR C 240 -15.52 -27.44 8.89
CA TYR C 240 -16.22 -26.60 7.92
C TYR C 240 -17.19 -27.49 7.15
N SER C 241 -18.47 -27.17 7.23
CA SER C 241 -19.52 -27.97 6.62
C SER C 241 -20.30 -27.13 5.61
N ASN C 242 -20.43 -27.64 4.40
CA ASN C 242 -21.21 -27.01 3.34
C ASN C 242 -22.40 -27.88 3.00
N SER C 243 -23.58 -27.28 2.99
CA SER C 243 -24.83 -27.99 2.76
C SER C 243 -25.23 -27.89 1.30
N ILE C 244 -25.91 -28.92 0.80
CA ILE C 244 -26.41 -28.97 -0.57
C ILE C 244 -27.91 -28.85 -0.52
N TYR C 245 -28.47 -28.00 -1.38
CA TYR C 245 -29.90 -27.70 -1.38
C TYR C 245 -30.48 -27.99 -2.75
N GLU C 246 -31.74 -28.43 -2.76
CA GLU C 246 -32.47 -28.71 -4.00
C GLU C 246 -33.34 -27.51 -4.35
N LEU C 247 -33.30 -27.10 -5.61
CA LEU C 247 -34.07 -25.97 -6.11
C LEU C 247 -35.31 -26.52 -6.80
N LEU C 248 -36.48 -26.22 -6.25
CA LEU C 248 -37.75 -26.71 -6.78
C LEU C 248 -38.37 -25.64 -7.67
N GLU C 249 -38.78 -26.04 -8.87
CA GLU C 249 -39.54 -25.19 -9.77
C GLU C 249 -40.87 -25.85 -10.07
N ASN C 250 -41.96 -25.10 -9.88
CA ASN C 250 -43.31 -25.62 -10.03
C ASN C 250 -43.45 -27.00 -9.39
N GLY C 251 -42.84 -27.18 -8.23
CA GLY C 251 -42.90 -28.44 -7.51
C GLY C 251 -41.91 -29.48 -7.97
N GLN C 252 -41.18 -29.23 -9.06
CA GLN C 252 -40.22 -30.18 -9.59
C GLN C 252 -38.81 -29.62 -9.47
N ARG C 253 -37.85 -30.51 -9.22
CA ARG C 253 -36.46 -30.10 -9.07
C ARG C 253 -35.94 -29.52 -10.37
N ALA C 254 -35.16 -28.44 -10.26
CA ALA C 254 -34.59 -27.77 -11.41
C ALA C 254 -33.07 -27.76 -11.41
N GLY C 255 -32.44 -27.56 -10.26
CA GLY C 255 -31.00 -27.54 -10.17
C GLY C 255 -30.53 -27.74 -8.75
N THR C 256 -29.27 -28.16 -8.64
CA THR C 256 -28.62 -28.40 -7.37
C THR C 256 -27.36 -27.57 -7.27
N CYS C 257 -27.10 -27.03 -6.08
CA CYS C 257 -25.93 -26.20 -5.86
C CYS C 257 -25.64 -26.13 -4.37
N VAL C 258 -24.40 -25.78 -4.06
CA VAL C 258 -23.97 -25.56 -2.68
C VAL C 258 -24.33 -24.11 -2.34
N LEU C 259 -25.32 -23.93 -1.48
CA LEU C 259 -25.89 -22.63 -1.19
C LEU C 259 -25.70 -22.28 0.29
N GLU C 260 -25.56 -20.99 0.56
CA GLU C 260 -25.34 -20.51 1.91
C GLU C 260 -25.43 -18.99 1.93
N TYR C 261 -25.99 -18.46 3.00
CA TYR C 261 -25.99 -17.02 3.21
C TYR C 261 -24.60 -16.55 3.65
N ALA C 262 -24.34 -15.26 3.45
CA ALA C 262 -23.14 -14.64 3.98
C ALA C 262 -23.37 -14.30 5.45
N THR C 263 -22.60 -14.93 6.33
CA THR C 263 -22.82 -14.85 7.76
C THR C 263 -22.56 -13.45 8.31
N PRO C 264 -21.52 -12.74 7.85
CA PRO C 264 -21.28 -11.39 8.39
C PRO C 264 -22.49 -10.47 8.30
N LEU C 265 -23.43 -10.74 7.41
CA LEU C 265 -24.66 -9.97 7.38
C LEU C 265 -25.47 -10.17 8.65
N GLN C 266 -25.40 -11.36 9.25
CA GLN C 266 -26.05 -11.56 10.54
C GLN C 266 -25.44 -10.65 11.60
N THR C 267 -24.11 -10.51 11.59
CA THR C 267 -23.45 -9.60 12.52
C THR C 267 -23.88 -8.16 12.25
N LEU C 268 -23.95 -7.77 10.98
CA LEU C 268 -24.39 -6.42 10.65
C LEU C 268 -25.81 -6.16 11.16
N PHE C 269 -26.70 -7.15 11.00
CA PHE C 269 -28.07 -6.99 11.46
C PHE C 269 -28.13 -6.89 12.97
N ALA C 270 -27.44 -7.80 13.67
CA ALA C 270 -27.50 -7.82 15.13
C ALA C 270 -26.91 -6.54 15.71
N MET C 271 -25.82 -6.05 15.13
CA MET C 271 -25.22 -4.80 15.61
C MET C 271 -26.20 -3.66 15.57
N SER C 272 -27.16 -3.70 14.64
CA SER C 272 -28.21 -2.69 14.61
C SER C 272 -29.28 -2.92 15.67
N GLN C 273 -29.26 -4.07 16.35
CA GLN C 273 -30.21 -4.37 17.40
C GLN C 273 -29.65 -4.09 18.80
N TYR C 274 -28.33 -4.08 18.96
CA TYR C 274 -27.69 -3.78 20.23
C TYR C 274 -27.33 -2.30 20.26
N SER C 275 -27.83 -1.59 21.27
CA SER C 275 -27.49 -0.17 21.42
C SER C 275 -26.01 0.00 21.74
N GLN C 276 -25.40 -0.99 22.39
CA GLN C 276 -23.98 -0.90 22.73
C GLN C 276 -23.09 -0.86 21.51
N ALA C 277 -23.61 -1.23 20.34
CA ALA C 277 -22.81 -1.24 19.11
C ALA C 277 -22.78 0.14 18.44
N GLY C 278 -23.70 1.02 18.76
CA GLY C 278 -23.76 2.33 18.12
C GLY C 278 -23.87 2.21 16.62
N PHE C 279 -24.77 1.32 16.17
CA PHE C 279 -24.91 0.98 14.75
C PHE C 279 -26.35 1.17 14.34
N SER C 280 -26.59 2.11 13.43
CA SER C 280 -27.94 2.40 12.97
C SER C 280 -28.29 1.53 11.77
N ARG C 281 -29.56 1.62 11.34
CA ARG C 281 -30.04 0.82 10.23
C ARG C 281 -29.57 1.38 8.89
N GLU C 282 -29.50 2.70 8.75
CA GLU C 282 -28.89 3.28 7.57
C GLU C 282 -27.43 2.85 7.45
N ASP C 283 -26.72 2.87 8.59
CA ASP C 283 -25.37 2.32 8.61
C ASP C 283 -25.37 0.85 8.24
N ARG C 284 -26.38 0.10 8.68
CA ARG C 284 -26.49 -1.31 8.32
C ARG C 284 -26.55 -1.49 6.81
N LEU C 285 -27.44 -0.75 6.15
CA LEU C 285 -27.58 -0.88 4.70
C LEU C 285 -26.30 -0.45 3.98
N GLU C 286 -25.73 0.69 4.39
CA GLU C 286 -24.52 1.17 3.73
C GLU C 286 -23.38 0.18 3.90
N GLN C 287 -23.21 -0.38 5.10
CA GLN C 287 -22.13 -1.32 5.34
C GLN C 287 -22.39 -2.65 4.64
N ALA C 288 -23.65 -3.06 4.49
CA ALA C 288 -23.94 -4.27 3.74
C ALA C 288 -23.54 -4.11 2.29
N LYS C 289 -23.92 -2.98 1.68
CA LYS C 289 -23.54 -2.75 0.29
C LYS C 289 -22.03 -2.61 0.14
N LEU C 290 -21.38 -1.96 1.11
CA LEU C 290 -19.92 -1.85 1.08
C LEU C 290 -19.27 -3.22 1.22
N PHE C 291 -19.84 -4.09 2.07
CA PHE C 291 -19.34 -5.45 2.20
C PHE C 291 -19.45 -6.20 0.89
N CYS C 292 -20.59 -6.09 0.20
CA CYS C 292 -20.73 -6.75 -1.09
C CYS C 292 -19.68 -6.25 -2.07
N ARG C 293 -19.53 -4.92 -2.16
CA ARG C 293 -18.56 -4.35 -3.09
C ARG C 293 -17.15 -4.82 -2.77
N THR C 294 -16.77 -4.81 -1.49
CA THR C 294 -15.41 -5.19 -1.12
C THR C 294 -15.17 -6.68 -1.34
N LEU C 295 -16.16 -7.51 -1.08
CA LEU C 295 -16.02 -8.94 -1.34
C LEU C 295 -15.86 -9.21 -2.83
N GLU C 296 -16.64 -8.52 -3.67
CA GLU C 296 -16.48 -8.67 -5.11
C GLU C 296 -15.09 -8.24 -5.55
N ASP C 297 -14.61 -7.11 -5.03
CA ASP C 297 -13.27 -6.64 -5.39
C ASP C 297 -12.20 -7.64 -4.95
N ILE C 298 -12.36 -8.23 -3.77
CA ILE C 298 -11.39 -9.20 -3.28
C ILE C 298 -11.38 -10.44 -4.16
N LEU C 299 -12.57 -10.95 -4.49
CA LEU C 299 -12.64 -12.17 -5.30
C LEU C 299 -12.17 -11.93 -6.72
N ALA C 300 -12.31 -10.70 -7.23
CA ALA C 300 -11.85 -10.41 -8.58
C ALA C 300 -10.36 -10.71 -8.73
N ASP C 301 -9.55 -10.26 -7.78
CA ASP C 301 -8.10 -10.45 -7.83
C ASP C 301 -7.65 -11.66 -7.01
N ALA C 302 -8.56 -12.40 -6.41
CA ALA C 302 -8.18 -13.54 -5.58
C ALA C 302 -7.81 -14.72 -6.47
N PRO C 303 -6.62 -15.32 -6.32
CA PRO C 303 -6.28 -16.49 -7.14
C PRO C 303 -7.08 -17.74 -6.79
N GLU C 304 -7.58 -17.85 -5.55
CA GLU C 304 -8.34 -19.03 -5.17
C GLU C 304 -9.62 -19.15 -5.99
N SER C 305 -10.29 -18.04 -6.26
CA SER C 305 -11.56 -18.04 -6.98
C SER C 305 -11.30 -18.28 -8.46
N GLN C 306 -10.96 -19.52 -8.78
CA GLN C 306 -10.83 -19.96 -10.17
C GLN C 306 -12.19 -20.43 -10.71
N ASN C 307 -13.15 -19.51 -10.63
CA ASN C 307 -14.53 -19.80 -10.99
C ASN C 307 -15.19 -20.77 -9.99
N ASN C 308 -14.82 -20.64 -8.72
CA ASN C 308 -15.32 -21.51 -7.66
C ASN C 308 -16.40 -20.86 -6.80
N CYS C 309 -16.74 -19.60 -7.05
CA CYS C 309 -17.70 -18.90 -6.21
C CYS C 309 -18.49 -17.91 -7.03
N ARG C 310 -19.75 -17.75 -6.68
CA ARG C 310 -20.62 -16.73 -7.25
C ARG C 310 -21.32 -15.97 -6.14
N LEU C 311 -21.39 -14.66 -6.31
CA LEU C 311 -22.04 -13.77 -5.35
C LEU C 311 -23.42 -13.40 -5.88
N ILE C 312 -24.44 -13.58 -5.03
CA ILE C 312 -25.82 -13.32 -5.40
C ILE C 312 -26.34 -12.26 -4.43
N ALA C 313 -26.34 -11.01 -4.87
CA ALA C 313 -26.87 -9.90 -4.09
C ALA C 313 -28.26 -9.58 -4.58
N TYR C 314 -29.20 -9.44 -3.64
CA TYR C 314 -30.60 -9.19 -3.98
C TYR C 314 -31.21 -8.27 -2.94
N GLN C 315 -32.32 -7.65 -3.32
CA GLN C 315 -33.03 -6.72 -2.45
C GLN C 315 -34.52 -7.05 -2.53
N GLU C 316 -35.17 -7.10 -1.36
CA GLU C 316 -36.59 -7.44 -1.30
C GLU C 316 -37.42 -6.18 -1.47
N PRO C 317 -38.25 -6.06 -2.53
CA PRO C 317 -39.11 -4.89 -2.67
C PRO C 317 -40.09 -4.73 -1.51
N SER C 322 -43.93 -12.18 -4.04
CA SER C 322 -43.38 -11.46 -5.17
C SER C 322 -41.97 -11.94 -5.49
N PHE C 323 -41.00 -11.49 -4.72
CA PHE C 323 -39.62 -11.88 -4.93
C PHE C 323 -39.43 -13.35 -4.56
N SER C 324 -38.73 -14.08 -5.43
CA SER C 324 -38.47 -15.51 -5.23
C SER C 324 -36.98 -15.74 -5.27
N LEU C 325 -36.41 -16.12 -4.12
CA LEU C 325 -34.98 -16.39 -4.05
C LEU C 325 -34.59 -17.56 -4.95
N SER C 326 -35.41 -18.60 -4.98
CA SER C 326 -35.13 -19.75 -5.84
C SER C 326 -35.00 -19.32 -7.29
N GLN C 327 -35.81 -18.35 -7.73
CA GLN C 327 -35.72 -17.90 -9.11
C GLN C 327 -34.39 -17.20 -9.38
N GLU C 328 -33.91 -16.38 -8.44
CA GLU C 328 -32.61 -15.76 -8.63
C GLU C 328 -31.50 -16.81 -8.67
N VAL C 329 -31.56 -17.80 -7.77
CA VAL C 329 -30.54 -18.84 -7.75
C VAL C 329 -30.55 -19.60 -9.08
N LEU C 330 -31.74 -19.94 -9.59
CA LEU C 330 -31.84 -20.67 -10.84
C LEU C 330 -31.43 -19.82 -12.03
N ARG C 331 -31.65 -18.50 -11.97
CA ARG C 331 -31.16 -17.61 -13.01
C ARG C 331 -29.65 -17.61 -13.04
N HIS C 332 -29.01 -17.54 -11.87
CA HIS C 332 -27.56 -17.58 -11.82
C HIS C 332 -27.01 -18.96 -12.15
N LEU C 333 -27.82 -20.01 -12.04
CA LEU C 333 -27.38 -21.37 -12.36
C LEU C 333 -27.54 -21.69 -13.84
N ARG C 334 -28.59 -21.19 -14.47
CA ARG C 334 -28.90 -21.57 -15.85
C ARG C 334 -28.13 -20.75 -16.87
N GLN C 335 -27.39 -19.74 -16.44
CA GLN C 335 -26.63 -18.90 -17.36
C GLN C 335 -25.68 -19.74 -18.22
N SER D 4 -8.60 0.14 32.02
CA SER D 4 -8.36 -1.08 31.26
C SER D 4 -7.51 -2.06 32.07
N SER D 5 -8.03 -3.27 32.25
CA SER D 5 -7.33 -4.30 33.02
C SER D 5 -6.65 -5.34 32.13
N LEU D 6 -6.99 -5.40 30.84
CA LEU D 6 -6.36 -6.37 29.95
C LEU D 6 -4.86 -6.13 29.87
N HIS D 7 -4.46 -4.96 29.37
CA HIS D 7 -3.06 -4.61 29.23
C HIS D 7 -2.95 -3.11 29.30
N PRO D 8 -1.90 -2.56 29.92
CA PRO D 8 -1.78 -1.10 29.98
C PRO D 8 -1.69 -0.43 28.62
N SER D 9 -1.25 -1.15 27.59
CA SER D 9 -1.12 -0.57 26.26
C SER D 9 -2.45 -0.23 25.62
N ILE D 10 -3.57 -0.70 26.18
CA ILE D 10 -4.88 -0.42 25.63
C ILE D 10 -5.22 1.03 25.94
N PRO D 11 -5.40 1.90 24.94
CA PRO D 11 -5.71 3.30 25.25
C PRO D 11 -7.13 3.47 25.73
N CYS D 12 -7.31 4.32 26.73
CA CYS D 12 -8.62 4.62 27.26
C CYS D 12 -9.38 5.52 26.28
N PRO D 13 -10.71 5.51 26.32
CA PRO D 13 -11.47 6.39 25.44
C PRO D 13 -11.15 7.85 25.70
N ARG D 14 -11.22 8.65 24.64
CA ARG D 14 -10.91 10.06 24.75
C ARG D 14 -11.96 10.77 25.59
N GLY D 15 -11.53 11.85 26.24
CA GLY D 15 -12.41 12.62 27.10
C GLY D 15 -12.74 13.98 26.52
N HIS D 16 -12.54 15.03 27.32
CA HIS D 16 -12.85 16.41 26.93
C HIS D 16 -11.69 17.35 27.19
N GLY D 17 -10.46 16.84 27.04
CA GLY D 17 -9.30 17.71 27.21
C GLY D 17 -9.27 18.83 26.20
N ALA D 18 -9.70 18.56 24.97
CA ALA D 18 -9.76 19.61 23.96
C ALA D 18 -10.70 20.73 24.40
N GLN D 19 -11.81 20.37 25.06
CA GLN D 19 -12.74 21.39 25.53
C GLN D 19 -12.11 22.26 26.62
N LYS D 20 -11.37 21.66 27.55
CA LYS D 20 -10.69 22.45 28.57
C LYS D 20 -9.64 23.36 27.95
N ALA D 21 -8.88 22.84 26.97
CA ALA D 21 -7.90 23.67 26.29
C ALA D 21 -8.58 24.83 25.58
N ALA D 22 -9.73 24.57 24.95
CA ALA D 22 -10.47 25.64 24.28
C ALA D 22 -10.96 26.67 25.28
N LEU D 23 -11.40 26.23 26.46
CA LEU D 23 -11.84 27.17 27.49
C LEU D 23 -10.68 28.06 27.94
N VAL D 24 -9.52 27.46 28.16
CA VAL D 24 -8.34 28.23 28.57
C VAL D 24 -7.96 29.21 27.46
N LEU D 25 -8.00 28.77 26.21
CA LEU D 25 -7.70 29.65 25.10
C LEU D 25 -8.69 30.81 25.02
N LEU D 26 -9.97 30.53 25.24
CA LEU D 26 -10.98 31.58 25.24
C LEU D 26 -10.69 32.60 26.32
N SER D 27 -10.39 32.14 27.54
CA SER D 27 -10.10 33.07 28.62
C SER D 27 -8.87 33.91 28.30
N ALA D 28 -7.82 33.28 27.77
CA ALA D 28 -6.60 34.00 27.46
C ALA D 28 -6.84 35.03 26.37
N CYS D 29 -7.64 34.69 25.35
CA CYS D 29 -7.93 35.63 24.29
C CYS D 29 -8.76 36.79 24.78
N LEU D 30 -9.73 36.52 25.68
CA LEU D 30 -10.48 37.62 26.27
C LEU D 30 -9.57 38.55 27.06
N VAL D 31 -8.66 37.97 27.85
CA VAL D 31 -7.71 38.79 28.60
C VAL D 31 -6.85 39.63 27.66
N THR D 32 -6.38 39.03 26.57
CA THR D 32 -5.54 39.75 25.62
C THR D 32 -6.31 40.89 24.96
N LEU D 33 -7.56 40.64 24.55
CA LEU D 33 -8.36 41.69 23.94
C LEU D 33 -8.65 42.81 24.93
N TRP D 34 -8.88 42.46 26.20
CA TRP D 34 -9.03 43.47 27.23
C TRP D 34 -7.76 44.31 27.36
N GLY D 35 -6.61 43.65 27.34
CA GLY D 35 -5.35 44.38 27.48
C GLY D 35 -5.09 45.32 26.32
N LEU D 36 -5.34 44.87 25.10
CA LEU D 36 -5.10 45.70 23.92
C LEU D 36 -5.94 46.97 23.96
N GLY D 37 -7.05 46.98 24.69
CA GLY D 37 -7.83 48.19 24.88
C GLY D 37 -8.88 48.45 23.83
N GLU D 38 -8.98 47.60 22.80
CA GLU D 38 -10.00 47.81 21.78
C GLU D 38 -11.39 47.55 22.37
N PRO D 39 -12.40 48.28 21.90
CA PRO D 39 -13.75 48.12 22.46
C PRO D 39 -14.36 46.79 22.03
N PRO D 40 -15.22 46.20 22.87
CA PRO D 40 -15.82 44.90 22.50
C PRO D 40 -16.64 44.95 21.23
N GLU D 41 -17.10 46.13 20.80
CA GLU D 41 -17.95 46.19 19.61
C GLU D 41 -17.18 45.76 18.36
N HIS D 42 -15.95 46.26 18.19
CA HIS D 42 -15.14 45.85 17.06
C HIS D 42 -14.83 44.36 17.12
N THR D 43 -14.52 43.86 18.30
CA THR D 43 -14.23 42.43 18.46
C THR D 43 -15.44 41.60 18.03
N LEU D 44 -16.63 41.99 18.47
CA LEU D 44 -17.84 41.27 18.09
C LEU D 44 -18.05 41.33 16.57
N ARG D 45 -17.87 42.53 15.99
CA ARG D 45 -18.04 42.67 14.56
C ARG D 45 -17.12 41.73 13.80
N TYR D 46 -15.84 41.74 14.13
CA TYR D 46 -14.88 40.94 13.36
C TYR D 46 -15.03 39.45 13.64
N LEU D 47 -15.42 39.09 14.87
CA LEU D 47 -15.70 37.68 15.14
C LEU D 47 -16.88 37.19 14.32
N VAL D 48 -17.94 37.99 14.23
CA VAL D 48 -19.09 37.61 13.43
C VAL D 48 -18.71 37.52 11.96
N LEU D 49 -17.87 38.44 11.49
CA LEU D 49 -17.41 38.37 10.11
C LEU D 49 -16.60 37.10 9.86
N HIS D 50 -15.74 36.71 10.80
CA HIS D 50 -14.96 35.50 10.64
C HIS D 50 -15.86 34.26 10.61
N LEU D 51 -16.85 34.22 11.50
CA LEU D 51 -17.78 33.09 11.49
C LEU D 51 -18.60 33.06 10.20
N ALA D 52 -18.96 34.23 9.68
CA ALA D 52 -19.65 34.29 8.40
C ALA D 52 -18.78 33.76 7.27
N SER D 53 -17.49 34.10 7.29
CA SER D 53 -16.58 33.57 6.28
C SER D 53 -16.49 32.05 6.38
N LEU D 54 -16.45 31.53 7.61
CA LEU D 54 -16.44 30.07 7.78
C LEU D 54 -17.71 29.46 7.23
N GLN D 55 -18.87 30.08 7.48
CA GLN D 55 -20.12 29.54 6.97
C GLN D 55 -20.15 29.55 5.44
N LEU D 56 -19.68 30.63 4.82
CA LEU D 56 -19.63 30.68 3.36
C LEU D 56 -18.68 29.63 2.81
N GLY D 57 -17.54 29.44 3.46
CA GLY D 57 -16.62 28.39 3.04
C GLY D 57 -17.26 27.02 3.14
N LEU D 58 -18.01 26.77 4.21
CA LEU D 58 -18.72 25.51 4.34
C LEU D 58 -19.73 25.33 3.22
N LEU D 59 -20.48 26.39 2.91
CA LEU D 59 -21.43 26.35 1.81
C LEU D 59 -20.75 25.96 0.50
N LEU D 60 -19.62 26.62 0.20
CA LEU D 60 -18.94 26.37 -1.07
C LEU D 60 -18.35 24.97 -1.12
N ASN D 61 -17.73 24.52 -0.02
CA ASN D 61 -17.20 23.15 0.02
C ASN D 61 -18.32 22.13 -0.12
N GLY D 62 -19.48 22.40 0.49
CA GLY D 62 -20.61 21.50 0.34
C GLY D 62 -21.15 21.46 -1.06
N VAL D 63 -21.15 22.60 -1.75
CA VAL D 63 -21.54 22.61 -3.16
C VAL D 63 -20.58 21.77 -3.99
N CYS D 64 -19.28 21.94 -3.73
CA CYS D 64 -18.28 21.17 -4.48
C CYS D 64 -18.44 19.68 -4.22
N SER D 65 -18.69 19.29 -2.97
CA SER D 65 -18.86 17.88 -2.65
C SER D 65 -20.20 17.34 -3.16
N LEU D 66 -21.20 18.20 -3.26
CA LEU D 66 -22.48 17.79 -3.83
C LEU D 66 -22.35 17.51 -5.31
N ALA D 67 -21.52 18.30 -6.00
CA ALA D 67 -21.25 18.01 -7.40
C ALA D 67 -20.80 16.57 -7.61
N GLU D 68 -20.23 15.94 -6.60
CA GLU D 68 -19.84 14.53 -6.63
C GLU D 68 -20.90 13.61 -6.06
N GLU D 69 -21.50 13.97 -4.92
CA GLU D 69 -22.46 13.10 -4.26
C GLU D 69 -23.75 12.95 -5.06
N LEU D 70 -24.06 13.88 -5.96
CA LEU D 70 -25.24 13.73 -6.79
C LEU D 70 -25.12 12.55 -7.75
N ARG D 71 -23.92 12.03 -7.96
CA ARG D 71 -23.75 10.86 -8.81
C ARG D 71 -24.20 9.60 -8.09
N HIS D 72 -24.19 9.62 -6.75
CA HIS D 72 -24.63 8.50 -5.93
C HIS D 72 -25.98 8.78 -5.25
N ILE D 73 -26.81 9.62 -5.87
CA ILE D 73 -28.09 9.98 -5.26
C ILE D 73 -28.99 8.77 -5.18
N HIS D 74 -29.02 7.95 -6.23
CA HIS D 74 -29.93 6.81 -6.27
C HIS D 74 -29.38 5.63 -5.48
N SER D 75 -28.07 5.36 -5.63
CA SER D 75 -27.50 4.19 -4.98
C SER D 75 -27.31 4.41 -3.48
N ARG D 76 -26.83 5.59 -3.09
CA ARG D 76 -26.46 5.84 -1.70
C ARG D 76 -27.44 6.73 -0.95
N TYR D 77 -28.30 7.48 -1.66
CA TYR D 77 -29.21 8.41 -1.02
C TYR D 77 -30.68 8.17 -1.39
N ARG D 78 -30.99 7.07 -2.05
CA ARG D 78 -32.37 6.64 -2.25
C ARG D 78 -33.14 7.62 -3.16
N GLY D 79 -32.43 8.18 -4.14
CA GLY D 79 -33.07 9.02 -5.12
C GLY D 79 -33.71 10.27 -4.55
N SER D 80 -33.20 10.77 -3.43
CA SER D 80 -33.70 11.98 -2.81
C SER D 80 -32.62 13.05 -2.86
N TYR D 81 -32.96 14.20 -3.45
CA TYR D 81 -32.02 15.32 -3.48
C TYR D 81 -31.90 16.00 -2.13
N TRP D 82 -32.98 15.98 -1.33
CA TRP D 82 -32.92 16.56 0.00
C TRP D 82 -31.89 15.85 0.86
N ARG D 83 -31.88 14.51 0.81
CA ARG D 83 -30.93 13.75 1.61
C ARG D 83 -29.50 14.03 1.19
N THR D 84 -29.25 14.12 -0.13
CA THR D 84 -27.90 14.42 -0.61
C THR D 84 -27.46 15.80 -0.15
N VAL D 85 -28.31 16.82 -0.33
CA VAL D 85 -27.96 18.16 0.09
C VAL D 85 -27.71 18.20 1.59
N ARG D 86 -28.52 17.46 2.35
CA ARG D 86 -28.33 17.42 3.80
C ARG D 86 -26.98 16.80 4.15
N ALA D 87 -26.61 15.71 3.46
CA ALA D 87 -25.32 15.09 3.70
C ALA D 87 -24.18 16.03 3.32
N CYS D 88 -24.41 16.92 2.36
CA CYS D 88 -23.37 17.84 1.93
C CYS D 88 -23.37 19.16 2.69
N LEU D 89 -24.46 19.48 3.40
CA LEU D 89 -24.59 20.77 4.07
C LEU D 89 -25.24 20.63 5.44
N GLY D 90 -25.17 19.46 6.05
CA GLY D 90 -25.87 19.29 7.31
C GLY D 90 -27.34 19.59 7.14
N CYS D 91 -27.97 20.04 8.23
CA CYS D 91 -29.38 20.39 8.14
C CYS D 91 -29.53 21.64 7.28
N PRO D 92 -30.23 21.57 6.14
CA PRO D 92 -30.29 22.75 5.26
C PRO D 92 -30.94 23.96 5.91
N LEU D 93 -31.89 23.77 6.82
CA LEU D 93 -32.55 24.92 7.44
C LEU D 93 -31.56 25.74 8.27
N ARG D 94 -30.78 25.07 9.11
CA ARG D 94 -29.79 25.78 9.92
C ARG D 94 -28.75 26.47 9.03
N ARG D 95 -28.31 25.79 7.98
CA ARG D 95 -27.32 26.37 7.08
C ARG D 95 -27.89 27.61 6.40
N GLY D 96 -29.14 27.54 5.94
CA GLY D 96 -29.76 28.71 5.33
C GLY D 96 -29.90 29.86 6.31
N ALA D 97 -30.31 29.57 7.54
CA ALA D 97 -30.42 30.62 8.55
C ALA D 97 -29.08 31.29 8.79
N LEU D 98 -28.02 30.49 8.95
CA LEU D 98 -26.70 31.06 9.19
C LEU D 98 -26.18 31.84 7.99
N LEU D 99 -26.47 31.37 6.78
CA LEU D 99 -26.06 32.12 5.58
C LEU D 99 -26.79 33.45 5.50
N LEU D 100 -28.09 33.46 5.78
CA LEU D 100 -28.82 34.72 5.80
C LEU D 100 -28.25 35.67 6.84
N LEU D 101 -27.93 35.16 8.04
CA LEU D 101 -27.31 35.99 9.06
C LEU D 101 -25.99 36.56 8.57
N SER D 102 -25.17 35.73 7.93
CA SER D 102 -23.89 36.19 7.43
C SER D 102 -24.07 37.30 6.39
N ILE D 103 -24.97 37.11 5.44
CA ILE D 103 -25.22 38.13 4.42
C ILE D 103 -25.69 39.42 5.06
N TYR D 104 -26.63 39.32 6.00
CA TYR D 104 -27.18 40.51 6.63
C TYR D 104 -26.11 41.26 7.41
N PHE D 105 -25.28 40.56 8.18
CA PHE D 105 -24.26 41.19 9.01
C PHE D 105 -23.00 41.55 8.23
N TYR D 106 -22.90 41.14 6.97
CA TYR D 106 -21.91 41.71 6.07
C TYR D 106 -22.39 42.95 5.35
N TYR D 107 -23.54 42.91 4.67
CA TYR D 107 -24.07 44.12 4.04
C TYR D 107 -24.27 45.25 5.04
N SER D 108 -24.44 44.94 6.32
CA SER D 108 -24.76 45.94 7.33
C SER D 108 -23.53 46.43 8.09
N LEU D 109 -22.53 45.58 8.30
CA LEU D 109 -21.38 45.97 9.09
C LEU D 109 -20.29 46.55 8.19
N PRO D 110 -19.81 47.77 8.46
CA PRO D 110 -18.69 48.33 7.68
C PRO D 110 -17.48 47.41 7.67
N PRO D 116 -17.31 45.37 -0.41
CA PRO D 116 -18.16 44.64 -1.35
C PRO D 116 -18.31 43.16 -0.99
N PHE D 117 -19.55 42.73 -0.73
CA PHE D 117 -19.79 41.36 -0.32
C PHE D 117 -19.38 40.37 -1.40
N THR D 118 -19.73 40.66 -2.65
CA THR D 118 -19.45 39.71 -3.73
C THR D 118 -17.95 39.47 -3.89
N TRP D 119 -17.13 40.49 -3.67
CA TRP D 119 -15.68 40.30 -3.77
C TRP D 119 -15.18 39.34 -2.71
N MET D 120 -15.64 39.49 -1.46
CA MET D 120 -15.22 38.59 -0.41
C MET D 120 -15.72 37.18 -0.68
N LEU D 121 -16.94 37.06 -1.22
CA LEU D 121 -17.44 35.74 -1.60
C LEU D 121 -16.55 35.10 -2.65
N ALA D 122 -16.13 35.87 -3.65
CA ALA D 122 -15.24 35.33 -4.67
C ALA D 122 -13.90 34.93 -4.08
N LEU D 123 -13.37 35.72 -3.15
CA LEU D 123 -12.11 35.39 -2.51
C LEU D 123 -12.23 34.10 -1.72
N LEU D 124 -13.31 33.95 -0.96
CA LEU D 124 -13.53 32.73 -0.19
C LEU D 124 -13.69 31.52 -1.10
N GLY D 125 -14.39 31.69 -2.21
CA GLY D 125 -14.52 30.60 -3.17
C GLY D 125 -13.18 30.23 -3.77
N LEU D 126 -12.35 31.21 -4.07
CA LEU D 126 -11.01 30.94 -4.58
C LEU D 126 -10.21 30.14 -3.55
N SER D 127 -10.27 30.55 -2.28
CA SER D 127 -9.54 29.85 -1.24
C SER D 127 -10.03 28.42 -1.09
N GLN D 128 -11.36 28.22 -1.11
CA GLN D 128 -11.90 26.87 -0.97
C GLN D 128 -11.54 26.00 -2.16
N ALA D 129 -11.59 26.55 -3.37
CA ALA D 129 -11.20 25.79 -4.55
C ALA D 129 -9.73 25.41 -4.48
N LEU D 130 -8.88 26.33 -4.02
CA LEU D 130 -7.46 26.02 -3.87
C LEU D 130 -7.26 24.90 -2.85
N ASN D 131 -7.98 24.96 -1.72
CA ASN D 131 -7.85 23.92 -0.72
C ASN D 131 -8.31 22.56 -1.25
N ILE D 132 -9.39 22.54 -2.02
CA ILE D 132 -9.91 21.28 -2.55
C ILE D 132 -8.96 20.70 -3.60
N LEU D 133 -8.52 21.56 -4.54
CA LEU D 133 -7.70 21.07 -5.64
C LEU D 133 -6.32 20.63 -5.16
N LEU D 134 -5.75 21.34 -4.19
CA LEU D 134 -4.44 20.99 -3.66
C LEU D 134 -4.51 19.93 -2.57
N GLY D 135 -5.69 19.39 -2.28
CA GLY D 135 -5.82 18.38 -1.24
C GLY D 135 -5.47 18.88 0.14
N LEU D 136 -5.88 20.10 0.48
CA LEU D 136 -5.60 20.69 1.78
C LEU D 136 -6.71 20.43 2.80
N LYS D 137 -7.76 19.72 2.41
CA LYS D 137 -8.84 19.36 3.31
C LYS D 137 -8.49 18.18 4.21
N GLY D 138 -7.23 17.72 4.18
CA GLY D 138 -6.86 16.56 4.96
C GLY D 138 -7.07 16.78 6.45
N LEU D 139 -7.61 15.76 7.10
CA LEU D 139 -7.87 15.78 8.53
C LEU D 139 -6.72 15.09 9.26
N ALA D 140 -6.30 15.67 10.38
CA ALA D 140 -5.15 15.16 11.10
C ALA D 140 -5.43 13.77 11.66
N PRO D 141 -4.38 12.97 11.87
CA PRO D 141 -4.60 11.61 12.39
C PRO D 141 -5.40 11.56 13.68
N ALA D 142 -5.14 12.50 14.61
CA ALA D 142 -5.90 12.51 15.85
C ALA D 142 -7.38 12.78 15.60
N GLU D 143 -7.67 13.75 14.72
CA GLU D 143 -9.06 14.04 14.39
C GLU D 143 -9.73 12.85 13.74
N ILE D 144 -9.03 12.18 12.81
CA ILE D 144 -9.61 11.04 12.12
C ILE D 144 -9.88 9.91 13.11
N SER D 145 -8.95 9.67 14.04
CA SER D 145 -9.13 8.60 15.01
C SER D 145 -10.30 8.91 15.95
N ALA D 146 -10.42 10.18 16.37
CA ALA D 146 -11.53 10.55 17.24
C ALA D 146 -12.86 10.41 16.52
N VAL D 147 -12.92 10.82 15.26
CA VAL D 147 -14.16 10.70 14.50
C VAL D 147 -14.53 9.23 14.30
N CYS D 148 -13.52 8.38 14.10
CA CYS D 148 -13.79 6.96 13.92
C CYS D 148 -14.27 6.32 15.22
N GLU D 149 -13.61 6.61 16.33
CA GLU D 149 -14.00 6.02 17.60
C GLU D 149 -15.38 6.49 18.05
N LYS D 150 -15.67 7.79 17.86
CA LYS D 150 -17.00 8.28 18.22
C LYS D 150 -18.08 7.61 17.39
N GLY D 151 -17.85 7.47 16.08
CA GLY D 151 -18.79 6.82 15.19
C GLY D 151 -18.55 5.34 14.98
N ASN D 152 -17.57 4.75 15.67
CA ASN D 152 -17.28 3.33 15.55
C ASN D 152 -16.97 2.96 14.10
N PHE D 153 -16.24 3.83 13.42
CA PHE D 153 -15.79 3.56 12.04
C PHE D 153 -14.43 2.87 12.09
N ASN D 154 -14.46 1.61 12.53
CA ASN D 154 -13.27 0.80 12.67
C ASN D 154 -13.59 -0.65 12.35
N VAL D 155 -12.59 -1.36 11.82
CA VAL D 155 -12.75 -2.79 11.55
C VAL D 155 -12.84 -3.56 12.86
N ALA D 156 -12.12 -3.09 13.88
CA ALA D 156 -12.08 -3.81 15.16
C ALA D 156 -13.46 -3.90 15.78
N HIS D 157 -14.28 -2.86 15.65
CA HIS D 157 -15.63 -2.88 16.22
C HIS D 157 -16.44 -4.02 15.61
N GLY D 158 -16.48 -4.09 14.28
CA GLY D 158 -17.22 -5.14 13.62
C GLY D 158 -16.67 -6.52 13.91
N LEU D 159 -15.34 -6.64 13.95
CA LEU D 159 -14.73 -7.93 14.25
C LEU D 159 -15.09 -8.41 15.65
N ALA D 160 -15.05 -7.50 16.63
CA ALA D 160 -15.40 -7.88 18.00
C ALA D 160 -16.87 -8.25 18.10
N TRP D 161 -17.75 -7.50 17.45
CA TRP D 161 -19.17 -7.82 17.51
C TRP D 161 -19.48 -9.12 16.78
N SER D 162 -18.75 -9.43 15.71
CA SER D 162 -18.91 -10.71 15.04
C SER D 162 -18.42 -11.86 15.92
N TYR D 163 -17.28 -11.67 16.60
CA TYR D 163 -16.76 -12.71 17.47
C TYR D 163 -17.71 -12.99 18.63
N TYR D 164 -18.27 -11.93 19.22
CA TYR D 164 -19.23 -12.13 20.30
C TYR D 164 -20.52 -12.77 19.78
N ILE D 165 -21.11 -12.18 18.74
CA ILE D 165 -22.38 -12.68 18.22
C ILE D 165 -22.18 -14.03 17.55
N GLY D 166 -21.15 -14.15 16.71
CA GLY D 166 -21.00 -15.36 15.93
C GLY D 166 -20.60 -16.58 16.74
N TYR D 167 -19.69 -16.40 17.69
CA TYR D 167 -19.10 -17.54 18.41
C TYR D 167 -19.43 -17.53 19.89
N LEU D 168 -19.08 -16.46 20.61
CA LEU D 168 -19.23 -16.48 22.07
C LEU D 168 -20.69 -16.56 22.48
N ARG D 169 -21.55 -15.77 21.84
CA ARG D 169 -22.96 -15.76 22.20
C ARG D 169 -23.61 -17.13 22.05
N LEU D 170 -23.03 -18.00 21.23
CA LEU D 170 -23.57 -19.33 21.00
C LEU D 170 -22.85 -20.43 21.78
N ILE D 171 -21.62 -20.18 22.21
CA ILE D 171 -20.81 -21.19 22.87
C ILE D 171 -20.85 -21.05 24.38
N LEU D 172 -20.73 -19.82 24.88
CA LEU D 172 -20.66 -19.62 26.33
C LEU D 172 -21.85 -20.22 27.07
N PRO D 173 -23.09 -20.06 26.61
CA PRO D 173 -24.21 -20.64 27.36
C PRO D 173 -24.13 -22.16 27.51
N GLU D 174 -23.58 -22.86 26.52
CA GLU D 174 -23.53 -24.32 26.52
C GLU D 174 -22.15 -24.86 26.87
N LEU D 175 -21.24 -24.00 27.32
CA LEU D 175 -19.88 -24.45 27.62
C LEU D 175 -19.84 -25.26 28.91
N GLN D 176 -20.61 -24.84 29.92
CA GLN D 176 -20.60 -25.56 31.20
C GLN D 176 -21.10 -26.98 31.02
N ALA D 177 -22.18 -27.17 30.26
CA ALA D 177 -22.72 -28.51 30.05
C ALA D 177 -21.70 -29.40 29.34
N ARG D 178 -21.04 -28.85 28.32
CA ARG D 178 -20.03 -29.64 27.59
C ARG D 178 -18.87 -30.01 28.51
N ILE D 179 -18.39 -29.07 29.32
CA ILE D 179 -17.27 -29.37 30.21
C ILE D 179 -17.68 -30.41 31.24
N ARG D 180 -18.90 -30.31 31.78
CA ARG D 180 -19.36 -31.30 32.75
C ARG D 180 -19.47 -32.67 32.12
N THR D 181 -20.01 -32.73 30.90
CA THR D 181 -20.09 -34.01 30.18
C THR D 181 -18.70 -34.60 29.99
N TYR D 182 -17.73 -33.77 29.60
CA TYR D 182 -16.37 -34.26 29.44
C TYR D 182 -15.80 -34.77 30.75
N ASN D 183 -16.09 -34.09 31.86
CA ASN D 183 -15.57 -34.52 33.14
C ASN D 183 -16.17 -35.84 33.57
N GLN D 184 -17.49 -35.99 33.46
CA GLN D 184 -18.15 -37.23 33.85
C GLN D 184 -17.66 -38.42 33.03
N HIS D 185 -17.22 -38.20 31.80
CA HIS D 185 -16.74 -39.27 30.94
C HIS D 185 -15.24 -39.50 31.08
N TYR D 186 -14.57 -38.80 31.99
CA TYR D 186 -13.13 -38.97 32.17
C TYR D 186 -12.66 -38.25 33.43
N GLY D 192 -10.48 -35.93 34.23
CA GLY D 192 -10.47 -34.57 33.72
C GLY D 192 -10.98 -33.56 34.72
N ALA D 193 -10.14 -32.57 35.03
CA ALA D 193 -10.46 -31.50 35.97
C ALA D 193 -10.25 -30.14 35.31
N VAL D 194 -10.73 -29.99 34.08
CA VAL D 194 -10.53 -28.75 33.34
C VAL D 194 -11.32 -27.63 34.00
N SER D 195 -10.81 -26.40 33.82
CA SER D 195 -11.45 -25.24 34.40
C SER D 195 -12.82 -24.98 33.75
N GLN D 196 -13.62 -24.17 34.43
CA GLN D 196 -14.99 -23.87 34.03
C GLN D 196 -15.10 -22.56 33.27
N ARG D 197 -14.08 -22.20 32.50
CA ARG D 197 -14.11 -20.97 31.72
C ARG D 197 -13.39 -21.20 30.39
N LEU D 198 -13.83 -20.45 29.38
CA LEU D 198 -13.17 -20.43 28.08
C LEU D 198 -12.14 -19.30 28.08
N TYR D 199 -10.87 -19.66 27.99
CA TYR D 199 -9.79 -18.69 28.02
C TYR D 199 -9.41 -18.30 26.59
N ILE D 200 -9.37 -17.00 26.34
CA ILE D 200 -9.11 -16.44 25.02
C ILE D 200 -7.81 -15.65 25.07
N LEU D 201 -6.93 -15.91 24.12
CA LEU D 201 -5.65 -15.22 24.03
C LEU D 201 -5.78 -14.05 23.06
N LEU D 202 -5.32 -12.88 23.49
CA LEU D 202 -5.44 -11.64 22.72
C LEU D 202 -4.03 -11.08 22.51
N PRO D 203 -3.26 -11.66 21.60
CA PRO D 203 -1.95 -11.09 21.27
C PRO D 203 -2.09 -9.75 20.56
N LEU D 204 -1.51 -8.71 21.15
CA LEU D 204 -1.56 -7.39 20.53
C LEU D 204 -0.72 -7.31 19.28
N ASP D 205 0.23 -8.23 19.11
CA ASP D 205 1.03 -8.31 17.88
C ASP D 205 0.33 -9.10 16.79
N CYS D 206 -0.82 -9.71 17.08
CA CYS D 206 -1.60 -10.43 16.08
C CYS D 206 -0.85 -11.63 15.51
N GLY D 207 -0.09 -12.33 16.34
CA GLY D 207 0.60 -13.52 15.88
C GLY D 207 -0.35 -14.64 15.55
N VAL D 208 -0.97 -15.22 16.57
CA VAL D 208 -2.02 -16.21 16.41
C VAL D 208 -1.50 -17.38 15.56
N PRO D 209 -0.58 -18.19 16.07
CA PRO D 209 -0.20 -19.40 15.35
C PRO D 209 -1.33 -20.42 15.35
N ASP D 210 -1.34 -21.26 14.32
CA ASP D 210 -2.39 -22.26 14.16
C ASP D 210 -2.30 -23.39 15.18
N ASN D 211 -1.21 -23.49 15.94
CA ASN D 211 -1.07 -24.50 16.97
C ASN D 211 -0.37 -23.88 18.17
N LEU D 212 -0.94 -24.08 19.36
CA LEU D 212 -0.42 -23.40 20.55
C LEU D 212 0.97 -23.90 20.91
N SER D 213 1.21 -25.21 20.80
CA SER D 213 2.48 -25.78 21.22
C SER D 213 3.66 -25.17 20.46
N MET D 214 3.43 -24.61 19.28
CA MET D 214 4.50 -23.98 18.53
C MET D 214 4.86 -22.61 19.08
N ALA D 215 3.99 -22.01 19.91
CA ALA D 215 4.32 -20.77 20.59
C ALA D 215 4.92 -21.01 21.97
N ASP D 216 4.56 -22.12 22.61
CA ASP D 216 5.14 -22.49 23.89
C ASP D 216 5.04 -24.01 24.04
N PRO D 217 6.17 -24.71 24.18
CA PRO D 217 6.10 -26.18 24.22
C PRO D 217 5.27 -26.70 25.38
N ASN D 218 5.18 -25.97 26.49
CA ASN D 218 4.40 -26.43 27.63
C ASN D 218 2.93 -26.56 27.28
N ILE D 219 2.42 -25.68 26.41
CA ILE D 219 1.04 -25.77 25.96
C ILE D 219 0.92 -26.99 25.06
N ARG D 220 0.30 -28.05 25.57
CA ARG D 220 0.20 -29.32 24.86
C ARG D 220 -1.25 -29.74 24.77
N PHE D 221 -1.66 -30.17 23.58
CA PHE D 221 -3.02 -30.63 23.37
C PHE D 221 -3.30 -31.88 24.20
N LEU D 222 -4.46 -31.90 24.87
CA LEU D 222 -4.86 -33.02 25.70
C LEU D 222 -6.02 -33.78 25.08
N ASP D 223 -7.14 -33.11 24.79
CA ASP D 223 -8.28 -33.76 24.18
C ASP D 223 -9.31 -32.71 23.80
N LYS D 224 -10.26 -33.10 22.95
CA LYS D 224 -11.30 -32.20 22.52
C LYS D 224 -12.46 -32.20 23.51
N LEU D 225 -13.55 -31.56 23.12
CA LEU D 225 -14.76 -31.46 23.93
C LEU D 225 -15.94 -32.08 23.22
N PRO D 226 -17.09 -32.17 23.90
CA PRO D 226 -18.31 -32.67 23.25
C PRO D 226 -18.85 -31.69 22.23
N GLN D 227 -18.41 -31.83 20.98
CA GLN D 227 -18.71 -30.88 19.92
C GLN D 227 -20.13 -30.33 19.98
N GLN D 228 -20.26 -29.02 19.79
CA GLN D 228 -21.55 -28.35 19.70
C GLN D 228 -21.87 -28.10 18.23
N THR D 229 -23.12 -28.37 17.87
CA THR D 229 -23.54 -28.25 16.48
C THR D 229 -24.89 -27.55 16.42
N GLY D 230 -25.13 -26.87 15.30
CA GLY D 230 -26.39 -26.18 15.09
C GLY D 230 -26.44 -25.58 13.71
N ASP D 231 -27.63 -25.08 13.36
CA ASP D 231 -27.82 -24.46 12.05
C ASP D 231 -27.34 -23.02 12.08
N ARG D 232 -26.70 -22.60 10.99
CA ARG D 232 -26.13 -21.25 10.92
C ARG D 232 -26.13 -20.80 9.46
N ALA D 233 -27.02 -19.87 9.13
CA ALA D 233 -27.02 -19.19 7.84
C ALA D 233 -26.97 -20.19 6.69
N GLY D 234 -27.94 -21.10 6.69
CA GLY D 234 -28.06 -22.07 5.62
C GLY D 234 -27.11 -23.24 5.71
N ILE D 235 -26.31 -23.33 6.77
CA ILE D 235 -25.39 -24.46 6.96
C ILE D 235 -26.03 -25.35 8.02
N LYS D 236 -26.33 -26.59 7.64
CA LYS D 236 -26.96 -27.54 8.55
C LYS D 236 -25.89 -28.23 9.37
N ASP D 237 -26.06 -28.24 10.69
CA ASP D 237 -25.14 -28.90 11.61
C ASP D 237 -23.74 -28.28 11.54
N ARG D 238 -23.66 -26.96 11.59
CA ARG D 238 -22.37 -26.30 11.70
C ARG D 238 -21.74 -26.65 13.05
N VAL D 239 -20.52 -27.18 13.00
CA VAL D 239 -19.87 -27.76 14.18
C VAL D 239 -18.93 -26.72 14.79
N TYR D 240 -19.06 -26.53 16.10
CA TYR D 240 -18.17 -25.67 16.87
C TYR D 240 -17.32 -26.55 17.78
N SER D 241 -16.00 -26.44 17.64
CA SER D 241 -15.07 -27.24 18.41
C SER D 241 -14.25 -26.36 19.34
N ASN D 242 -14.03 -26.87 20.55
CA ASN D 242 -13.21 -26.18 21.55
C ASN D 242 -12.31 -27.23 22.20
N SER D 243 -11.01 -27.10 21.97
CA SER D 243 -10.05 -28.10 22.40
C SER D 243 -9.56 -27.80 23.82
N ILE D 244 -8.93 -28.81 24.43
CA ILE D 244 -8.39 -28.70 25.78
C ILE D 244 -6.88 -28.84 25.68
N TYR D 245 -6.17 -27.97 26.40
CA TYR D 245 -4.71 -27.98 26.45
C TYR D 245 -4.25 -28.05 27.90
N GLU D 246 -3.21 -28.84 28.14
CA GLU D 246 -2.62 -28.97 29.47
C GLU D 246 -1.48 -27.98 29.61
N LEU D 247 -1.40 -27.34 30.77
CA LEU D 247 -0.40 -26.32 31.03
C LEU D 247 0.77 -26.96 31.76
N LEU D 248 1.84 -27.25 31.03
CA LEU D 248 3.05 -27.80 31.62
C LEU D 248 3.79 -26.74 32.43
N GLU D 249 4.46 -27.19 33.49
CA GLU D 249 5.27 -26.30 34.30
C GLU D 249 6.34 -27.15 34.99
N ASN D 250 7.59 -26.96 34.58
CA ASN D 250 8.72 -27.68 35.16
C ASN D 250 8.67 -29.16 34.82
N GLY D 251 8.08 -29.50 33.67
CA GLY D 251 8.06 -30.86 33.18
C GLY D 251 6.87 -31.69 33.62
N GLN D 252 6.00 -31.17 34.48
CA GLN D 252 4.81 -31.90 34.90
C GLN D 252 3.60 -30.97 34.82
N ARG D 253 2.42 -31.58 34.79
CA ARG D 253 1.20 -30.82 34.62
C ARG D 253 0.97 -29.86 35.77
N ALA D 254 0.39 -28.71 35.46
CA ALA D 254 0.02 -27.72 36.47
C ALA D 254 -1.39 -27.16 36.29
N GLY D 255 -1.99 -27.28 35.11
CA GLY D 255 -3.35 -26.80 34.89
C GLY D 255 -3.90 -27.22 33.55
N THR D 256 -5.22 -27.32 33.46
CA THR D 256 -5.90 -27.72 32.24
C THR D 256 -7.16 -26.89 32.08
N CYS D 257 -7.44 -26.48 30.84
CA CYS D 257 -8.58 -25.63 30.56
C CYS D 257 -8.78 -25.59 29.05
N VAL D 258 -9.82 -24.89 28.63
CA VAL D 258 -10.12 -24.69 27.21
C VAL D 258 -9.42 -23.40 26.77
N LEU D 259 -8.53 -23.52 25.79
CA LEU D 259 -7.69 -22.41 25.37
C LEU D 259 -7.72 -22.30 23.85
N GLU D 260 -7.90 -21.09 23.35
CA GLU D 260 -7.96 -20.86 21.91
C GLU D 260 -7.70 -19.39 21.63
N TYR D 261 -7.04 -19.13 20.51
CA TYR D 261 -6.75 -17.77 20.11
C TYR D 261 -7.99 -17.07 19.57
N ALA D 262 -7.90 -15.75 19.46
CA ALA D 262 -8.95 -14.95 18.82
C ALA D 262 -8.64 -14.84 17.33
N THR D 263 -9.45 -15.49 16.51
CA THR D 263 -9.19 -15.51 15.07
C THR D 263 -9.29 -14.13 14.43
N PRO D 264 -10.11 -13.20 14.91
CA PRO D 264 -10.12 -11.86 14.30
C PRO D 264 -8.75 -11.19 14.31
N LEU D 265 -7.89 -11.51 15.28
CA LEU D 265 -6.53 -10.99 15.23
C LEU D 265 -5.74 -11.61 14.09
N GLN D 266 -5.99 -12.89 13.79
CA GLN D 266 -5.39 -13.51 12.62
C GLN D 266 -5.87 -12.83 11.35
N THR D 267 -7.16 -12.49 11.30
CA THR D 267 -7.68 -11.71 10.18
C THR D 267 -6.99 -10.37 10.05
N LEU D 268 -6.80 -9.69 11.18
CA LEU D 268 -6.10 -8.40 11.16
C LEU D 268 -4.68 -8.55 10.63
N PHE D 269 -3.97 -9.58 11.08
CA PHE D 269 -2.61 -9.81 10.60
C PHE D 269 -2.60 -10.06 9.10
N ALA D 270 -3.54 -10.90 8.63
CA ALA D 270 -3.60 -11.18 7.20
C ALA D 270 -3.90 -9.92 6.40
N MET D 271 -4.79 -9.08 6.91
CA MET D 271 -5.13 -7.85 6.20
C MET D 271 -3.91 -6.95 6.05
N SER D 272 -3.03 -6.94 7.04
CA SER D 272 -1.82 -6.13 6.94
C SER D 272 -0.86 -6.71 5.91
N GLN D 273 -0.91 -8.02 5.67
CA GLN D 273 -0.05 -8.64 4.67
C GLN D 273 -0.54 -8.35 3.26
N TYR D 274 -1.85 -8.22 3.07
CA TYR D 274 -2.42 -7.97 1.76
C TYR D 274 -2.44 -6.48 1.46
N SER D 275 -2.02 -6.12 0.24
CA SER D 275 -2.05 -4.73 -0.19
C SER D 275 -3.45 -4.30 -0.60
N GLN D 276 -4.27 -5.24 -1.08
CA GLN D 276 -5.63 -4.90 -1.50
C GLN D 276 -6.47 -4.42 -0.33
N ALA D 277 -6.04 -4.70 0.91
CA ALA D 277 -6.81 -4.29 2.08
C ALA D 277 -6.59 -2.83 2.46
N GLY D 278 -5.48 -2.23 2.05
CA GLY D 278 -5.16 -0.89 2.50
C GLY D 278 -5.00 -0.81 4.00
N PHE D 279 -4.32 -1.78 4.60
CA PHE D 279 -4.23 -1.92 6.05
C PHE D 279 -2.76 -1.99 6.44
N SER D 280 -2.31 -1.01 7.22
CA SER D 280 -0.92 -0.94 7.64
C SER D 280 -0.70 -1.73 8.92
N ARG D 281 0.53 -1.69 9.43
CA ARG D 281 0.89 -2.43 10.63
C ARG D 281 0.65 -1.60 11.89
N GLU D 282 0.90 -0.28 11.83
CA GLU D 282 0.49 0.58 12.92
C GLU D 282 -1.01 0.55 13.09
N ASP D 283 -1.74 0.64 11.97
CA ASP D 283 -3.18 0.45 12.01
C ASP D 283 -3.53 -0.93 12.56
N ARG D 284 -2.71 -1.94 12.25
CA ARG D 284 -2.96 -3.28 12.78
C ARG D 284 -2.89 -3.29 14.31
N LEU D 285 -1.85 -2.69 14.88
CA LEU D 285 -1.73 -2.65 16.33
C LEU D 285 -2.87 -1.86 16.95
N GLU D 286 -3.19 -0.70 16.37
CA GLU D 286 -4.27 0.13 16.91
C GLU D 286 -5.60 -0.62 16.88
N GLN D 287 -5.88 -1.30 15.76
CA GLN D 287 -7.13 -2.02 15.63
C GLN D 287 -7.18 -3.25 16.52
N ALA D 288 -6.04 -3.89 16.75
CA ALA D 288 -6.01 -5.01 17.68
C ALA D 288 -6.33 -4.55 19.10
N LYS D 289 -5.73 -3.44 19.52
CA LYS D 289 -6.03 -2.92 20.85
C LYS D 289 -7.48 -2.44 20.95
N LEU D 290 -7.98 -1.82 19.89
CA LEU D 290 -9.39 -1.41 19.87
C LEU D 290 -10.32 -2.61 19.94
N PHE D 291 -9.98 -3.70 19.23
CA PHE D 291 -10.75 -4.93 19.28
C PHE D 291 -10.77 -5.50 20.69
N CYS D 292 -9.61 -5.52 21.35
CA CYS D 292 -9.56 -6.02 22.71
C CYS D 292 -10.41 -5.18 23.65
N ARG D 293 -10.33 -3.86 23.53
CA ARG D 293 -11.14 -2.99 24.38
C ARG D 293 -12.63 -3.19 24.11
N THR D 294 -13.02 -3.30 22.84
CA THR D 294 -14.42 -3.48 22.50
C THR D 294 -14.94 -4.81 23.02
N LEU D 295 -14.16 -5.87 22.88
CA LEU D 295 -14.58 -7.18 23.38
C LEU D 295 -14.69 -7.16 24.90
N GLU D 296 -13.76 -6.47 25.57
CA GLU D 296 -13.86 -6.30 27.02
C GLU D 296 -15.15 -5.60 27.40
N ASP D 297 -15.49 -4.52 26.69
CA ASP D 297 -16.69 -3.76 27.02
C ASP D 297 -17.95 -4.57 26.74
N ILE D 298 -17.93 -5.41 25.70
CA ILE D 298 -19.12 -6.18 25.35
C ILE D 298 -19.40 -7.24 26.39
N LEU D 299 -18.38 -8.02 26.76
CA LEU D 299 -18.58 -9.11 27.70
C LEU D 299 -18.95 -8.62 29.09
N ALA D 300 -18.64 -7.37 29.42
CA ALA D 300 -19.00 -6.84 30.72
C ALA D 300 -20.52 -6.77 30.88
N ASP D 301 -21.22 -6.34 29.84
CA ASP D 301 -22.67 -6.19 29.88
C ASP D 301 -23.41 -7.30 29.13
N ALA D 302 -22.71 -8.36 28.75
CA ALA D 302 -23.33 -9.45 27.99
C ALA D 302 -23.99 -10.43 28.94
N PRO D 303 -25.29 -10.75 28.76
CA PRO D 303 -25.91 -11.77 29.61
C PRO D 303 -25.29 -13.14 29.48
N GLU D 304 -24.59 -13.43 28.38
CA GLU D 304 -24.00 -14.74 28.17
C GLU D 304 -22.72 -14.95 28.97
N SER D 305 -21.99 -13.87 29.25
CA SER D 305 -20.71 -13.97 29.96
C SER D 305 -20.97 -14.00 31.47
N GLN D 306 -21.66 -15.06 31.89
CA GLN D 306 -21.91 -15.29 33.31
C GLN D 306 -20.69 -15.92 33.99
N ASN D 307 -19.56 -15.22 33.93
CA ASN D 307 -18.27 -15.67 34.45
C ASN D 307 -17.75 -16.87 33.65
N ASN D 308 -18.22 -17.06 32.42
CA ASN D 308 -17.88 -18.22 31.61
C ASN D 308 -16.69 -17.98 30.68
N CYS D 309 -16.11 -16.78 30.69
CA CYS D 309 -15.00 -16.48 29.79
C CYS D 309 -13.99 -15.61 30.52
N ARG D 310 -12.75 -15.66 30.03
CA ARG D 310 -11.66 -14.87 30.58
C ARG D 310 -10.77 -14.43 29.43
N LEU D 311 -10.62 -13.12 29.27
CA LEU D 311 -9.80 -12.54 28.21
C LEU D 311 -8.39 -12.33 28.72
N ILE D 312 -7.40 -12.74 27.92
CA ILE D 312 -6.00 -12.61 28.25
C ILE D 312 -5.32 -11.86 27.13
N ALA D 313 -4.80 -10.67 27.43
CA ALA D 313 -4.06 -9.86 26.48
C ALA D 313 -2.59 -9.82 26.88
N TYR D 314 -1.71 -9.86 25.88
CA TYR D 314 -0.28 -9.87 26.15
C TYR D 314 0.46 -9.34 24.93
N GLN D 315 1.50 -8.58 25.19
CA GLN D 315 2.42 -8.09 24.17
C GLN D 315 3.76 -8.78 24.35
N GLU D 316 4.30 -9.30 23.26
CA GLU D 316 5.54 -10.07 23.34
C GLU D 316 6.72 -9.12 23.56
N PRO D 317 7.46 -9.25 24.67
CA PRO D 317 8.62 -8.37 24.89
C PRO D 317 9.67 -8.50 23.80
N SER D 322 11.74 -14.27 26.79
CA SER D 322 11.59 -13.50 28.03
C SER D 322 10.28 -13.85 28.72
N PHE D 323 9.17 -13.72 27.99
CA PHE D 323 7.85 -14.00 28.51
C PHE D 323 7.39 -15.38 28.05
N SER D 324 6.47 -15.96 28.80
CA SER D 324 5.95 -17.29 28.52
C SER D 324 4.43 -17.25 28.51
N LEU D 325 3.84 -17.75 27.43
CA LEU D 325 2.39 -17.81 27.34
C LEU D 325 1.80 -18.71 28.42
N SER D 326 2.42 -19.87 28.62
CA SER D 326 1.94 -20.79 29.66
C SER D 326 1.96 -20.12 31.02
N GLN D 327 2.98 -19.33 31.30
CA GLN D 327 3.05 -18.62 32.58
C GLN D 327 1.90 -17.62 32.71
N GLU D 328 1.59 -16.90 31.63
CA GLU D 328 0.47 -15.96 31.67
C GLU D 328 -0.84 -16.69 31.95
N VAL D 329 -1.08 -17.81 31.25
CA VAL D 329 -2.32 -18.53 31.44
C VAL D 329 -2.40 -19.09 32.87
N LEU D 330 -1.30 -19.63 33.38
CA LEU D 330 -1.30 -20.16 34.73
C LEU D 330 -1.50 -19.05 35.76
N ARG D 331 -0.95 -17.87 35.51
CA ARG D 331 -1.17 -16.75 36.40
C ARG D 331 -2.64 -16.34 36.41
N HIS D 332 -3.27 -16.29 35.23
CA HIS D 332 -4.67 -15.92 35.18
C HIS D 332 -5.55 -17.01 35.79
N LEU D 333 -5.09 -18.26 35.77
CA LEU D 333 -5.85 -19.35 36.40
C LEU D 333 -5.73 -19.27 37.92
N ARG D 334 -4.50 -19.32 38.44
CA ARG D 334 -4.28 -19.28 39.88
C ARG D 334 -4.89 -18.03 40.50
N GLN D 335 -4.61 -16.87 39.91
CA GLN D 335 -5.14 -15.62 40.42
C GLN D 335 -6.57 -15.41 39.95
C10 Y6H E . 2.21 24.11 -5.51
C11 Y6H E . 1.37 23.69 -4.50
C13 Y6H E . 2.04 25.66 -3.00
C14 Y6H E . 1.45 26.91 -3.69
C15 Y6H E . 0.23 26.81 -4.35
C16 Y6H E . -0.30 27.93 -4.99
C17 Y6H E . 0.37 29.15 -4.96
C18 Y6H E . -0.19 30.35 -5.65
C21 Y6H E . -1.84 32.66 -4.85
C22 Y6H E . -0.12 31.76 -3.65
C24 Y6H E . -0.29 29.30 -7.83
C25 Y6H E . 0.89 30.04 -8.25
C26 Y6H E . 0.71 30.46 -9.73
O29 Y6H E . 0.93 31.17 -6.07
C01 Y6H E . 0.16 20.83 -3.02
C03 Y6H E . 0.67 22.49 -4.63
C04 Y6H E . 0.81 21.73 -5.78
C05 Y6H E . 1.66 22.15 -6.80
C06 Y6H E . 1.83 21.31 -8.07
C09 Y6H E . 2.36 23.35 -6.66
C19 Y6H E . -1.13 31.27 -4.74
C20 Y6H E . -2.46 30.48 -4.87
C27 Y6H E . 2.13 29.11 -8.15
C28 Y6H E . 1.16 31.26 -7.46
C30 Y6H E . 1.60 29.22 -4.31
C31 Y6H E . 2.14 28.12 -3.66
N12 Y6H E . 1.19 24.48 -3.28
O02 Y6H E . -0.20 22.06 -3.60
O07 Y6H E . 0.90 20.55 -8.44
O08 Y6H E . 2.89 21.39 -8.75
O23 Y6H E . -1.00 29.92 -6.80
H101 Y6H E . 2.69 24.91 -5.42
H132 Y6H E . 2.06 25.81 -2.07
H131 Y6H E . 2.91 25.50 -3.31
H151 Y6H E . -0.24 26.01 -4.37
H161 Y6H E . -1.12 27.87 -5.43
H211 Y6H E . -2.39 32.68 -5.60
H213 Y6H E . -1.19 33.33 -4.94
H212 Y6H E . -2.36 32.82 -4.09
H222 Y6H E . -0.52 32.41 -3.11
H221 Y6H E . 0.64 32.11 -4.05
H223 Y6H E . 0.11 31.04 -3.10
H241 Y6H E . -0.02 28.44 -7.56
H242 Y6H E . -0.86 29.21 -8.58
H263 Y6H E . 1.50 30.88 -10.03
H261 Y6H E . -0.01 31.05 -9.81
H262 Y6H E . 0.55 29.69 -10.25
H012 Y6H E . 1.09 20.74 -3.02
H013 Y6H E . -0.17 20.80 -2.15
H011 Y6H E . -0.22 20.13 -3.53
H041 Y6H E . 0.34 20.94 -5.87
H091 Y6H E . 2.92 23.64 -7.34
H203 Y6H E . -2.87 30.65 -5.70
H202 Y6H E . -3.05 30.73 -4.18
H201 Y6H E . -2.30 29.55 -4.80
H272 Y6H E . 2.27 28.87 -7.26
H271 Y6H E . 2.88 29.57 -8.46
H273 Y6H E . 1.98 28.35 -8.67
H282 Y6H E . 2.06 31.48 -7.59
H281 Y6H E . 0.62 31.95 -7.80
H301 Y6H E . 2.06 30.04 -4.28
H311 Y6H E . 2.96 28.18 -3.23
H121 Y6H E . 0.59 24.26 -2.71
C2 1SY F . 12.61 -24.11 -12.95
N01 1SY F . 15.06 -25.83 -11.08
C6 1SY F . 14.50 -24.68 -11.67
N1 1SY F . 13.36 -25.05 -12.29
N3 1SY F . 13.01 -22.80 -12.97
C4 1SY F . 14.16 -22.44 -12.34
C5 1SY F . 14.91 -23.35 -11.69
N7 1SY F . 16.00 -22.72 -11.16
C8 1SY F . 15.92 -21.41 -11.49
N9 1SY F . 14.79 -21.24 -12.22
C1' 1SY F . 14.40 -20.00 -12.70
C2' 1SY F . 13.35 -19.43 -11.79
O2' 1SY F . 12.45 -18.61 -12.53
C3' 1SY F . 14.12 -18.61 -10.87
C4' 1SY F . 15.15 -18.08 -11.72
C16 1SY F . 16.44 -17.68 -10.90
O17 1SY F . 16.87 -18.79 -10.03
P18 1SY F . 18.19 -18.57 -9.13
O19 1SY F . 19.38 -19.45 -9.57
O20 1SY F . 17.90 -18.60 -7.46
C21 1SY F . 16.47 -18.63 -7.22
C22 1SY F . 15.90 -17.29 -7.25
O23 1SY F . 16.89 -16.32 -6.87
C24 1SY F . 14.81 -17.31 -6.23
C25 1SY F . 13.52 -17.50 -6.86
O26 1SY F . 13.65 -18.42 -7.95
P27 1SY F . 12.44 -18.13 -8.99
O28 1SY F . 13.29 -17.57 -10.30
O29 1SY F . 11.86 -19.48 -9.34
O30 1SY F . 11.30 -17.30 -8.50
O31 1SY F . 15.07 -18.41 -5.33
C32 1SY F . 16.20 -19.13 -5.88
N33 1SY F . 15.92 -20.54 -5.92
C34 1SY F . 14.87 -21.21 -6.48
N35 1SY F . 15.07 -22.54 -6.26
C36 1SY F . 16.74 -21.46 -5.35
C37 1SY F . 16.23 -22.69 -5.57
C38 1SY F . 16.95 -23.91 -5.03
N39 1SY F . 18.16 -23.75 -4.33
C40 1SY F . 18.70 -22.44 -4.11
N41 1SY F . 19.91 -22.27 -3.42
N42 1SY F . 18.01 -21.29 -4.62
O43 1SY F . 16.50 -25.00 -5.21
O44 1SY F . 18.63 -17.12 -9.42
O4' 1SY F . 15.50 -19.07 -12.68
H1 1SY F . 11.75 -24.38 -13.41
H2 1SY F . 15.51 -25.77 -10.25
H3 1SY F . 15.00 -26.63 -11.51
H4 1SY F . 16.55 -20.71 -11.24
H5 1SY F . 14.04 -20.08 -13.63
H6 1SY F . 12.89 -20.13 -11.34
H7 1SY F . 12.64 -17.74 -12.37
H8 1SY F . 14.51 -19.19 -10.15
H9 1SY F . 14.79 -17.27 -12.19
H10 1SY F . 16.25 -16.89 -10.35
H11 1SY F . 17.15 -17.48 -11.51
H13 1SY F . 16.02 -19.21 -7.89
H14 1SY F . 15.54 -17.09 -8.12
H15 1SY F . 17.34 -16.61 -6.13
H16 1SY F . 14.81 -16.47 -5.74
H17 1SY F . 13.18 -16.64 -7.19
H18 1SY F . 12.89 -17.87 -6.20
H20 1SY F . 16.98 -18.99 -5.31
H21 1SY F . 14.10 -20.80 -6.97
H22 1SY F . 20.25 -21.44 -3.29
H23 1SY F . 20.37 -23.01 -3.09
H24 1SY F . 18.37 -20.45 -4.48
C2 1SY G . -13.77 -21.15 16.35
N01 1SY G . -16.35 -23.01 14.80
C6 1SY G . -15.72 -21.81 15.19
N1 1SY G . -14.58 -22.14 15.85
N3 1SY G . -14.10 -19.84 16.18
C4 1SY G . -15.26 -19.51 15.51
C5 1SY G . -16.06 -20.47 15.02
N7 1SY G . -17.13 -19.88 14.42
C8 1SY G . -16.97 -18.54 14.53
N9 1SY G . -15.83 -18.32 15.21
C1' 1SY G . -15.37 -17.04 15.50
C2' 1SY G . -14.29 -16.68 14.51
O2' 1SY G . -13.35 -15.81 15.11
C3' 1SY G . -15.03 -15.99 13.46
C4' 1SY G . -16.02 -15.27 14.20
C16 1SY G . -17.30 -14.95 13.33
O17 1SY G . -17.76 -16.15 12.61
P18 1SY G . -19.08 -16.02 11.69
O19 1SY G . -20.30 -16.77 12.23
O20 1SY G . -18.79 -16.28 10.05
C21 1SY G . -17.36 -16.45 9.82
C22 1SY G . -16.70 -15.16 9.64
O23 1SY G . -17.62 -14.19 9.12
C24 1SY G . -15.61 -15.41 8.65
C25 1SY G . -14.34 -15.60 9.32
O26 1SY G . -14.52 -16.30 10.55
P27 1SY G . -13.32 -15.90 11.54
O28 1SY G . -14.14 -15.10 12.73
O29 1SY G . -12.80 -17.21 12.12
O30 1SY G . -12.13 -15.22 10.94
O31 1SY G . -15.96 -16.61 7.93
C32 1SY G . -17.13 -17.16 8.56
N33 1SY G . -16.96 -18.56 8.82
C34 1SY G . -15.96 -19.21 9.47
N35 1SY G . -16.23 -20.54 9.45
C36 1SY G . -17.85 -19.49 8.39
C37 1SY G . -17.41 -20.71 8.78
C38 1SY G . -18.22 -21.94 8.43
N39 1SY G . -19.42 -21.81 7.71
C40 1SY G . -19.87 -20.53 7.30
N41 1SY G . -21.08 -20.38 6.57
N42 1SY G . -19.11 -19.35 7.62
O43 1SY G . -17.83 -23.03 8.78
O44 1SY G . -19.46 -14.52 11.79
O4' 1SY G . -16.41 -16.06 15.31
H1 1SY G . -12.92 -21.39 16.84
H2 1SY G . -16.78 -23.06 13.97
H3 1SY G . -16.34 -23.73 15.36
H4 1SY G . -17.58 -17.86 14.20
H5 1SY G . -15.02 -17.00 16.43
H6 1SY G . -13.87 -17.47 14.18
H7 1SY G . -13.49 -14.95 14.80
H8 1SY G . -15.45 -16.65 12.85
H9 1SY G . -15.63 -14.40 14.53
H10 1SY G . -17.07 -14.25 12.67
H11 1SY G . -18.00 -14.64 13.91
H13 1SY G . -16.95 -16.95 10.57
H14 1SY G . -16.33 -14.85 10.48
H15 1SY G . -18.14 -14.59 8.48
H16 1SY G . -15.55 -14.66 8.04
H17 1SY G . -13.92 -14.72 9.49
H18 1SY G . -13.74 -16.12 8.74
H20 1SY G . -17.91 -17.04 7.98
H21 1SY G . -15.15 -18.79 9.90
H22 1SY G . -21.36 -19.55 6.31
H23 1SY G . -21.58 -21.12 6.36
H24 1SY G . -19.40 -18.52 7.37
C10 Y6H H . -0.88 24.78 1.89
C11 Y6H H . -0.05 24.17 0.96
C13 Y6H H . -0.59 25.94 -0.82
C14 Y6H H . 0.06 27.26 -0.30
C15 Y6H H . 1.21 27.22 0.49
C16 Y6H H . 1.78 28.40 0.94
C17 Y6H H . 1.22 29.63 0.60
C18 Y6H H . 1.84 30.90 1.11
C21 Y6H H . 3.87 32.78 0.10
C22 Y6H H . 1.80 32.44 -0.76
C24 Y6H H . 1.90 30.32 3.48
C25 Y6H H . 0.86 31.29 3.73
C26 Y6H H . 1.50 32.65 4.12
O29 Y6H H . 0.77 31.83 1.40
C01 Y6H H . 1.24 20.94 0.22
C03 Y6H H . 0.56 22.96 1.27
C04 Y6H H . 0.33 22.37 2.50
C05 Y6H H . -0.49 22.98 3.43
C06 Y6H H . -0.75 22.33 4.79
C09 Y6H H . -1.10 24.19 3.12
C19 Y6H H . 2.83 31.62 0.08
C20 Y6H H . 3.92 30.52 -0.10
C27 Y6H H . -0.02 30.78 4.89
C28 Y6H H . 0.01 31.50 2.55
C30 Y6H H . 0.07 29.67 -0.18
C31 Y6H H . -0.50 28.49 -0.65
N12 Y6H H . 0.20 24.78 -0.36
O02 Y6H H . 1.41 22.33 0.32
O07 Y6H H . -1.83 22.53 5.41
O08 Y6H H . 0.14 21.58 5.30
O23 Y6H H . 2.65 30.59 2.30
H101 Y6H H . -1.28 25.59 1.68
H132 Y6H H . -0.60 25.95 -1.75
H131 Y6H H . -1.46 25.89 -0.49
H151 Y6H H . 1.58 26.40 0.71
H161 Y6H H . 2.54 28.37 1.47
H211 Y6H H . 4.59 32.55 0.66
H213 Y6H H . 3.47 33.55 0.45
H212 Y6H H . 4.19 32.95 -0.76
H222 Y6H H . 2.22 32.76 -1.54
H221 Y6H H . 1.49 33.18 -0.25
H223 Y6H H . 1.07 31.91 -0.99
H241 Y6H H . 1.51 29.47 3.40
H242 Y6H H . 2.49 30.31 4.21
H263 Y6H H . 2.01 32.97 3.41
H261 Y6H H . 2.04 32.53 4.87
H262 Y6H H . 0.82 33.26 4.32
H012 Y6H H . 1.56 20.64 -0.62
H013 Y6H H . 0.34 20.72 0.30
H011 Y6H H . 1.73 20.51 0.90
H041 Y6H H . 0.74 21.56 2.71
H091 Y6H H . -1.66 24.60 3.74
H203 Y6H H . 4.61 30.84 -0.64
H202 Y6H H . 3.56 29.77 -0.52
H201 Y6H H . 4.27 30.28 0.74
H272 Y6H H . -0.51 30.02 4.61
H271 Y6H H . -0.62 31.45 5.15
H273 Y6H H . 0.52 30.55 5.61
H282 Y6H H . -0.47 30.71 2.39
H281 Y6H H . -0.59 32.19 2.73
H301 Y6H H . -0.31 30.48 -0.41
H311 Y6H H . -1.27 28.51 -1.18
H121 Y6H H . 0.81 24.46 -0.87
#